data_8H3Y
#
_entry.id   8H3Y
#
_cell.length_a   156.901
_cell.length_b   82.984
_cell.length_c   139.807
_cell.angle_alpha   90.00
_cell.angle_beta   109.02
_cell.angle_gamma   90.00
#
_symmetry.space_group_name_H-M   'C 1 2 1'
#
loop_
_entity.id
_entity.type
_entity.pdbx_description
1 polymer Fragilysin
2 polymer 'Nanobody 327'
3 non-polymer 'ZINC ION'
4 water water
#
loop_
_entity_poly.entity_id
_entity_poly.type
_entity_poly.pdbx_seq_one_letter_code
_entity_poly.pdbx_strand_id
1 'polypeptide(L)'
;MKNVKLLLMLGTAALLAACSNEADSLTTSIDAPVTASIDLQSVSYTDLATQLNDVSDFGKMIILKDNGFNRQVHVSMDKR
TKIQLDNENVRLFNGRDKDSTSFILGDEFAVLRFYRNGESISYIAYKEAQMMNEIAEFYAAPFKKTRAINEKEAFECIYD
SRTRSAGKDIVSVKINIDKAKKILNLPECDYINDYIKTPQVPHGITESQTRAVPSEPKTVYVICLRENGSTIYPNEVSAQ
MQDAANSVYAVHGLKRYVNFHFVLYTTEYSCPSGDAKEGLEGFTASLKSNPKAEGYDDQIYFLIRWGTWDNKILGMSWFN
SYNVNTASDFEASGMSTTQLMYPGVMAHELGHILGAEHTDNSKDLMYATFTGYLSHLSEKNMDIIAKNLGWEAADGD
;
A,B,C
2 'polypeptide(L)'
;QVQLQESGGGLVQAGGSLRLSCTYSGQTFSAWAMGWFRQAPGKERETVATINWNGERTQYADAVKGRFTISRDNAKDTVY
LEMNSLKPEDTAVYYCASMMGTYYSGSPKNWGQGTQVTVSSHHHHHH
;
D,E,F
#
# COMPACT_ATOMS: atom_id res chain seq x y z
N VAL A 34 -16.47 43.59 28.48
CA VAL A 34 -17.40 42.65 29.06
C VAL A 34 -17.75 41.53 28.09
N THR A 35 -18.40 40.51 28.63
CA THR A 35 -19.09 39.54 27.79
C THR A 35 -20.34 40.21 27.21
N ALA A 36 -20.66 39.85 25.96
CA ALA A 36 -21.91 40.28 25.36
C ALA A 36 -23.09 39.70 26.14
N SER A 37 -24.20 40.45 26.18
CA SER A 37 -25.38 40.02 26.93
C SER A 37 -26.65 40.38 26.18
N ILE A 38 -27.69 39.60 26.43
CA ILE A 38 -29.02 39.85 25.88
C ILE A 38 -29.98 40.04 27.05
N ASP A 39 -30.68 41.16 27.09
CA ASP A 39 -31.67 41.44 28.12
C ASP A 39 -33.02 40.91 27.66
N LEU A 40 -33.45 39.79 28.25
CA LEU A 40 -34.71 39.18 27.84
C LEU A 40 -35.93 40.01 28.21
N GLN A 41 -35.77 41.04 29.04
CA GLN A 41 -36.89 41.88 29.39
C GLN A 41 -37.13 43.00 28.39
N SER A 42 -36.29 43.11 27.36
CA SER A 42 -36.48 44.13 26.32
C SER A 42 -35.94 43.65 24.98
N VAL A 43 -35.89 42.33 24.77
CA VAL A 43 -35.15 41.77 23.63
C VAL A 43 -35.91 42.04 22.33
N SER A 44 -35.21 42.60 21.36
CA SER A 44 -35.78 43.01 20.09
C SER A 44 -35.11 42.26 18.95
N TYR A 45 -35.64 42.41 17.73
CA TYR A 45 -35.03 41.75 16.58
C TYR A 45 -33.58 42.19 16.37
N THR A 46 -33.31 43.49 16.53
CA THR A 46 -31.95 43.96 16.31
C THR A 46 -31.03 43.55 17.44
N ASP A 47 -31.55 43.43 18.67
CA ASP A 47 -30.79 42.78 19.73
C ASP A 47 -30.25 41.43 19.26
N LEU A 48 -31.16 40.58 18.76
CA LEU A 48 -30.77 39.23 18.39
C LEU A 48 -29.95 39.20 17.12
N ALA A 49 -30.25 40.10 16.18
CA ALA A 49 -29.52 40.09 14.92
C ALA A 49 -28.08 40.50 15.14
N THR A 50 -27.86 41.62 15.82
CA THR A 50 -26.50 42.11 15.99
C THR A 50 -25.67 41.13 16.83
N GLN A 51 -26.28 40.44 17.80
CA GLN A 51 -25.52 39.46 18.58
C GLN A 51 -25.16 38.24 17.74
N LEU A 52 -26.16 37.61 17.12
CA LEU A 52 -25.89 36.40 16.33
C LEU A 52 -25.00 36.70 15.12
N ASN A 53 -25.21 37.84 14.47
CA ASN A 53 -24.37 38.16 13.33
C ASN A 53 -22.90 38.31 13.71
N ASP A 54 -22.59 38.50 15.00
CA ASP A 54 -21.21 38.57 15.45
C ASP A 54 -20.60 37.18 15.74
N VAL A 55 -21.37 36.10 15.65
CA VAL A 55 -20.87 34.76 15.98
C VAL A 55 -19.92 34.30 14.87
N SER A 56 -18.62 34.26 15.17
CA SER A 56 -17.64 33.78 14.23
C SER A 56 -17.64 32.25 14.21
N ASP A 57 -16.75 31.68 13.40
CA ASP A 57 -16.67 30.24 13.18
C ASP A 57 -16.19 29.48 14.41
N PHE A 58 -15.65 30.18 15.40
CA PHE A 58 -15.18 29.55 16.63
C PHE A 58 -16.11 29.81 17.80
N GLY A 59 -17.30 30.37 17.54
CA GLY A 59 -18.31 30.54 18.57
C GLY A 59 -18.07 31.75 19.44
N LYS A 60 -19.08 32.04 20.27
CA LYS A 60 -19.09 33.26 21.06
C LYS A 60 -19.95 33.06 22.32
N MET A 61 -19.45 33.57 23.44
CA MET A 61 -20.19 33.57 24.70
C MET A 61 -21.20 34.70 24.72
N ILE A 62 -22.45 34.37 25.00
CA ILE A 62 -23.49 35.36 25.19
C ILE A 62 -24.16 35.10 26.53
N ILE A 63 -24.40 36.17 27.29
CA ILE A 63 -25.14 36.07 28.55
C ILE A 63 -26.61 36.24 28.24
N LEU A 64 -27.43 35.27 28.65
CA LEU A 64 -28.88 35.41 28.65
C LEU A 64 -29.28 35.92 30.02
N LYS A 65 -29.91 37.10 30.04
CA LYS A 65 -29.94 37.96 31.20
C LYS A 65 -31.41 38.24 31.50
N ASP A 66 -31.91 37.65 32.58
CA ASP A 66 -33.22 38.01 33.08
C ASP A 66 -33.08 38.62 34.46
N ASN A 67 -34.15 38.67 35.24
CA ASN A 67 -34.06 39.31 36.54
C ASN A 67 -33.42 38.37 37.55
N GLY A 68 -32.12 38.55 37.78
CA GLY A 68 -31.39 37.64 38.64
C GLY A 68 -31.06 36.33 37.94
N PHE A 69 -31.97 35.83 37.11
CA PHE A 69 -31.66 34.72 36.22
C PHE A 69 -30.58 35.13 35.24
N ASN A 70 -29.59 34.27 35.06
CA ASN A 70 -28.38 34.73 34.39
C ASN A 70 -27.59 33.57 33.80
N ARG A 71 -28.05 33.05 32.67
CA ARG A 71 -27.43 31.90 32.03
C ARG A 71 -26.42 32.36 30.99
N GLN A 72 -25.23 31.77 31.01
CA GLN A 72 -24.22 32.03 30.01
C GLN A 72 -24.17 30.85 29.04
N VAL A 73 -24.18 31.14 27.74
CA VAL A 73 -24.27 30.10 26.72
C VAL A 73 -23.18 30.34 25.68
N HIS A 74 -22.62 29.26 25.17
CA HIS A 74 -21.66 29.34 24.09
C HIS A 74 -22.39 29.05 22.79
N VAL A 75 -22.46 30.06 21.92
CA VAL A 75 -23.27 30.02 20.71
C VAL A 75 -22.35 29.70 19.54
N SER A 76 -22.80 28.83 18.64
CA SER A 76 -22.06 28.52 17.43
C SER A 76 -23.01 28.51 16.25
N MET A 77 -22.45 28.74 15.06
CA MET A 77 -23.23 28.55 13.83
C MET A 77 -23.59 27.07 13.70
N ASP A 78 -24.83 26.80 13.28
CA ASP A 78 -25.20 25.43 12.91
C ASP A 78 -24.84 25.26 11.44
N LYS A 79 -23.76 24.53 11.16
CA LYS A 79 -23.33 24.31 9.79
C LYS A 79 -23.98 23.09 9.16
N ARG A 80 -24.80 22.35 9.90
CA ARG A 80 -25.39 21.13 9.34
C ARG A 80 -26.56 21.43 8.42
N THR A 81 -27.31 22.49 8.68
CA THR A 81 -28.64 22.63 8.11
C THR A 81 -28.74 23.94 7.36
N LYS A 82 -29.24 23.88 6.13
CA LYS A 82 -29.53 25.08 5.36
C LYS A 82 -31.05 25.24 5.24
N ILE A 83 -31.51 26.49 5.13
CA ILE A 83 -32.94 26.81 5.03
C ILE A 83 -33.16 28.07 4.20
N GLN A 84 -33.95 27.96 3.14
CA GLN A 84 -34.57 29.12 2.53
C GLN A 84 -36.08 29.00 2.68
N LEU A 85 -36.73 30.14 2.99
CA LEU A 85 -38.18 30.24 3.00
C LEU A 85 -38.54 31.24 1.91
N ASP A 86 -39.09 30.72 0.80
CA ASP A 86 -39.38 31.54 -0.37
C ASP A 86 -38.13 32.30 -0.81
N ASN A 87 -37.01 31.58 -0.82
CA ASN A 87 -35.68 32.06 -1.18
C ASN A 87 -35.10 33.06 -0.19
N GLU A 88 -35.71 33.24 0.99
CA GLU A 88 -35.12 34.05 2.05
C GLU A 88 -34.29 33.16 2.97
N ASN A 89 -33.04 33.57 3.23
CA ASN A 89 -32.08 32.69 3.86
C ASN A 89 -32.25 32.78 5.37
N VAL A 90 -32.27 31.62 6.03
CA VAL A 90 -32.54 31.53 7.46
C VAL A 90 -31.43 30.70 8.09
N ARG A 91 -30.76 31.26 9.09
CA ARG A 91 -29.60 30.61 9.71
C ARG A 91 -29.96 30.09 11.11
N LEU A 92 -29.42 28.92 11.47
CA LEU A 92 -29.62 28.32 12.77
C LEU A 92 -28.37 28.45 13.64
N PHE A 93 -28.56 28.59 14.95
CA PHE A 93 -27.47 28.67 15.92
C PHE A 93 -27.73 27.76 17.12
N ASN A 94 -26.68 27.11 17.63
CA ASN A 94 -26.79 26.21 18.77
C ASN A 94 -25.98 26.72 19.96
N GLY A 95 -26.45 26.36 21.15
CA GLY A 95 -25.60 26.34 22.31
C GLY A 95 -24.95 24.98 22.49
N ARG A 96 -24.08 24.89 23.48
CA ARG A 96 -23.66 23.58 23.93
C ARG A 96 -24.87 22.84 24.49
N ASP A 97 -24.70 21.54 24.71
CA ASP A 97 -25.83 20.73 25.17
C ASP A 97 -26.29 21.18 26.56
N LYS A 98 -25.34 21.44 27.46
CA LYS A 98 -25.68 21.98 28.79
C LYS A 98 -26.42 23.31 28.70
N ASP A 99 -26.33 24.02 27.57
CA ASP A 99 -27.01 25.30 27.44
C ASP A 99 -28.50 25.14 27.14
N SER A 100 -28.88 24.06 26.42
CA SER A 100 -30.28 23.77 26.06
C SER A 100 -30.93 24.96 25.36
N THR A 101 -30.26 25.43 24.30
CA THR A 101 -30.51 26.77 23.77
C THR A 101 -30.22 26.77 22.28
N SER A 102 -31.09 27.42 21.51
CA SER A 102 -30.94 27.49 20.06
C SER A 102 -31.55 28.79 19.56
N PHE A 103 -31.12 29.21 18.37
CA PHE A 103 -31.57 30.45 17.77
C PHE A 103 -31.94 30.20 16.32
N ILE A 104 -32.77 31.10 15.81
CA ILE A 104 -33.11 31.16 14.39
C ILE A 104 -32.96 32.61 13.97
N LEU A 105 -32.39 32.84 12.78
CA LEU A 105 -32.19 34.22 12.32
C LEU A 105 -32.43 34.30 10.82
N GLY A 106 -33.42 35.10 10.43
CA GLY A 106 -33.58 35.53 9.06
C GLY A 106 -33.44 37.05 9.03
N ASP A 107 -33.56 37.61 7.82
CA ASP A 107 -33.66 39.06 7.67
C ASP A 107 -34.92 39.62 8.34
N GLU A 108 -36.01 38.85 8.39
CA GLU A 108 -37.29 39.33 8.88
C GLU A 108 -37.59 38.99 10.33
N PHE A 109 -36.84 38.07 10.96
CA PHE A 109 -37.30 37.59 12.25
C PHE A 109 -36.18 36.83 12.92
N ALA A 110 -36.31 36.66 14.23
CA ALA A 110 -35.34 35.92 15.02
C ALA A 110 -36.06 35.20 16.13
N VAL A 111 -35.50 34.06 16.54
CA VAL A 111 -36.06 33.24 17.60
C VAL A 111 -34.92 32.83 18.52
N LEU A 112 -35.17 32.97 19.82
CA LEU A 112 -34.39 32.31 20.87
C LEU A 112 -35.30 31.31 21.57
N ARG A 113 -34.83 30.06 21.72
CA ARG A 113 -35.57 29.07 22.50
C ARG A 113 -34.65 28.35 23.48
N PHE A 114 -35.06 28.31 24.75
CA PHE A 114 -34.31 27.59 25.75
C PHE A 114 -35.29 26.90 26.70
N TYR A 115 -34.74 26.22 27.71
CA TYR A 115 -35.55 25.50 28.68
C TYR A 115 -35.29 26.07 30.06
N ARG A 116 -36.37 26.29 30.80
CA ARG A 116 -36.29 26.67 32.20
C ARG A 116 -37.24 25.76 32.96
N ASN A 117 -36.69 25.08 33.98
CA ASN A 117 -37.42 24.05 34.72
C ASN A 117 -38.14 23.10 33.77
N GLY A 118 -37.41 22.65 32.75
CA GLY A 118 -37.92 21.67 31.80
C GLY A 118 -39.06 22.15 30.93
N GLU A 119 -39.22 23.46 30.74
CA GLU A 119 -40.29 24.00 29.91
C GLU A 119 -39.70 24.75 28.73
N SER A 120 -40.21 24.46 27.53
CA SER A 120 -39.79 25.15 26.32
C SER A 120 -40.31 26.59 26.34
N ILE A 121 -39.40 27.55 26.16
CA ILE A 121 -39.73 28.96 26.14
C ILE A 121 -39.14 29.59 24.88
N SER A 122 -39.99 30.25 24.09
CA SER A 122 -39.57 30.91 22.86
C SER A 122 -39.73 32.43 23.00
N TYR A 123 -38.68 33.16 22.65
CA TYR A 123 -38.74 34.59 22.41
C TYR A 123 -38.76 34.78 20.90
N ILE A 124 -39.82 35.38 20.39
CA ILE A 124 -39.99 35.58 18.96
C ILE A 124 -40.05 37.08 18.68
N ALA A 125 -39.24 37.54 17.72
CA ALA A 125 -39.09 38.97 17.42
C ALA A 125 -39.01 39.16 15.92
N TYR A 126 -40.00 39.84 15.34
CA TYR A 126 -39.93 40.18 13.94
C TYR A 126 -39.35 41.58 13.76
N LYS A 127 -38.65 41.76 12.65
CA LYS A 127 -37.95 43.01 12.37
C LYS A 127 -38.92 44.18 12.12
N GLU A 128 -39.95 43.96 11.31
CA GLU A 128 -40.85 45.04 10.91
C GLU A 128 -42.01 45.15 11.89
N ALA A 129 -42.29 46.39 12.31
CA ALA A 129 -43.22 46.65 13.41
C ALA A 129 -44.62 46.16 13.09
N GLN A 130 -45.07 46.36 11.85
CA GLN A 130 -46.39 45.88 11.46
C GLN A 130 -46.47 44.36 11.60
N MET A 131 -45.46 43.65 11.11
CA MET A 131 -45.49 42.20 11.23
C MET A 131 -45.39 41.77 12.69
N MET A 132 -44.58 42.46 13.49
CA MET A 132 -44.43 42.10 14.90
C MET A 132 -45.75 42.25 15.66
N ASN A 133 -46.52 43.30 15.35
CA ASN A 133 -47.82 43.48 16.00
C ASN A 133 -48.81 42.43 15.54
N GLU A 134 -48.79 42.10 14.25
CA GLU A 134 -49.66 41.05 13.75
C GLU A 134 -49.34 39.71 14.40
N ILE A 135 -48.05 39.47 14.67
CA ILE A 135 -47.65 38.24 15.34
C ILE A 135 -48.10 38.25 16.80
N ALA A 136 -47.95 39.39 17.48
CA ALA A 136 -48.32 39.48 18.89
C ALA A 136 -49.82 39.37 19.07
N GLU A 137 -50.59 39.94 18.16
CA GLU A 137 -52.03 39.76 18.25
C GLU A 137 -52.43 38.33 17.91
N PHE A 138 -51.66 37.68 17.03
CA PHE A 138 -51.94 36.30 16.65
C PHE A 138 -51.77 35.34 17.84
N TYR A 139 -50.76 35.56 18.66
CA TYR A 139 -50.51 34.69 19.81
C TYR A 139 -51.35 35.07 21.02
N ALA A 140 -51.81 36.32 21.10
CA ALA A 140 -52.61 36.75 22.24
C ALA A 140 -54.06 36.33 22.11
N ALA A 141 -54.55 36.26 20.87
CA ALA A 141 -55.98 36.04 20.66
C ALA A 141 -56.50 34.77 21.31
N PRO A 142 -55.80 33.64 21.30
CA PRO A 142 -56.33 32.45 22.01
C PRO A 142 -56.57 32.69 23.50
N PHE A 143 -56.00 33.72 24.12
CA PHE A 143 -56.20 33.99 25.53
C PHE A 143 -57.24 35.07 25.81
N LYS A 144 -58.07 35.42 24.81
CA LYS A 144 -58.94 36.58 24.97
C LYS A 144 -59.88 36.44 26.18
N LYS A 145 -60.22 35.21 26.58
CA LYS A 145 -61.09 34.93 27.74
C LYS A 145 -60.31 34.68 29.03
N THR A 146 -58.98 34.66 28.96
CA THR A 146 -58.17 34.20 30.09
C THR A 146 -57.95 35.33 31.10
N ARG A 147 -57.83 34.96 32.37
CA ARG A 147 -57.42 35.93 33.38
C ARG A 147 -55.99 36.39 33.12
N ALA A 148 -55.79 37.72 33.11
CA ALA A 148 -54.48 38.29 32.83
C ALA A 148 -53.41 37.82 33.81
N ILE A 149 -53.80 37.58 35.08
CA ILE A 149 -52.87 37.04 36.06
C ILE A 149 -52.28 35.75 35.54
N ASN A 150 -53.14 34.85 35.06
CA ASN A 150 -52.68 33.58 34.52
C ASN A 150 -51.90 33.76 33.24
N GLU A 151 -52.33 34.70 32.38
CA GLU A 151 -51.83 34.75 31.02
C GLU A 151 -50.33 35.03 30.97
N LYS A 152 -49.84 35.91 31.85
CA LYS A 152 -48.43 36.30 31.83
C LYS A 152 -47.46 35.13 32.01
N GLU A 153 -47.94 33.98 32.49
CA GLU A 153 -47.08 32.81 32.56
C GLU A 153 -46.85 32.20 31.18
N ALA A 154 -47.90 32.16 30.35
CA ALA A 154 -47.85 31.48 29.07
C ALA A 154 -47.47 32.40 27.93
N PHE A 155 -47.90 33.67 27.96
CA PHE A 155 -47.72 34.59 26.85
C PHE A 155 -47.49 36.00 27.36
N GLU A 156 -46.42 36.65 26.89
CA GLU A 156 -46.12 38.01 27.29
C GLU A 156 -45.52 38.84 26.17
N CYS A 157 -46.10 40.01 25.93
CA CYS A 157 -45.49 41.04 25.07
C CYS A 157 -44.30 41.69 25.77
N ILE A 158 -43.20 41.85 25.02
CA ILE A 158 -42.04 42.62 25.47
C ILE A 158 -42.07 43.97 24.77
N TYR A 159 -41.84 45.05 25.51
CA TYR A 159 -42.03 46.40 24.98
C TYR A 159 -40.70 47.14 24.89
N ASP A 160 -40.70 48.19 24.07
CA ASP A 160 -39.51 48.99 23.82
C ASP A 160 -39.32 49.97 24.96
N SER A 161 -38.10 49.99 25.50
CA SER A 161 -37.76 50.92 26.58
C SER A 161 -37.33 52.29 26.04
N ALA A 166 -47.74 57.69 23.22
CA ALA A 166 -48.08 57.10 24.52
C ALA A 166 -48.39 55.61 24.43
N GLY A 167 -48.58 55.12 23.21
CA GLY A 167 -48.73 53.68 23.01
C GLY A 167 -47.37 52.99 22.98
N LYS A 168 -47.31 51.83 23.64
CA LYS A 168 -46.08 51.05 23.68
C LYS A 168 -45.81 50.38 22.32
N ASP A 169 -44.54 50.04 22.08
CA ASP A 169 -44.14 49.31 20.88
C ASP A 169 -43.67 47.92 21.28
N ILE A 170 -44.22 46.90 20.63
CA ILE A 170 -43.87 45.51 20.94
C ILE A 170 -42.63 45.13 20.15
N VAL A 171 -41.56 44.71 20.84
CA VAL A 171 -40.35 44.25 20.16
C VAL A 171 -40.19 42.73 20.15
N SER A 172 -40.93 41.99 20.97
CA SER A 172 -40.91 40.52 20.90
C SER A 172 -42.04 39.99 21.78
N VAL A 173 -42.27 38.68 21.68
CA VAL A 173 -43.22 37.99 22.55
C VAL A 173 -42.53 36.79 23.18
N LYS A 174 -42.98 36.44 24.39
CA LYS A 174 -42.45 35.31 25.16
C LYS A 174 -43.56 34.27 25.35
N ILE A 175 -43.37 33.07 24.79
CA ILE A 175 -44.36 32.00 24.88
C ILE A 175 -43.76 30.83 25.63
N ASN A 176 -44.51 30.33 26.61
CA ASN A 176 -44.24 29.06 27.29
C ASN A 176 -45.33 28.09 26.84
N ILE A 177 -45.03 27.25 25.86
CA ILE A 177 -46.08 26.46 25.22
C ILE A 177 -46.71 25.47 26.19
N ASP A 178 -45.90 24.93 27.12
CA ASP A 178 -46.43 24.02 28.14
C ASP A 178 -47.43 24.73 29.04
N LYS A 179 -47.10 25.93 29.48
CA LYS A 179 -48.01 26.68 30.30
C LYS A 179 -49.18 27.08 29.48
N ALA A 180 -48.93 27.42 28.23
CA ALA A 180 -49.98 27.81 27.33
C ALA A 180 -50.99 26.71 27.22
N LYS A 181 -50.54 25.49 27.00
CA LYS A 181 -51.44 24.36 26.88
C LYS A 181 -52.26 24.14 28.11
N LYS A 182 -51.64 24.30 29.27
CA LYS A 182 -52.33 24.14 30.50
C LYS A 182 -53.34 25.23 30.78
N ILE A 183 -53.09 26.45 30.32
CA ILE A 183 -54.05 27.52 30.55
C ILE A 183 -55.24 27.39 29.61
N LEU A 184 -54.98 27.13 28.33
CA LEU A 184 -56.05 27.04 27.35
C LEU A 184 -56.77 25.70 27.32
N ASN A 185 -56.15 24.70 27.91
CA ASN A 185 -56.72 23.38 28.01
C ASN A 185 -57.43 22.85 26.80
N LEU A 186 -56.80 22.99 25.66
CA LEU A 186 -57.41 22.55 24.43
C LEU A 186 -57.49 21.06 24.28
N PRO A 187 -58.37 20.57 23.42
CA PRO A 187 -58.40 19.14 23.22
C PRO A 187 -57.08 18.65 22.62
N GLU A 188 -56.65 17.49 23.06
CA GLU A 188 -55.40 16.90 22.63
C GLU A 188 -55.46 16.47 21.16
N CYS A 189 -54.38 16.71 20.44
CA CYS A 189 -54.20 16.16 19.10
C CYS A 189 -53.33 14.93 19.18
N ASP A 190 -53.22 14.22 18.07
CA ASP A 190 -52.41 13.02 17.98
C ASP A 190 -52.02 12.62 16.58
N TYR A 191 -51.45 11.43 16.48
CA TYR A 191 -50.98 10.90 15.23
C TYR A 191 -51.55 9.55 14.97
N ILE A 192 -52.51 9.11 15.76
CA ILE A 192 -53.09 7.78 15.62
C ILE A 192 -53.57 7.50 14.20
N ASN A 193 -52.72 6.72 13.52
CA ASN A 193 -52.76 6.32 12.11
C ASN A 193 -52.25 7.49 11.27
N ASP A 194 -50.94 7.67 11.24
CA ASP A 194 -50.35 8.74 10.45
C ASP A 194 -49.26 8.23 9.52
N TYR A 195 -49.26 6.94 9.25
CA TYR A 195 -48.29 6.37 8.32
C TYR A 195 -49.00 5.34 7.44
N ILE A 196 -48.66 5.32 6.16
CA ILE A 196 -49.19 4.32 5.22
C ILE A 196 -48.03 3.50 4.68
N LYS A 197 -48.24 2.19 4.57
CA LYS A 197 -47.22 1.29 4.04
C LYS A 197 -46.90 1.63 2.57
N THR A 198 -45.62 1.89 2.31
CA THR A 198 -45.15 2.32 0.99
C THR A 198 -45.42 1.24 -0.06
N PRO A 199 -45.80 1.62 -1.30
CA PRO A 199 -46.05 2.97 -1.85
C PRO A 199 -47.42 3.55 -1.52
N ALA A 212 -18.35 2.57 4.27
CA ALA A 212 -17.53 3.52 5.04
C ALA A 212 -18.34 4.77 5.41
N VAL A 213 -17.71 5.66 6.18
CA VAL A 213 -18.27 7.01 6.36
C VAL A 213 -18.02 7.80 5.08
N PRO A 214 -19.05 8.40 4.47
CA PRO A 214 -18.83 9.24 3.29
C PRO A 214 -17.80 10.32 3.60
N SER A 215 -17.09 10.76 2.56
CA SER A 215 -16.06 11.78 2.73
C SER A 215 -16.67 13.12 3.14
N GLU A 216 -17.96 13.32 2.84
CA GLU A 216 -18.70 14.51 3.19
C GLU A 216 -20.14 14.10 3.34
N PRO A 217 -20.91 14.76 4.20
CA PRO A 217 -22.33 14.41 4.31
C PRO A 217 -22.99 14.55 2.96
N LYS A 218 -23.96 13.68 2.70
CA LYS A 218 -24.82 13.84 1.55
C LYS A 218 -25.84 14.94 1.83
N THR A 219 -26.09 15.79 0.84
CA THR A 219 -27.14 16.80 0.97
C THR A 219 -28.50 16.19 0.65
N VAL A 220 -29.41 16.17 1.62
CA VAL A 220 -30.80 15.77 1.35
C VAL A 220 -31.69 17.01 1.42
N TYR A 221 -32.32 17.34 0.30
CA TYR A 221 -33.28 18.43 0.29
C TYR A 221 -34.60 17.97 0.91
N VAL A 222 -35.12 18.78 1.81
CA VAL A 222 -36.47 18.61 2.36
C VAL A 222 -37.31 19.73 1.77
N ILE A 223 -38.06 19.40 0.73
CA ILE A 223 -38.75 20.39 -0.07
C ILE A 223 -40.14 20.59 0.52
N CYS A 224 -40.36 21.70 1.21
CA CYS A 224 -41.62 21.94 1.89
C CYS A 224 -42.49 22.85 1.02
N LEU A 225 -43.78 22.54 0.97
CA LEU A 225 -44.72 23.22 0.10
C LEU A 225 -45.90 23.75 0.90
N ARG A 226 -46.06 25.07 0.86
CA ARG A 226 -47.17 25.75 1.51
C ARG A 226 -48.45 25.37 0.78
N GLU A 227 -49.33 24.68 1.47
CA GLU A 227 -50.61 24.31 0.88
C GLU A 227 -51.31 25.55 0.35
N ASN A 228 -51.93 25.41 -0.83
CA ASN A 228 -52.66 26.51 -1.43
C ASN A 228 -53.69 27.04 -0.45
N GLY A 229 -53.62 28.34 -0.16
CA GLY A 229 -54.60 28.98 0.68
C GLY A 229 -54.25 29.08 2.16
N SER A 230 -53.10 28.55 2.57
CA SER A 230 -52.76 28.45 3.99
C SER A 230 -51.92 29.66 4.43
N THR A 231 -52.05 30.00 5.72
CA THR A 231 -51.32 31.11 6.32
C THR A 231 -50.26 30.52 7.25
N ILE A 232 -48.99 30.71 6.87
CA ILE A 232 -47.84 30.02 7.44
C ILE A 232 -46.87 31.09 7.96
N TYR A 233 -46.41 30.94 9.20
CA TYR A 233 -45.51 32.00 9.67
C TYR A 233 -44.06 31.51 9.76
N PRO A 234 -43.10 32.35 9.34
CA PRO A 234 -41.70 31.89 9.24
C PRO A 234 -41.10 31.36 10.53
N ASN A 235 -41.32 32.03 11.69
CA ASN A 235 -40.77 31.52 12.93
C ASN A 235 -41.29 30.12 13.25
N GLU A 236 -42.52 29.80 12.82
CA GLU A 236 -43.09 28.52 13.17
C GLU A 236 -42.59 27.43 12.24
N VAL A 237 -42.40 27.76 10.96
CA VAL A 237 -41.89 26.76 10.02
C VAL A 237 -40.42 26.47 10.29
N SER A 238 -39.61 27.52 10.48
CA SER A 238 -38.20 27.31 10.75
CA SER A 238 -38.20 27.33 10.77
C SER A 238 -38.01 26.49 12.02
N ALA A 239 -38.86 26.69 13.02
CA ALA A 239 -38.73 25.92 14.26
C ALA A 239 -39.00 24.43 14.02
N GLN A 240 -40.04 24.12 13.22
CA GLN A 240 -40.27 22.74 12.84
C GLN A 240 -39.08 22.16 12.10
N MET A 241 -38.52 22.92 11.14
CA MET A 241 -37.42 22.38 10.36
C MET A 241 -36.22 22.08 11.24
N GLN A 242 -35.82 23.07 12.04
CA GLN A 242 -34.69 22.91 12.96
C GLN A 242 -34.86 21.67 13.84
N ASP A 243 -36.06 21.49 14.43
CA ASP A 243 -36.32 20.34 15.28
C ASP A 243 -36.26 19.04 14.49
N ALA A 244 -36.83 19.01 13.29
CA ALA A 244 -36.79 17.79 12.48
C ALA A 244 -35.36 17.37 12.19
N ALA A 245 -34.56 18.30 11.66
CA ALA A 245 -33.16 17.99 11.34
C ALA A 245 -32.40 17.55 12.59
N ASN A 246 -32.61 18.23 13.71
CA ASN A 246 -31.79 17.95 14.89
C ASN A 246 -32.14 16.61 15.54
N SER A 247 -33.41 16.15 15.39
CA SER A 247 -33.80 14.86 15.92
C SER A 247 -33.10 13.73 15.19
N VAL A 248 -32.63 13.98 13.98
CA VAL A 248 -31.88 12.99 13.21
C VAL A 248 -30.40 13.05 13.55
N TYR A 249 -29.79 14.25 13.50
CA TYR A 249 -28.36 14.38 13.77
C TYR A 249 -28.00 13.83 15.13
N ALA A 250 -28.92 13.88 16.09
CA ALA A 250 -28.64 13.36 17.43
C ALA A 250 -28.47 11.85 17.44
N VAL A 251 -28.80 11.17 16.35
CA VAL A 251 -28.81 9.71 16.30
C VAL A 251 -27.53 9.26 15.58
N HIS A 252 -26.74 8.41 16.25
CA HIS A 252 -25.59 7.71 15.66
C HIS A 252 -24.66 8.65 14.88
N GLY A 253 -24.40 9.83 15.44
CA GLY A 253 -23.55 10.81 14.76
C GLY A 253 -23.93 11.06 13.32
N LEU A 254 -25.22 11.19 13.04
CA LEU A 254 -25.64 11.12 11.64
C LEU A 254 -25.28 12.35 10.82
N LYS A 255 -24.74 13.40 11.44
CA LYS A 255 -24.32 14.56 10.64
C LYS A 255 -23.19 14.21 9.67
N ARG A 256 -22.44 13.15 9.95
CA ARG A 256 -21.43 12.70 8.99
C ARG A 256 -22.07 12.22 7.69
N TYR A 257 -23.32 11.76 7.76
CA TYR A 257 -24.02 11.21 6.60
C TYR A 257 -25.00 12.16 5.91
N VAL A 258 -25.68 13.03 6.66
CA VAL A 258 -26.68 13.92 6.07
CA VAL A 258 -26.67 13.93 6.07
C VAL A 258 -26.43 15.36 6.52
N ASN A 259 -26.63 16.29 5.60
CA ASN A 259 -26.81 17.71 5.87
C ASN A 259 -28.14 18.04 5.22
N PHE A 260 -29.17 18.34 6.01
CA PHE A 260 -30.49 18.61 5.43
C PHE A 260 -30.56 20.03 4.87
N HIS A 261 -31.24 20.18 3.75
CA HIS A 261 -31.45 21.50 3.14
C HIS A 261 -32.94 21.73 2.92
N PHE A 262 -33.59 22.47 3.81
CA PHE A 262 -35.01 22.76 3.65
C PHE A 262 -35.21 23.94 2.71
N VAL A 263 -36.15 23.83 1.78
CA VAL A 263 -36.66 24.96 1.01
C VAL A 263 -38.18 24.99 1.12
N LEU A 264 -38.77 26.19 0.98
CA LEU A 264 -40.21 26.37 1.10
C LEU A 264 -40.71 27.23 -0.04
N TYR A 265 -41.68 26.72 -0.81
CA TYR A 265 -42.42 27.44 -1.83
C TYR A 265 -43.89 27.11 -1.66
N THR A 266 -44.73 27.74 -2.48
CA THR A 266 -46.15 27.42 -2.47
C THR A 266 -46.47 26.43 -3.57
N THR A 267 -47.46 25.58 -3.31
CA THR A 267 -47.98 24.67 -4.30
C THR A 267 -49.41 25.05 -4.63
N GLU A 268 -49.85 24.69 -5.84
CA GLU A 268 -51.25 24.87 -6.16
C GLU A 268 -52.13 23.84 -5.46
N TYR A 269 -51.53 22.78 -4.93
CA TYR A 269 -52.31 21.72 -4.34
C TYR A 269 -52.90 22.14 -3.00
N SER A 270 -54.14 21.72 -2.77
CA SER A 270 -54.71 21.76 -1.42
C SER A 270 -55.49 20.47 -1.19
N CYS A 271 -55.65 20.10 0.07
CA CYS A 271 -56.28 18.83 0.37
C CYS A 271 -57.75 18.88 -0.04
N PRO A 272 -58.25 17.87 -0.74
CA PRO A 272 -59.67 17.92 -1.17
C PRO A 272 -60.66 17.73 -0.03
N SER A 273 -60.24 17.15 1.10
CA SER A 273 -61.13 16.95 2.24
C SER A 273 -60.35 17.28 3.50
N GLY A 274 -60.92 16.96 4.65
CA GLY A 274 -60.18 16.97 5.88
C GLY A 274 -59.46 15.66 6.20
N ASP A 275 -59.59 14.68 5.33
CA ASP A 275 -59.03 13.36 5.61
C ASP A 275 -57.54 13.35 5.28
N ALA A 276 -56.72 13.02 6.28
CA ALA A 276 -55.27 13.09 6.10
C ALA A 276 -54.76 12.09 5.07
N LYS A 277 -55.27 10.86 5.08
CA LYS A 277 -54.84 9.87 4.09
C LYS A 277 -55.16 10.37 2.68
N GLU A 278 -56.42 10.68 2.43
CA GLU A 278 -56.82 11.31 1.19
C GLU A 278 -55.89 12.48 0.82
N GLY A 279 -55.53 13.32 1.79
CA GLY A 279 -54.70 14.47 1.48
C GLY A 279 -53.31 14.08 1.02
N LEU A 280 -52.69 13.14 1.72
CA LEU A 280 -51.34 12.72 1.36
C LEU A 280 -51.33 12.02 0.02
N GLU A 281 -52.30 11.12 -0.20
CA GLU A 281 -52.44 10.49 -1.49
C GLU A 281 -52.52 11.53 -2.58
N GLY A 282 -53.35 12.54 -2.37
CA GLY A 282 -53.49 13.59 -3.38
C GLY A 282 -52.23 14.41 -3.56
N PHE A 283 -51.51 14.67 -2.47
CA PHE A 283 -50.30 15.49 -2.52
C PHE A 283 -49.17 14.75 -3.24
N THR A 284 -49.02 13.44 -2.99
CA THR A 284 -48.01 12.67 -3.70
C THR A 284 -48.30 12.61 -5.20
N ALA A 285 -49.57 12.39 -5.55
CA ALA A 285 -49.98 12.48 -6.94
C ALA A 285 -49.57 13.80 -7.58
N SER A 286 -49.72 14.91 -6.82
CA SER A 286 -49.45 16.21 -7.43
C SER A 286 -47.96 16.46 -7.65
N LEU A 287 -47.10 15.80 -6.86
CA LEU A 287 -45.67 15.92 -7.12
C LEU A 287 -45.29 15.22 -8.43
N LYS A 288 -45.91 14.07 -8.72
CA LYS A 288 -45.65 13.39 -9.98
C LYS A 288 -46.18 14.18 -11.19
N SER A 289 -47.18 15.03 -10.97
CA SER A 289 -47.78 15.84 -12.04
C SER A 289 -46.93 17.05 -12.38
N ASN A 290 -46.26 17.61 -11.40
CA ASN A 290 -45.52 18.85 -11.55
C ASN A 290 -44.30 18.62 -12.43
N PRO A 291 -44.15 19.32 -13.56
CA PRO A 291 -42.88 19.26 -14.30
C PRO A 291 -41.77 20.07 -13.67
N LYS A 292 -42.10 21.07 -12.82
CA LYS A 292 -41.12 21.87 -12.09
C LYS A 292 -40.37 21.03 -11.05
N ALA A 293 -40.75 19.76 -10.91
CA ALA A 293 -40.13 18.87 -9.94
C ALA A 293 -39.44 17.66 -10.56
N GLU A 294 -39.54 17.44 -11.87
CA GLU A 294 -38.85 16.32 -12.51
C GLU A 294 -37.34 16.44 -12.32
N GLY A 295 -36.70 15.31 -12.03
CA GLY A 295 -35.30 15.28 -11.64
C GLY A 295 -35.07 15.34 -10.14
N TYR A 296 -36.12 15.54 -9.34
CA TYR A 296 -36.03 15.66 -7.89
C TYR A 296 -36.93 14.66 -7.18
N ASP A 297 -37.11 13.49 -7.78
CA ASP A 297 -37.95 12.46 -7.19
C ASP A 297 -37.24 11.65 -6.11
N ASP A 298 -36.01 12.00 -5.75
CA ASP A 298 -35.24 11.30 -4.72
C ASP A 298 -34.99 12.15 -3.48
N GLN A 299 -35.72 13.26 -3.34
CA GLN A 299 -35.66 14.12 -2.17
C GLN A 299 -36.84 13.83 -1.24
N ILE A 300 -36.99 14.63 -0.17
CA ILE A 300 -38.08 14.47 0.79
C ILE A 300 -39.00 15.66 0.65
N TYR A 301 -40.31 15.41 0.76
CA TYR A 301 -41.34 16.37 0.41
C TYR A 301 -42.36 16.49 1.53
N PHE A 302 -42.59 17.71 1.98
CA PHE A 302 -43.62 17.97 2.98
C PHE A 302 -44.63 18.99 2.48
N LEU A 303 -45.90 18.62 2.51
CA LEU A 303 -46.98 19.60 2.42
C LEU A 303 -47.21 20.18 3.80
N ILE A 304 -47.29 21.50 3.91
CA ILE A 304 -47.40 22.10 5.24
C ILE A 304 -48.58 23.07 5.32
N ARG A 305 -49.11 23.20 6.53
CA ARG A 305 -50.26 24.06 6.83
C ARG A 305 -50.18 24.43 8.30
N TRP A 306 -51.13 25.27 8.72
CA TRP A 306 -51.15 25.65 10.13
C TRP A 306 -51.98 24.69 10.96
N GLY A 307 -53.23 24.45 10.54
CA GLY A 307 -54.15 23.66 11.32
C GLY A 307 -53.91 22.16 11.17
N THR A 308 -54.77 21.39 11.84
CA THR A 308 -54.70 19.94 11.77
C THR A 308 -55.61 19.40 10.68
N TRP A 309 -55.65 18.08 10.57
CA TRP A 309 -56.63 17.43 9.73
C TRP A 309 -57.74 16.84 10.60
N ASP A 310 -58.68 16.13 9.98
CA ASP A 310 -59.80 15.53 10.72
C ASP A 310 -59.29 14.59 11.80
N ASN A 311 -60.04 14.54 12.91
CA ASN A 311 -59.73 13.71 14.09
C ASN A 311 -58.46 14.16 14.80
N LYS A 312 -58.21 15.47 14.78
CA LYS A 312 -57.05 16.06 15.46
C LYS A 312 -55.74 15.39 15.05
N ILE A 313 -55.67 14.93 13.80
CA ILE A 313 -54.43 14.36 13.27
C ILE A 313 -53.47 15.48 12.87
N LEU A 314 -52.24 15.39 13.36
CA LEU A 314 -51.26 16.46 13.20
C LEU A 314 -50.44 16.35 11.92
N GLY A 315 -50.47 15.22 11.22
CA GLY A 315 -49.60 15.03 10.08
C GLY A 315 -49.76 13.63 9.54
N MET A 316 -49.01 13.35 8.50
CA MET A 316 -49.05 12.05 7.84
C MET A 316 -47.86 11.91 6.91
N SER A 317 -47.41 10.68 6.73
CA SER A 317 -46.31 10.42 5.81
C SER A 317 -46.30 8.95 5.41
N TRP A 318 -45.66 8.68 4.28
CA TRP A 318 -45.41 7.33 3.82
C TRP A 318 -44.32 6.69 4.68
N PHE A 319 -44.63 5.56 5.30
CA PHE A 319 -43.70 4.93 6.23
C PHE A 319 -42.50 4.30 5.49
N ASN A 320 -41.30 4.59 5.99
CA ASN A 320 -40.07 3.94 5.53
C ASN A 320 -39.92 4.08 4.02
N SER A 321 -40.03 5.32 3.56
CA SER A 321 -40.05 5.62 2.14
C SER A 321 -38.80 6.34 1.68
N TYR A 322 -37.85 6.60 2.58
CA TYR A 322 -36.58 7.21 2.20
C TYR A 322 -35.42 6.29 2.56
N ASN A 323 -34.51 6.11 1.60
CA ASN A 323 -33.23 5.41 1.78
C ASN A 323 -32.26 6.10 0.85
N VAL A 324 -31.04 6.41 1.32
CA VAL A 324 -30.12 7.18 0.47
C VAL A 324 -29.72 6.46 -0.81
N ASN A 325 -30.01 5.16 -0.92
CA ASN A 325 -29.68 4.41 -2.14
C ASN A 325 -30.84 4.24 -3.10
N THR A 326 -32.07 4.17 -2.62
CA THR A 326 -33.19 3.81 -3.47
C THR A 326 -34.27 4.88 -3.59
N ALA A 327 -34.11 6.05 -2.99
CA ALA A 327 -35.19 7.04 -3.00
C ALA A 327 -35.55 7.39 -4.44
N SER A 328 -36.86 7.45 -4.71
CA SER A 328 -37.39 7.56 -6.05
C SER A 328 -38.87 7.93 -5.97
N ASP A 329 -39.36 8.51 -7.05
CA ASP A 329 -40.78 8.58 -7.35
C ASP A 329 -41.57 9.34 -6.28
N PHE A 330 -40.92 10.35 -5.67
CA PHE A 330 -41.56 11.22 -4.69
C PHE A 330 -42.19 10.43 -3.56
N GLU A 331 -41.67 9.21 -3.30
CA GLU A 331 -42.29 8.36 -2.28
C GLU A 331 -42.03 8.89 -0.88
N ALA A 332 -40.93 9.60 -0.67
CA ALA A 332 -40.60 10.12 0.66
C ALA A 332 -41.30 11.46 0.87
N SER A 333 -42.63 11.37 0.96
CA SER A 333 -43.46 12.55 1.10
C SER A 333 -44.40 12.38 2.27
N GLY A 334 -44.78 13.51 2.84
CA GLY A 334 -45.68 13.57 3.98
C GLY A 334 -46.31 14.94 4.08
N MET A 335 -47.13 15.10 5.12
CA MET A 335 -47.75 16.37 5.47
C MET A 335 -47.49 16.65 6.94
N SER A 336 -47.49 17.95 7.28
CA SER A 336 -47.13 18.35 8.63
C SER A 336 -47.79 19.68 9.00
N THR A 337 -48.41 19.70 10.19
CA THR A 337 -48.80 20.95 10.80
C THR A 337 -47.56 21.74 11.23
N THR A 338 -47.66 23.07 11.25
CA THR A 338 -46.51 23.85 11.68
C THR A 338 -46.80 24.84 12.81
N GLN A 339 -47.90 24.70 13.54
CA GLN A 339 -48.17 25.69 14.57
C GLN A 339 -47.30 25.48 15.81
N LEU A 340 -47.00 26.60 16.48
CA LEU A 340 -46.01 26.63 17.56
C LEU A 340 -46.41 25.77 18.75
N MET A 341 -47.71 25.60 18.99
CA MET A 341 -48.17 24.83 20.13
C MET A 341 -47.78 23.36 20.03
N TYR A 342 -47.44 22.88 18.84
CA TYR A 342 -47.19 21.47 18.59
C TYR A 342 -45.78 21.27 18.03
N PRO A 343 -44.77 21.56 18.83
CA PRO A 343 -43.39 21.36 18.38
C PRO A 343 -43.13 19.88 18.11
N GLY A 344 -42.28 19.64 17.12
CA GLY A 344 -41.79 18.31 16.84
C GLY A 344 -42.57 17.52 15.81
N VAL A 345 -43.64 18.09 15.24
CA VAL A 345 -44.51 17.30 14.36
C VAL A 345 -43.77 16.92 13.10
N MET A 346 -43.09 17.88 12.47
CA MET A 346 -42.33 17.54 11.29
C MET A 346 -41.22 16.53 11.61
N ALA A 347 -40.55 16.68 12.76
CA ALA A 347 -39.59 15.68 13.22
C ALA A 347 -40.22 14.29 13.31
N HIS A 348 -41.41 14.22 13.88
CA HIS A 348 -42.12 12.94 14.01
C HIS A 348 -42.39 12.34 12.64
N GLU A 349 -42.87 13.16 11.69
CA GLU A 349 -43.19 12.66 10.36
C GLU A 349 -41.95 12.28 9.59
N LEU A 350 -40.88 13.05 9.75
CA LEU A 350 -39.63 12.71 9.09
C LEU A 350 -39.08 11.39 9.61
N GLY A 351 -39.21 11.14 10.92
CA GLY A 351 -38.80 9.86 11.47
C GLY A 351 -39.49 8.70 10.78
N HIS A 352 -40.83 8.81 10.62
CA HIS A 352 -41.62 7.79 9.93
C HIS A 352 -41.11 7.54 8.52
N ILE A 353 -40.84 8.63 7.79
CA ILE A 353 -40.32 8.53 6.43
C ILE A 353 -39.01 7.74 6.42
N LEU A 354 -38.22 7.86 7.49
CA LEU A 354 -36.93 7.21 7.63
C LEU A 354 -37.02 5.84 8.31
N GLY A 355 -38.22 5.34 8.58
CA GLY A 355 -38.39 4.00 9.10
C GLY A 355 -38.82 3.91 10.54
N ALA A 356 -38.74 4.98 11.32
CA ALA A 356 -39.06 4.92 12.74
C ALA A 356 -40.55 4.61 12.98
N GLU A 357 -40.83 3.62 13.82
CA GLU A 357 -42.19 3.23 14.16
C GLU A 357 -42.69 3.91 15.43
N HIS A 358 -43.99 3.79 15.68
CA HIS A 358 -44.59 4.21 16.95
C HIS A 358 -44.03 3.44 18.14
N THR A 359 -43.95 4.11 19.29
CA THR A 359 -43.42 3.50 20.50
C THR A 359 -44.36 3.79 21.68
N ASP A 360 -44.23 2.99 22.74
CA ASP A 360 -45.13 3.06 23.88
C ASP A 360 -44.58 3.85 25.04
N ASN A 361 -43.52 4.63 24.84
CA ASN A 361 -43.08 5.57 25.88
C ASN A 361 -43.62 6.96 25.57
N SER A 362 -44.36 7.53 26.52
CA SER A 362 -44.95 8.85 26.33
C SER A 362 -43.94 10.00 26.39
N LYS A 363 -42.64 9.73 26.63
CA LYS A 363 -41.64 10.78 26.50
C LYS A 363 -40.87 10.67 25.20
N ASP A 364 -41.18 9.69 24.35
CA ASP A 364 -40.49 9.50 23.09
C ASP A 364 -41.08 10.41 22.03
N LEU A 365 -40.23 10.84 21.10
CA LEU A 365 -40.71 11.63 19.97
C LEU A 365 -41.77 10.85 19.21
N MET A 366 -41.63 9.53 19.15
CA MET A 366 -42.47 8.71 18.28
C MET A 366 -43.66 8.10 19.00
N TYR A 367 -43.99 8.56 20.19
CA TYR A 367 -45.26 8.20 20.80
C TYR A 367 -46.42 8.54 19.87
N ALA A 368 -47.46 7.70 19.89
CA ALA A 368 -48.60 7.86 18.98
C ALA A 368 -49.52 9.01 19.38
N THR A 369 -49.33 9.59 20.56
CA THR A 369 -50.07 10.76 21.01
C THR A 369 -49.09 11.92 21.13
N PHE A 370 -49.51 13.13 20.79
CA PHE A 370 -48.58 14.24 20.85
C PHE A 370 -48.06 14.43 22.27
N THR A 371 -46.75 14.61 22.37
CA THR A 371 -46.05 14.71 23.64
C THR A 371 -45.27 16.00 23.83
N GLY A 372 -44.84 16.65 22.74
CA GLY A 372 -43.98 17.81 22.82
C GLY A 372 -42.50 17.50 22.78
N TYR A 373 -42.13 16.24 22.99
CA TYR A 373 -40.75 15.83 23.09
C TYR A 373 -40.14 15.66 21.71
N LEU A 374 -38.82 15.90 21.63
CA LEU A 374 -38.13 16.13 20.37
C LEU A 374 -36.99 15.16 20.10
N SER A 375 -36.86 14.08 20.87
CA SER A 375 -35.71 13.20 20.72
C SER A 375 -36.15 11.75 20.56
N HIS A 376 -35.42 11.02 19.73
CA HIS A 376 -35.65 9.58 19.61
C HIS A 376 -35.09 8.85 20.83
N LEU A 377 -35.95 8.10 21.52
CA LEU A 377 -35.55 7.28 22.65
C LEU A 377 -35.40 5.80 22.29
N SER A 378 -35.92 5.37 21.15
CA SER A 378 -35.99 3.96 20.83
C SER A 378 -34.73 3.50 20.07
N GLU A 379 -34.03 2.51 20.63
CA GLU A 379 -32.85 1.99 19.95
C GLU A 379 -33.20 1.37 18.62
N LYS A 380 -34.36 0.71 18.55
CA LYS A 380 -34.82 0.18 17.28
C LYS A 380 -34.96 1.29 16.25
N ASN A 381 -35.67 2.37 16.59
CA ASN A 381 -35.82 3.49 15.65
C ASN A 381 -34.47 4.11 15.29
N MET A 382 -33.59 4.31 16.29
CA MET A 382 -32.29 4.89 16.00
C MET A 382 -31.52 4.07 14.96
N ASP A 383 -31.57 2.75 15.08
CA ASP A 383 -30.78 1.94 14.17
C ASP A 383 -31.37 1.98 12.76
N ILE A 384 -32.70 1.98 12.63
CA ILE A 384 -33.23 1.90 11.27
C ILE A 384 -33.13 3.24 10.55
N ILE A 385 -33.28 4.35 11.25
CA ILE A 385 -33.14 5.65 10.65
C ILE A 385 -31.73 5.81 10.14
N ALA A 386 -30.78 5.46 10.97
CA ALA A 386 -29.39 5.56 10.63
C ALA A 386 -29.06 4.68 9.47
N LYS A 387 -29.58 3.47 9.46
CA LYS A 387 -29.38 2.50 8.40
C LYS A 387 -29.86 3.03 7.09
N ASN A 388 -31.02 3.68 7.09
CA ASN A 388 -31.56 4.31 5.91
C ASN A 388 -30.72 5.51 5.41
N LEU A 389 -29.89 6.12 6.24
CA LEU A 389 -29.02 7.19 5.82
C LEU A 389 -27.60 6.73 5.53
N GLY A 390 -27.32 5.44 5.58
CA GLY A 390 -26.01 4.93 5.16
C GLY A 390 -25.11 4.44 6.28
N TRP A 391 -25.55 4.53 7.54
CA TRP A 391 -24.71 4.22 8.67
C TRP A 391 -24.71 2.72 8.97
N GLU A 392 -23.56 2.23 9.45
CA GLU A 392 -23.43 0.87 9.96
C GLU A 392 -22.75 0.92 11.31
N ALA A 393 -23.07 -0.07 12.16
CA ALA A 393 -22.52 -0.09 13.50
C ALA A 393 -21.00 -0.11 13.48
N ALA A 394 -20.40 -0.65 12.42
CA ALA A 394 -18.94 -0.65 12.32
C ALA A 394 -18.38 0.76 12.24
N ASP A 395 -19.21 1.75 11.93
CA ASP A 395 -18.78 3.14 11.80
C ASP A 395 -18.71 3.86 13.13
N GLY A 396 -19.31 3.32 14.17
CA GLY A 396 -19.41 4.01 15.44
C GLY A 396 -20.30 5.24 15.36
N ASP A 397 -20.37 5.97 16.49
CA ASP A 397 -21.12 7.22 16.57
C ASP A 397 -20.24 8.45 16.28
N VAL B 34 -16.86 22.59 -27.84
CA VAL B 34 -17.38 21.59 -26.93
C VAL B 34 -16.29 20.57 -26.62
N THR B 35 -16.58 19.65 -25.71
CA THR B 35 -15.68 18.54 -25.44
C THR B 35 -15.93 17.41 -26.43
N ALA B 36 -14.87 16.68 -26.75
CA ALA B 36 -14.99 15.50 -27.59
C ALA B 36 -15.96 14.51 -26.95
N SER B 37 -16.74 13.84 -27.79
CA SER B 37 -17.74 12.90 -27.30
C SER B 37 -17.80 11.68 -28.22
N ILE B 38 -18.34 10.60 -27.68
CA ILE B 38 -18.62 9.40 -28.45
C ILE B 38 -20.06 9.00 -28.19
N ASP B 39 -20.82 8.75 -29.25
CA ASP B 39 -22.21 8.32 -29.15
C ASP B 39 -22.29 6.80 -29.30
N LEU B 40 -22.51 6.11 -28.18
CA LEU B 40 -22.62 4.66 -28.23
C LEU B 40 -23.87 4.16 -28.96
N GLN B 41 -24.74 5.04 -29.46
CA GLN B 41 -25.84 4.59 -30.30
C GLN B 41 -25.46 4.52 -31.76
N SER B 42 -24.28 5.02 -32.13
CA SER B 42 -23.87 5.07 -33.53
C SER B 42 -22.36 4.98 -33.70
N VAL B 43 -21.61 4.58 -32.66
CA VAL B 43 -20.15 4.61 -32.72
C VAL B 43 -19.66 3.66 -33.80
N SER B 44 -18.77 4.17 -34.66
CA SER B 44 -18.15 3.40 -35.72
C SER B 44 -16.64 3.39 -35.52
N TYR B 45 -15.94 2.62 -36.36
CA TYR B 45 -14.49 2.60 -36.31
C TYR B 45 -13.93 4.01 -36.48
N THR B 46 -14.42 4.75 -37.49
CA THR B 46 -13.90 6.10 -37.73
C THR B 46 -14.13 7.01 -36.54
N ASP B 47 -15.28 6.91 -35.89
CA ASP B 47 -15.51 7.68 -34.67
C ASP B 47 -14.39 7.45 -33.67
N LEU B 48 -14.16 6.19 -33.29
CA LEU B 48 -13.16 5.88 -32.27
C LEU B 48 -11.77 6.30 -32.71
N ALA B 49 -11.41 5.97 -33.97
CA ALA B 49 -10.05 6.24 -34.45
C ALA B 49 -9.71 7.71 -34.34
N THR B 50 -10.59 8.59 -34.82
CA THR B 50 -10.27 10.01 -34.80
C THR B 50 -10.20 10.56 -33.38
N GLN B 51 -11.11 10.11 -32.49
CA GLN B 51 -10.98 10.52 -31.09
C GLN B 51 -9.69 10.02 -30.47
N LEU B 52 -9.41 8.72 -30.59
CA LEU B 52 -8.25 8.18 -29.88
C LEU B 52 -6.95 8.76 -30.46
N ASN B 53 -6.89 8.93 -31.79
CA ASN B 53 -5.69 9.47 -32.40
C ASN B 53 -5.45 10.92 -32.04
N ASP B 54 -6.47 11.62 -31.52
CA ASP B 54 -6.28 12.98 -31.03
C ASP B 54 -5.74 13.03 -29.60
N VAL B 55 -5.51 11.89 -28.97
CA VAL B 55 -5.07 11.87 -27.57
C VAL B 55 -3.58 12.20 -27.56
N SER B 56 -3.26 13.45 -27.24
CA SER B 56 -1.86 13.83 -27.10
C SER B 56 -1.24 13.09 -25.92
N ASP B 57 0.07 13.24 -25.77
CA ASP B 57 0.79 12.59 -24.68
C ASP B 57 0.35 13.08 -23.33
N PHE B 58 -0.46 14.12 -23.26
CA PHE B 58 -0.86 14.74 -22.00
C PHE B 58 -2.31 14.49 -21.65
N GLY B 59 -3.04 13.72 -22.44
CA GLY B 59 -4.37 13.31 -22.07
C GLY B 59 -5.45 14.09 -22.80
N LYS B 60 -6.66 13.61 -22.64
CA LYS B 60 -7.81 14.19 -23.35
CA LYS B 60 -7.80 14.18 -23.35
C LYS B 60 -9.08 13.74 -22.67
N MET B 61 -9.97 14.70 -22.38
CA MET B 61 -11.27 14.41 -21.81
C MET B 61 -12.25 14.00 -22.92
N ILE B 62 -12.91 12.86 -22.76
CA ILE B 62 -13.91 12.39 -23.72
C ILE B 62 -15.18 11.99 -22.99
N ILE B 63 -16.33 12.26 -23.61
CA ILE B 63 -17.63 11.95 -23.04
C ILE B 63 -18.22 10.76 -23.79
N LEU B 64 -18.44 9.66 -23.07
CA LEU B 64 -19.22 8.55 -23.59
C LEU B 64 -20.68 8.84 -23.30
N LYS B 65 -21.45 9.11 -24.35
CA LYS B 65 -22.87 9.40 -24.21
C LYS B 65 -23.66 8.21 -24.73
N ASP B 66 -24.64 7.79 -23.93
CA ASP B 66 -25.66 6.83 -24.35
C ASP B 66 -27.03 7.43 -24.03
N ASN B 67 -28.09 6.65 -24.17
CA ASN B 67 -29.41 7.18 -23.86
C ASN B 67 -29.56 7.22 -22.33
N GLY B 68 -29.63 8.43 -21.80
CA GLY B 68 -29.75 8.60 -20.36
C GLY B 68 -28.50 8.25 -19.58
N PHE B 69 -27.36 8.14 -20.26
CA PHE B 69 -26.09 7.81 -19.63
C PHE B 69 -25.03 8.76 -20.18
N ASN B 70 -24.20 9.30 -19.29
CA ASN B 70 -23.29 10.35 -19.71
C ASN B 70 -22.07 10.36 -18.77
N ARG B 71 -21.01 9.66 -19.17
CA ARG B 71 -19.79 9.54 -18.38
C ARG B 71 -18.65 10.28 -19.08
N GLN B 72 -17.84 10.99 -18.30
CA GLN B 72 -16.67 11.70 -18.82
C GLN B 72 -15.41 10.99 -18.36
N VAL B 73 -14.54 10.63 -19.30
CA VAL B 73 -13.34 9.86 -18.99
C VAL B 73 -12.11 10.61 -19.47
N HIS B 74 -11.08 10.65 -18.64
CA HIS B 74 -9.78 11.20 -19.04
C HIS B 74 -8.96 10.08 -19.68
N VAL B 75 -8.71 10.18 -20.99
CA VAL B 75 -8.07 9.13 -21.77
C VAL B 75 -6.58 9.44 -21.92
N SER B 76 -5.73 8.43 -21.72
CA SER B 76 -4.29 8.60 -21.85
C SER B 76 -3.71 7.46 -22.69
N MET B 77 -2.56 7.73 -23.32
CA MET B 77 -1.84 6.69 -24.03
C MET B 77 -1.16 5.73 -23.07
N ASP B 78 -1.19 4.45 -23.39
CA ASP B 78 -0.49 3.43 -22.62
C ASP B 78 0.89 3.25 -23.25
N LYS B 79 1.91 3.85 -22.63
CA LYS B 79 3.28 3.74 -23.11
C LYS B 79 4.02 2.55 -22.52
N ARG B 80 3.33 1.68 -21.76
CA ARG B 80 3.96 0.51 -21.15
C ARG B 80 4.02 -0.68 -22.09
N THR B 81 3.03 -0.85 -22.95
CA THR B 81 2.83 -2.10 -23.68
C THR B 81 2.92 -1.85 -25.18
N LYS B 82 3.50 -2.80 -25.91
CA LYS B 82 3.59 -2.73 -27.36
C LYS B 82 2.98 -3.99 -27.95
N ILE B 83 2.25 -3.85 -29.05
CA ILE B 83 1.60 -5.01 -29.67
C ILE B 83 1.70 -4.91 -31.19
N GLN B 84 2.04 -6.03 -31.84
CA GLN B 84 1.84 -6.21 -33.28
C GLN B 84 1.11 -7.53 -33.51
N LEU B 85 0.07 -7.48 -34.34
CA LEU B 85 -0.68 -8.67 -34.72
C LEU B 85 -0.41 -8.94 -36.20
N ASP B 86 0.50 -9.87 -36.48
CA ASP B 86 0.93 -10.13 -37.85
C ASP B 86 1.45 -8.84 -38.49
N ASN B 87 2.35 -8.15 -37.77
CA ASN B 87 3.02 -6.93 -38.18
C ASN B 87 2.10 -5.73 -38.28
N GLU B 88 0.85 -5.85 -37.84
CA GLU B 88 -0.08 -4.72 -37.77
C GLU B 88 -0.04 -4.13 -36.37
N ASN B 89 0.23 -2.84 -36.28
CA ASN B 89 0.45 -2.20 -34.99
C ASN B 89 -0.87 -1.93 -34.29
N VAL B 90 -0.89 -2.14 -32.98
CA VAL B 90 -2.10 -2.05 -32.18
C VAL B 90 -1.75 -1.28 -30.92
N ARG B 91 -2.45 -0.18 -30.68
CA ARG B 91 -2.17 0.70 -29.55
C ARG B 91 -3.25 0.56 -28.48
N LEU B 92 -2.87 0.84 -27.24
CA LEU B 92 -3.73 0.70 -26.08
C LEU B 92 -3.90 2.05 -25.40
N PHE B 93 -5.10 2.27 -24.86
CA PHE B 93 -5.45 3.52 -24.19
C PHE B 93 -6.10 3.22 -22.84
N ASN B 94 -5.75 4.01 -21.83
CA ASN B 94 -6.23 3.82 -20.47
C ASN B 94 -7.13 4.97 -20.06
N GLY B 95 -8.14 4.65 -19.26
CA GLY B 95 -8.86 5.66 -18.52
C GLY B 95 -8.24 5.86 -17.15
N ARG B 96 -8.75 6.85 -16.43
CA ARG B 96 -8.40 6.97 -15.03
C ARG B 96 -8.95 5.77 -14.27
N ASP B 97 -8.40 5.54 -13.06
CA ASP B 97 -8.80 4.38 -12.27
C ASP B 97 -10.31 4.34 -12.07
N LYS B 98 -10.88 5.48 -11.64
CA LYS B 98 -12.33 5.60 -11.44
C LYS B 98 -13.12 5.52 -12.73
N ASP B 99 -12.50 5.69 -13.90
CA ASP B 99 -13.25 5.66 -15.14
C ASP B 99 -13.66 4.24 -15.51
N SER B 100 -12.84 3.24 -15.19
CA SER B 100 -13.09 1.83 -15.53
C SER B 100 -13.37 1.67 -17.02
N THR B 101 -12.53 2.30 -17.82
CA THR B 101 -12.71 2.42 -19.26
C THR B 101 -11.36 2.17 -19.92
N SER B 102 -11.36 1.43 -21.02
CA SER B 102 -10.13 1.22 -21.77
C SER B 102 -10.46 1.11 -23.24
N PHE B 103 -9.44 1.31 -24.08
CA PHE B 103 -9.60 1.22 -25.52
C PHE B 103 -8.45 0.41 -26.11
N ILE B 104 -8.72 -0.16 -27.28
CA ILE B 104 -7.73 -0.77 -28.15
C ILE B 104 -7.91 -0.13 -29.52
N LEU B 105 -6.82 0.13 -30.23
CA LEU B 105 -6.95 0.75 -31.55
C LEU B 105 -5.91 0.23 -32.51
N GLY B 106 -6.35 -0.37 -33.61
CA GLY B 106 -5.50 -0.70 -34.73
C GLY B 106 -5.97 -0.01 -35.99
N ASP B 107 -5.27 -0.31 -37.08
CA ASP B 107 -5.69 0.21 -38.38
C ASP B 107 -7.03 -0.39 -38.78
N GLU B 108 -7.28 -1.66 -38.46
CA GLU B 108 -8.45 -2.37 -38.96
C GLU B 108 -9.63 -2.36 -38.00
N PHE B 109 -9.44 -2.00 -36.74
CA PHE B 109 -10.47 -2.20 -35.73
C PHE B 109 -10.17 -1.32 -34.54
N ALA B 110 -11.18 -1.20 -33.68
CA ALA B 110 -11.06 -0.43 -32.45
C ALA B 110 -12.04 -1.01 -31.45
N VAL B 111 -11.71 -0.91 -30.18
CA VAL B 111 -12.51 -1.46 -29.09
C VAL B 111 -12.62 -0.39 -28.02
N LEU B 112 -13.81 -0.24 -27.47
CA LEU B 112 -14.04 0.49 -26.23
C LEU B 112 -14.67 -0.47 -25.24
N ARG B 113 -14.11 -0.51 -24.04
CA ARG B 113 -14.58 -1.39 -22.98
C ARG B 113 -14.72 -0.59 -21.70
N PHE B 114 -15.85 -0.77 -21.01
CA PHE B 114 -16.08 -0.12 -19.72
C PHE B 114 -17.13 -0.92 -18.94
N TYR B 115 -17.33 -0.50 -17.69
CA TYR B 115 -18.23 -1.17 -16.76
C TYR B 115 -19.39 -0.26 -16.43
N ARG B 116 -20.61 -0.72 -16.72
CA ARG B 116 -21.84 -0.14 -16.19
C ARG B 116 -22.47 -1.17 -15.25
N ASN B 117 -22.62 -0.77 -13.97
CA ASN B 117 -23.26 -1.58 -12.93
C ASN B 117 -22.55 -2.92 -12.73
N GLY B 118 -21.23 -2.85 -12.58
CA GLY B 118 -20.46 -4.06 -12.35
C GLY B 118 -20.32 -4.98 -13.55
N GLU B 119 -20.97 -4.68 -14.67
CA GLU B 119 -20.89 -5.53 -15.84
C GLU B 119 -19.96 -4.93 -16.90
N SER B 120 -19.18 -5.77 -17.55
CA SER B 120 -18.24 -5.32 -18.57
C SER B 120 -18.95 -5.25 -19.91
N ILE B 121 -18.79 -4.13 -20.60
CA ILE B 121 -19.39 -3.92 -21.92
C ILE B 121 -18.27 -3.59 -22.90
N SER B 122 -18.30 -4.23 -24.08
CA SER B 122 -17.37 -3.93 -25.16
C SER B 122 -18.12 -3.45 -26.39
N TYR B 123 -17.62 -2.38 -26.99
CA TYR B 123 -18.04 -1.90 -28.31
C TYR B 123 -16.90 -2.18 -29.29
N ILE B 124 -17.18 -2.98 -30.30
CA ILE B 124 -16.16 -3.55 -31.18
C ILE B 124 -16.47 -3.13 -32.61
N ALA B 125 -15.57 -2.36 -33.22
CA ALA B 125 -15.82 -1.74 -34.53
C ALA B 125 -14.67 -2.03 -35.47
N TYR B 126 -14.96 -2.63 -36.62
CA TYR B 126 -13.96 -2.95 -37.64
C TYR B 126 -14.08 -1.99 -38.82
N LYS B 127 -12.94 -1.68 -39.44
CA LYS B 127 -12.91 -0.68 -40.50
C LYS B 127 -13.64 -1.15 -41.76
N GLU B 128 -13.19 -2.26 -42.35
CA GLU B 128 -13.77 -2.68 -43.62
C GLU B 128 -15.16 -3.24 -43.42
N ALA B 129 -16.09 -2.85 -44.30
CA ALA B 129 -17.49 -3.23 -44.12
C ALA B 129 -17.65 -4.74 -44.08
N GLN B 130 -16.93 -5.44 -44.94
CA GLN B 130 -17.17 -6.87 -45.06
C GLN B 130 -16.68 -7.61 -43.81
N MET B 131 -15.57 -7.15 -43.23
CA MET B 131 -15.05 -7.78 -42.01
C MET B 131 -15.91 -7.43 -40.80
N MET B 132 -16.46 -6.23 -40.75
CA MET B 132 -17.40 -5.91 -39.69
C MET B 132 -18.58 -6.86 -39.73
N ASN B 133 -19.13 -7.08 -40.92
CA ASN B 133 -20.25 -7.99 -41.08
C ASN B 133 -19.91 -9.36 -40.54
N GLU B 134 -18.78 -9.91 -40.95
CA GLU B 134 -18.35 -11.21 -40.48
C GLU B 134 -18.30 -11.25 -38.95
N ILE B 135 -17.75 -10.20 -38.34
CA ILE B 135 -17.67 -10.11 -36.88
C ILE B 135 -19.08 -10.09 -36.27
N ALA B 136 -19.96 -9.27 -36.82
CA ALA B 136 -21.33 -9.24 -36.31
C ALA B 136 -22.00 -10.60 -36.47
N GLU B 137 -21.74 -11.28 -37.59
CA GLU B 137 -22.34 -12.59 -37.79
C GLU B 137 -21.73 -13.65 -36.87
N PHE B 138 -20.43 -13.52 -36.59
CA PHE B 138 -19.75 -14.42 -35.66
C PHE B 138 -20.29 -14.26 -34.23
N TYR B 139 -20.47 -13.02 -33.77
CA TYR B 139 -20.97 -12.81 -32.42
C TYR B 139 -22.46 -13.12 -32.31
N ALA B 140 -23.24 -12.74 -33.32
CA ALA B 140 -24.68 -12.95 -33.28
C ALA B 140 -25.04 -14.42 -33.17
N ALA B 141 -24.21 -15.29 -33.74
CA ALA B 141 -24.65 -16.64 -34.04
C ALA B 141 -25.05 -17.46 -32.82
N PRO B 142 -24.35 -17.41 -31.68
CA PRO B 142 -24.81 -18.19 -30.51
C PRO B 142 -26.23 -17.86 -30.05
N PHE B 143 -26.85 -16.81 -30.57
CA PHE B 143 -28.18 -16.41 -30.13
C PHE B 143 -29.28 -16.86 -31.08
N LYS B 144 -28.92 -17.59 -32.14
CA LYS B 144 -29.88 -17.90 -33.20
C LYS B 144 -31.07 -18.68 -32.65
N LYS B 145 -30.83 -19.87 -32.11
CA LYS B 145 -31.89 -20.64 -31.50
C LYS B 145 -32.51 -19.86 -30.34
N THR B 146 -31.79 -19.76 -29.22
CA THR B 146 -32.29 -19.08 -28.03
C THR B 146 -32.70 -17.65 -28.32
N ARG B 147 -33.85 -17.48 -28.96
CA ARG B 147 -34.50 -16.18 -28.96
C ARG B 147 -34.87 -15.82 -27.53
N ALA B 148 -34.36 -14.68 -27.06
CA ALA B 148 -34.61 -14.22 -25.71
C ALA B 148 -35.26 -12.84 -25.76
N ILE B 149 -36.11 -12.57 -24.76
CA ILE B 149 -36.76 -11.27 -24.68
C ILE B 149 -35.71 -10.17 -24.60
N ASN B 150 -34.95 -10.15 -23.51
CA ASN B 150 -33.95 -9.11 -23.26
C ASN B 150 -32.65 -9.32 -24.04
N GLU B 151 -32.75 -9.78 -25.30
CA GLU B 151 -31.56 -10.24 -26.00
C GLU B 151 -30.65 -9.07 -26.39
N LYS B 152 -31.22 -7.93 -26.80
CA LYS B 152 -30.39 -6.80 -27.21
C LYS B 152 -29.59 -6.19 -26.05
N GLU B 153 -29.91 -6.54 -24.80
CA GLU B 153 -29.12 -6.09 -23.67
C GLU B 153 -27.74 -6.73 -23.65
N ALA B 154 -27.64 -7.95 -24.18
CA ALA B 154 -26.40 -8.72 -24.20
C ALA B 154 -25.62 -8.58 -25.49
N PHE B 155 -26.31 -8.37 -26.60
CA PHE B 155 -25.70 -8.30 -27.91
C PHE B 155 -26.56 -7.41 -28.80
N GLU B 156 -25.92 -6.50 -29.54
CA GLU B 156 -26.68 -5.59 -30.38
C GLU B 156 -25.80 -5.04 -31.49
N CYS B 157 -26.28 -5.15 -32.73
CA CYS B 157 -25.61 -4.51 -33.85
C CYS B 157 -25.93 -3.02 -33.82
N ILE B 158 -24.90 -2.21 -33.81
CA ILE B 158 -25.04 -0.76 -33.95
C ILE B 158 -24.95 -0.43 -35.43
N TYR B 159 -25.83 0.46 -35.90
CA TYR B 159 -26.01 0.68 -37.33
C TYR B 159 -25.56 2.08 -37.73
N ASP B 160 -25.14 2.20 -38.99
CA ASP B 160 -24.71 3.47 -39.60
C ASP B 160 -25.86 4.46 -39.57
N SER B 161 -25.62 5.63 -38.96
CA SER B 161 -26.65 6.66 -38.84
C SER B 161 -26.76 7.56 -40.08
N ARG B 162 -25.83 7.46 -41.04
CA ARG B 162 -25.89 8.27 -42.25
C ARG B 162 -26.92 7.75 -43.25
N THR B 163 -27.02 6.44 -43.38
CA THR B 163 -27.91 5.84 -44.36
C THR B 163 -29.37 6.03 -43.97
N ARG B 164 -30.27 5.54 -44.81
CA ARG B 164 -31.71 5.64 -44.56
C ARG B 164 -32.10 4.85 -43.31
N SER B 165 -33.31 5.12 -42.81
CA SER B 165 -33.73 4.52 -41.53
C SER B 165 -33.76 2.99 -41.61
N ALA B 166 -34.10 2.43 -42.77
CA ALA B 166 -34.16 0.98 -42.94
C ALA B 166 -32.82 0.37 -43.38
N GLY B 167 -31.76 1.18 -43.46
CA GLY B 167 -30.46 0.73 -43.92
C GLY B 167 -29.57 0.23 -42.80
N LYS B 168 -29.64 -1.07 -42.54
CA LYS B 168 -28.94 -1.68 -41.40
C LYS B 168 -27.48 -1.97 -41.77
N ASP B 169 -26.74 -0.88 -42.00
CA ASP B 169 -25.30 -0.96 -42.28
C ASP B 169 -24.56 -1.03 -40.95
N ILE B 170 -24.04 -2.21 -40.60
CA ILE B 170 -23.46 -2.40 -39.27
C ILE B 170 -22.13 -1.66 -39.16
N VAL B 171 -21.99 -0.82 -38.12
CA VAL B 171 -20.74 -0.12 -37.85
C VAL B 171 -20.02 -0.61 -36.60
N SER B 172 -20.68 -1.38 -35.74
CA SER B 172 -20.05 -1.91 -34.52
C SER B 172 -21.03 -2.85 -33.86
N VAL B 173 -20.52 -3.62 -32.89
CA VAL B 173 -21.34 -4.52 -32.10
C VAL B 173 -21.12 -4.22 -30.62
N LYS B 174 -22.21 -4.24 -29.85
CA LYS B 174 -22.19 -4.06 -28.41
C LYS B 174 -22.35 -5.43 -27.75
N ILE B 175 -21.49 -5.75 -26.79
CA ILE B 175 -21.52 -7.06 -26.14
C ILE B 175 -21.37 -6.88 -24.65
N ASN B 176 -22.23 -7.53 -23.91
CA ASN B 176 -22.21 -7.59 -22.44
C ASN B 176 -22.09 -9.08 -22.14
N ILE B 177 -20.88 -9.55 -21.82
CA ILE B 177 -20.72 -11.00 -21.70
C ILE B 177 -21.47 -11.52 -20.49
N ASP B 178 -21.64 -10.68 -19.46
CA ASP B 178 -22.38 -11.12 -18.28
C ASP B 178 -23.84 -11.39 -18.63
N LYS B 179 -24.49 -10.46 -19.33
CA LYS B 179 -25.88 -10.68 -19.71
C LYS B 179 -26.00 -11.85 -20.67
N ALA B 180 -25.01 -12.03 -21.55
CA ALA B 180 -25.07 -13.14 -22.50
C ALA B 180 -24.81 -14.47 -21.81
N LYS B 181 -24.06 -14.46 -20.72
CA LYS B 181 -23.88 -15.68 -19.95
C LYS B 181 -25.21 -16.16 -19.37
N LYS B 182 -25.93 -15.25 -18.71
CA LYS B 182 -27.26 -15.57 -18.20
C LYS B 182 -28.19 -16.07 -19.31
N ILE B 183 -28.15 -15.40 -20.47
CA ILE B 183 -29.06 -15.74 -21.57
C ILE B 183 -28.72 -17.12 -22.14
N LEU B 184 -27.47 -17.29 -22.59
CA LEU B 184 -27.14 -18.53 -23.29
C LEU B 184 -27.04 -19.71 -22.33
N ASN B 185 -26.69 -19.46 -21.05
CA ASN B 185 -26.69 -20.52 -20.04
C ASN B 185 -25.81 -21.70 -20.48
N LEU B 186 -24.58 -21.40 -20.82
CA LEU B 186 -23.67 -22.37 -21.41
C LEU B 186 -22.85 -23.04 -20.31
N PRO B 187 -22.15 -24.14 -20.64
CA PRO B 187 -21.37 -24.84 -19.60
C PRO B 187 -20.15 -24.03 -19.14
N GLU B 188 -20.02 -23.88 -17.82
CA GLU B 188 -18.91 -23.11 -17.24
C GLU B 188 -17.59 -23.83 -17.48
N CYS B 189 -16.68 -23.17 -18.18
CA CYS B 189 -15.31 -23.65 -18.30
C CYS B 189 -14.48 -23.13 -17.12
N ASP B 190 -13.37 -23.82 -16.83
CA ASP B 190 -12.58 -23.51 -15.63
C ASP B 190 -11.09 -23.62 -15.92
N TYR B 191 -10.29 -23.43 -14.85
CA TYR B 191 -8.85 -23.61 -14.91
C TYR B 191 -8.41 -24.77 -14.02
N ILE B 192 -9.27 -25.75 -13.78
CA ILE B 192 -8.93 -26.79 -12.80
C ILE B 192 -7.74 -27.61 -13.31
N ASN B 193 -6.67 -27.65 -12.52
CA ASN B 193 -5.42 -28.36 -12.83
C ASN B 193 -4.81 -27.85 -14.15
N ASP B 194 -4.68 -26.54 -14.27
CA ASP B 194 -4.22 -25.96 -15.52
C ASP B 194 -2.76 -25.51 -15.44
N TYR B 195 -1.98 -26.13 -14.57
CA TYR B 195 -0.57 -25.75 -14.48
C TYR B 195 0.21 -26.99 -14.07
N ILE B 196 1.43 -27.09 -14.59
CA ILE B 196 2.28 -28.23 -14.33
C ILE B 196 3.45 -27.71 -13.50
N LYS B 197 3.54 -28.16 -12.25
CA LYS B 197 4.68 -27.84 -11.40
C LYS B 197 5.84 -28.77 -11.71
N THR B 198 7.04 -28.36 -11.32
CA THR B 198 8.26 -29.09 -11.59
C THR B 198 9.20 -28.97 -10.43
N PRO B 199 10.16 -29.89 -10.26
CA PRO B 199 11.09 -29.85 -9.14
C PRO B 199 11.82 -28.53 -9.03
N GLN B 200 11.74 -27.92 -7.84
CA GLN B 200 12.24 -26.58 -7.59
C GLN B 200 13.44 -26.62 -6.63
N ALA B 212 19.06 -3.15 -6.89
CA ALA B 212 18.24 -1.94 -7.01
C ALA B 212 17.27 -2.03 -8.20
N VAL B 213 16.50 -0.96 -8.41
CA VAL B 213 15.56 -0.89 -9.52
C VAL B 213 16.34 -0.59 -10.81
N PRO B 214 16.08 -1.31 -11.92
CA PRO B 214 16.77 -0.97 -13.18
C PRO B 214 16.47 0.46 -13.60
N SER B 215 17.47 1.09 -14.22
CA SER B 215 17.30 2.47 -14.69
C SER B 215 16.18 2.57 -15.72
N GLU B 216 15.99 1.53 -16.53
CA GLU B 216 14.89 1.44 -17.46
C GLU B 216 14.25 0.06 -17.34
N PRO B 217 12.93 -0.04 -17.51
CA PRO B 217 12.27 -1.33 -17.40
C PRO B 217 12.79 -2.29 -18.46
N LYS B 218 12.77 -3.57 -18.13
CA LYS B 218 13.22 -4.60 -19.06
C LYS B 218 12.10 -4.93 -20.02
N THR B 219 12.40 -4.90 -21.31
CA THR B 219 11.44 -5.33 -22.32
C THR B 219 11.34 -6.85 -22.27
N VAL B 220 10.14 -7.36 -22.02
CA VAL B 220 9.91 -8.80 -22.02
C VAL B 220 8.94 -9.08 -23.14
N TYR B 221 9.38 -9.87 -24.12
CA TYR B 221 8.54 -10.22 -25.25
C TYR B 221 7.61 -11.36 -24.88
N VAL B 222 6.36 -11.24 -25.28
CA VAL B 222 5.37 -12.30 -25.10
C VAL B 222 4.99 -12.76 -26.50
N ILE B 223 5.58 -13.86 -26.96
CA ILE B 223 5.41 -14.31 -28.33
C ILE B 223 4.18 -15.21 -28.36
N CYS B 224 3.14 -14.75 -29.06
CA CYS B 224 1.87 -15.45 -29.15
C CYS B 224 1.75 -16.11 -30.51
N LEU B 225 1.40 -17.39 -30.51
CA LEU B 225 1.44 -18.19 -31.73
C LEU B 225 0.04 -18.68 -32.04
N ARG B 226 -0.49 -18.23 -33.18
CA ARG B 226 -1.80 -18.69 -33.64
C ARG B 226 -1.70 -20.14 -34.06
N GLU B 227 -2.46 -21.00 -33.39
CA GLU B 227 -2.41 -22.44 -33.66
C GLU B 227 -2.75 -22.70 -35.12
N ASN B 228 -1.97 -23.57 -35.73
CA ASN B 228 -2.12 -23.89 -37.13
C ASN B 228 -3.52 -24.28 -37.46
N GLY B 229 -4.21 -23.45 -38.19
CA GLY B 229 -5.56 -23.77 -38.56
C GLY B 229 -6.62 -23.11 -37.75
N SER B 230 -6.20 -22.29 -36.81
CA SER B 230 -7.19 -21.65 -35.97
C SER B 230 -7.54 -20.29 -36.50
N THR B 231 -8.71 -19.83 -36.07
CA THR B 231 -9.27 -18.57 -36.47
C THR B 231 -9.32 -17.61 -35.32
N ILE B 232 -8.42 -16.64 -35.28
CA ILE B 232 -8.40 -15.67 -34.19
C ILE B 232 -8.80 -14.29 -34.65
N TYR B 233 -9.51 -13.54 -33.84
CA TYR B 233 -9.86 -12.19 -34.26
C TYR B 233 -9.06 -11.15 -33.48
N PRO B 234 -8.65 -10.05 -34.14
CA PRO B 234 -7.75 -9.11 -33.44
C PRO B 234 -8.36 -8.49 -32.20
N ASN B 235 -9.61 -8.03 -32.25
CA ASN B 235 -10.22 -7.45 -31.05
C ASN B 235 -10.14 -8.42 -29.88
N GLU B 236 -10.28 -9.71 -30.16
CA GLU B 236 -10.29 -10.70 -29.08
C GLU B 236 -8.89 -10.91 -28.51
N VAL B 237 -7.90 -11.12 -29.37
CA VAL B 237 -6.56 -11.41 -28.84
C VAL B 237 -5.95 -10.18 -28.20
N SER B 238 -6.25 -8.98 -28.72
CA SER B 238 -5.68 -7.77 -28.13
CA SER B 238 -5.70 -7.76 -28.14
C SER B 238 -6.23 -7.51 -26.73
N ALA B 239 -7.51 -7.81 -26.51
CA ALA B 239 -8.06 -7.63 -25.18
C ALA B 239 -7.38 -8.56 -24.18
N GLN B 240 -7.02 -9.77 -24.62
CA GLN B 240 -6.37 -10.70 -23.70
C GLN B 240 -4.97 -10.20 -23.32
N MET B 241 -4.21 -9.69 -24.29
CA MET B 241 -2.88 -9.18 -24.02
C MET B 241 -2.95 -7.96 -23.12
N GLN B 242 -3.87 -7.04 -23.43
CA GLN B 242 -4.01 -5.83 -22.61
C GLN B 242 -4.28 -6.20 -21.15
N ASP B 243 -5.19 -7.15 -20.92
CA ASP B 243 -5.53 -7.55 -19.56
C ASP B 243 -4.36 -8.29 -18.89
N ALA B 244 -3.64 -9.13 -19.64
CA ALA B 244 -2.49 -9.81 -19.06
C ALA B 244 -1.42 -8.82 -18.59
N ALA B 245 -1.01 -7.90 -19.47
CA ALA B 245 0.02 -6.93 -19.08
C ALA B 245 -0.44 -6.07 -17.92
N ASN B 246 -1.67 -5.54 -18.00
CA ASN B 246 -2.19 -4.71 -16.91
C ASN B 246 -2.28 -5.47 -15.59
N SER B 247 -2.66 -6.75 -15.62
CA SER B 247 -2.68 -7.53 -14.38
C SER B 247 -1.33 -7.54 -13.69
N VAL B 248 -0.24 -7.46 -14.45
CA VAL B 248 1.10 -7.45 -13.85
C VAL B 248 1.47 -6.04 -13.39
N TYR B 249 1.29 -5.04 -14.25
CA TYR B 249 1.64 -3.67 -13.90
C TYR B 249 0.97 -3.21 -12.61
N ALA B 250 -0.20 -3.78 -12.28
CA ALA B 250 -0.89 -3.35 -11.07
C ALA B 250 -0.22 -3.81 -9.79
N VAL B 251 0.75 -4.70 -9.86
CA VAL B 251 1.42 -5.26 -8.70
C VAL B 251 2.70 -4.49 -8.42
N HIS B 252 2.86 -3.97 -7.20
CA HIS B 252 4.13 -3.47 -6.67
C HIS B 252 4.85 -2.52 -7.63
N GLY B 253 4.10 -1.64 -8.28
CA GLY B 253 4.72 -0.68 -9.20
C GLY B 253 5.60 -1.32 -10.24
N LEU B 254 5.20 -2.49 -10.76
CA LEU B 254 6.07 -3.31 -11.60
C LEU B 254 6.34 -2.71 -12.99
N LYS B 255 5.63 -1.65 -13.41
CA LYS B 255 6.00 -1.02 -14.67
C LYS B 255 7.43 -0.47 -14.63
N ARG B 256 8.00 -0.30 -13.44
CA ARG B 256 9.41 0.05 -13.32
C ARG B 256 10.32 -1.09 -13.77
N TYR B 257 9.83 -2.32 -13.78
CA TYR B 257 10.69 -3.44 -14.06
C TYR B 257 10.44 -4.11 -15.38
N VAL B 258 9.23 -4.01 -15.93
CA VAL B 258 8.85 -4.72 -17.14
CA VAL B 258 8.88 -4.72 -17.15
C VAL B 258 8.04 -3.81 -18.03
N ASN B 259 8.30 -3.90 -19.33
CA ASN B 259 7.40 -3.41 -20.35
C ASN B 259 7.17 -4.60 -21.26
N PHE B 260 5.90 -4.99 -21.42
CA PHE B 260 5.57 -6.14 -22.24
C PHE B 260 5.43 -5.77 -23.71
N HIS B 261 5.93 -6.67 -24.58
CA HIS B 261 5.85 -6.50 -26.02
C HIS B 261 5.29 -7.79 -26.61
N PHE B 262 4.02 -7.75 -26.99
CA PHE B 262 3.34 -8.89 -27.56
C PHE B 262 3.50 -8.85 -29.07
N VAL B 263 3.76 -10.01 -29.65
CA VAL B 263 3.66 -10.18 -31.09
C VAL B 263 2.84 -11.43 -31.34
N LEU B 264 2.22 -11.50 -32.48
CA LEU B 264 1.45 -12.63 -32.83
C LEU B 264 1.76 -13.07 -34.23
N TYR B 265 2.04 -14.35 -34.39
CA TYR B 265 2.25 -14.96 -35.70
C TYR B 265 1.61 -16.31 -35.74
N THR B 266 1.69 -16.94 -36.88
CA THR B 266 1.14 -18.25 -37.04
C THR B 266 2.21 -19.28 -36.78
N THR B 267 1.84 -20.41 -36.21
CA THR B 267 2.78 -21.48 -35.96
C THR B 267 2.38 -22.74 -36.72
N GLU B 268 3.38 -23.61 -36.93
CA GLU B 268 3.17 -24.89 -37.61
C GLU B 268 2.52 -25.91 -36.68
N TYR B 269 2.83 -25.84 -35.39
CA TYR B 269 2.33 -26.79 -34.40
C TYR B 269 0.82 -26.68 -34.25
N SER B 270 0.19 -27.82 -33.96
CA SER B 270 -1.19 -27.83 -33.50
C SER B 270 -1.34 -29.03 -32.58
N CYS B 271 -2.31 -28.95 -31.71
CA CYS B 271 -2.40 -29.91 -30.62
C CYS B 271 -2.81 -31.28 -31.15
N PRO B 272 -2.09 -32.34 -30.77
CA PRO B 272 -2.47 -33.67 -31.27
C PRO B 272 -3.87 -34.11 -30.87
N SER B 273 -4.37 -33.71 -29.70
CA SER B 273 -5.71 -34.08 -29.28
C SER B 273 -6.31 -32.91 -28.51
N GLY B 274 -7.39 -33.19 -27.78
CA GLY B 274 -7.90 -32.18 -26.87
C GLY B 274 -7.21 -32.13 -25.53
N ASP B 275 -6.14 -32.90 -25.33
CA ASP B 275 -5.52 -32.99 -24.02
C ASP B 275 -4.55 -31.84 -23.80
N ALA B 276 -4.86 -31.00 -22.81
CA ALA B 276 -4.08 -29.78 -22.60
C ALA B 276 -2.66 -30.10 -22.15
N LYS B 277 -2.47 -31.12 -21.32
CA LYS B 277 -1.12 -31.47 -20.88
C LYS B 277 -0.27 -31.92 -22.06
N GLU B 278 -0.80 -32.83 -22.86
CA GLU B 278 -0.10 -33.30 -24.03
C GLU B 278 0.05 -32.19 -25.05
N GLY B 279 -0.96 -31.33 -25.16
CA GLY B 279 -0.85 -30.19 -26.07
C GLY B 279 0.28 -29.25 -25.70
N LEU B 280 0.32 -28.80 -24.43
CA LEU B 280 1.38 -27.88 -24.00
C LEU B 280 2.75 -28.52 -24.15
N GLU B 281 2.87 -29.78 -23.77
CA GLU B 281 4.16 -30.46 -23.88
C GLU B 281 4.64 -30.51 -25.33
N GLY B 282 3.72 -30.78 -26.27
CA GLY B 282 4.08 -30.70 -27.66
C GLY B 282 4.48 -29.28 -28.09
N PHE B 283 3.71 -28.28 -27.65
CA PHE B 283 3.99 -26.90 -28.04
C PHE B 283 5.38 -26.49 -27.59
N THR B 284 5.70 -26.74 -26.33
CA THR B 284 7.04 -26.43 -25.84
C THR B 284 8.10 -27.12 -26.70
N ALA B 285 7.88 -28.40 -27.01
CA ALA B 285 8.84 -29.13 -27.83
C ALA B 285 9.00 -28.49 -29.21
N SER B 286 7.89 -28.06 -29.81
CA SER B 286 7.98 -27.41 -31.12
C SER B 286 8.78 -26.12 -31.08
N LEU B 287 8.80 -25.44 -29.93
CA LEU B 287 9.61 -24.23 -29.84
C LEU B 287 11.10 -24.56 -29.87
N LYS B 288 11.49 -25.66 -29.20
CA LYS B 288 12.90 -26.07 -29.19
C LYS B 288 13.33 -26.58 -30.56
N SER B 289 12.38 -27.13 -31.33
CA SER B 289 12.70 -27.67 -32.65
C SER B 289 12.98 -26.56 -33.65
N ASN B 290 12.04 -25.64 -33.80
CA ASN B 290 12.14 -24.53 -34.73
C ASN B 290 13.47 -23.79 -34.52
N PRO B 291 14.33 -23.71 -35.56
CA PRO B 291 15.58 -22.96 -35.43
C PRO B 291 15.43 -21.45 -35.58
N LYS B 292 14.29 -20.97 -36.10
CA LYS B 292 14.02 -19.54 -36.17
C LYS B 292 13.83 -18.92 -34.79
N ALA B 293 13.49 -19.72 -33.79
CA ALA B 293 13.37 -19.23 -32.42
C ALA B 293 14.70 -19.21 -31.68
N GLU B 294 15.79 -19.67 -32.31
CA GLU B 294 17.08 -19.76 -31.63
C GLU B 294 17.53 -18.38 -31.15
N GLY B 295 17.97 -18.32 -29.90
CA GLY B 295 18.34 -17.07 -29.27
C GLY B 295 17.21 -16.33 -28.59
N TYR B 296 15.98 -16.85 -28.65
CA TYR B 296 14.83 -16.26 -27.97
C TYR B 296 14.19 -17.27 -27.01
N ASP B 297 15.00 -18.19 -26.47
CA ASP B 297 14.49 -19.17 -25.52
C ASP B 297 14.20 -18.58 -24.15
N ASP B 298 14.50 -17.29 -23.93
CA ASP B 298 14.31 -16.60 -22.67
C ASP B 298 13.11 -15.66 -22.68
N GLN B 299 12.24 -15.74 -23.69
CA GLN B 299 11.03 -14.96 -23.77
C GLN B 299 9.84 -15.77 -23.25
N ILE B 300 8.64 -15.20 -23.32
CA ILE B 300 7.44 -15.87 -22.84
C ILE B 300 6.59 -16.22 -24.05
N TYR B 301 6.01 -17.42 -24.04
CA TYR B 301 5.39 -17.99 -25.24
C TYR B 301 3.99 -18.50 -24.92
N PHE B 302 3.02 -18.15 -25.77
CA PHE B 302 1.64 -18.62 -25.65
C PHE B 302 1.16 -19.23 -26.96
N LEU B 303 0.63 -20.44 -26.88
CA LEU B 303 -0.17 -21.00 -27.95
C LEU B 303 -1.60 -20.56 -27.71
N ILE B 304 -2.24 -19.98 -28.72
CA ILE B 304 -3.57 -19.40 -28.54
C ILE B 304 -4.53 -19.93 -29.60
N ARG B 305 -5.78 -20.07 -29.20
CA ARG B 305 -6.81 -20.61 -30.06
C ARG B 305 -8.12 -19.92 -29.72
N TRP B 306 -9.13 -20.11 -30.55
CA TRP B 306 -10.42 -19.63 -30.09
C TRP B 306 -11.02 -20.59 -29.07
N GLY B 307 -10.89 -21.90 -29.32
CA GLY B 307 -11.58 -22.91 -28.55
C GLY B 307 -10.93 -23.20 -27.21
N THR B 308 -11.44 -24.22 -26.54
CA THR B 308 -10.91 -24.72 -25.28
C THR B 308 -10.35 -26.12 -25.50
N TRP B 309 -9.82 -26.71 -24.43
CA TRP B 309 -9.31 -28.07 -24.46
C TRP B 309 -10.25 -28.99 -23.69
N ASP B 310 -9.84 -30.26 -23.62
CA ASP B 310 -10.65 -31.30 -23.00
C ASP B 310 -10.94 -30.99 -21.54
N ASN B 311 -12.15 -31.34 -21.11
CA ASN B 311 -12.63 -31.10 -19.75
C ASN B 311 -12.83 -29.60 -19.50
N LYS B 312 -13.28 -28.89 -20.54
CA LYS B 312 -13.63 -27.48 -20.44
C LYS B 312 -12.49 -26.64 -19.87
N ILE B 313 -11.25 -26.99 -20.25
CA ILE B 313 -10.08 -26.31 -19.71
C ILE B 313 -9.72 -25.13 -20.61
N LEU B 314 -9.41 -24.00 -19.97
CA LEU B 314 -9.23 -22.76 -20.70
C LEU B 314 -7.79 -22.52 -21.14
N GLY B 315 -6.82 -23.19 -20.53
CA GLY B 315 -5.43 -22.99 -20.86
C GLY B 315 -4.57 -23.95 -20.06
N MET B 316 -3.26 -23.76 -20.18
CA MET B 316 -2.33 -24.58 -19.39
C MET B 316 -0.96 -23.95 -19.44
N SER B 317 -0.22 -24.02 -18.33
CA SER B 317 1.11 -23.40 -18.35
C SER B 317 2.07 -24.15 -17.46
N TRP B 318 3.35 -23.99 -17.78
CA TRP B 318 4.37 -24.41 -16.83
C TRP B 318 4.43 -23.41 -15.69
N PHE B 319 4.38 -23.93 -14.47
CA PHE B 319 4.28 -23.12 -13.28
C PHE B 319 5.64 -22.60 -12.85
N ASN B 320 5.67 -21.34 -12.43
CA ASN B 320 6.88 -20.69 -11.94
C ASN B 320 8.05 -20.89 -12.90
N SER B 321 7.80 -20.66 -14.18
CA SER B 321 8.74 -21.00 -15.21
C SER B 321 9.42 -19.78 -15.83
N TYR B 322 9.13 -18.57 -15.39
CA TYR B 322 9.81 -17.41 -15.92
C TYR B 322 10.41 -16.62 -14.76
N ASN B 323 11.67 -16.22 -14.94
CA ASN B 323 12.34 -15.36 -13.98
C ASN B 323 13.35 -14.54 -14.76
N VAL B 324 13.30 -13.21 -14.62
CA VAL B 324 14.08 -12.33 -15.49
C VAL B 324 15.57 -12.63 -15.44
N ASN B 325 16.03 -13.31 -14.39
CA ASN B 325 17.44 -13.62 -14.31
C ASN B 325 17.81 -14.97 -14.91
N THR B 326 16.88 -15.92 -14.97
CA THR B 326 17.20 -17.30 -15.32
C THR B 326 16.42 -17.83 -16.51
N ALA B 327 15.68 -16.97 -17.22
CA ALA B 327 14.74 -17.47 -18.22
C ALA B 327 15.49 -18.20 -19.32
N SER B 328 15.07 -19.42 -19.63
CA SER B 328 15.76 -20.21 -20.64
C SER B 328 14.89 -21.35 -21.13
N ASP B 329 15.35 -21.96 -22.24
CA ASP B 329 14.90 -23.25 -22.80
C ASP B 329 13.39 -23.27 -23.07
N PHE B 330 12.80 -22.12 -23.39
CA PHE B 330 11.37 -22.02 -23.71
C PHE B 330 10.48 -22.55 -22.58
N GLU B 331 10.98 -22.51 -21.34
CA GLU B 331 10.20 -23.04 -20.23
C GLU B 331 9.01 -22.15 -19.91
N ALA B 332 9.14 -20.84 -20.10
CA ALA B 332 8.05 -19.91 -19.83
C ALA B 332 7.08 -19.94 -21.00
N SER B 333 6.37 -21.08 -21.10
CA SER B 333 5.44 -21.36 -22.20
C SER B 333 4.10 -21.83 -21.64
N GLY B 334 3.03 -21.45 -22.33
CA GLY B 334 1.68 -21.71 -21.90
C GLY B 334 0.76 -21.74 -23.10
N MET B 335 -0.53 -21.94 -22.81
CA MET B 335 -1.56 -22.08 -23.82
C MET B 335 -2.77 -21.31 -23.31
N SER B 336 -3.49 -20.62 -24.18
CA SER B 336 -4.57 -19.77 -23.72
C SER B 336 -5.64 -19.64 -24.78
N THR B 337 -6.91 -19.78 -24.38
CA THR B 337 -7.98 -19.37 -25.29
C THR B 337 -8.03 -17.86 -25.37
N THR B 338 -8.74 -17.34 -26.39
CA THR B 338 -8.84 -15.89 -26.57
C THR B 338 -10.26 -15.39 -26.83
N GLN B 339 -11.28 -16.24 -26.75
CA GLN B 339 -12.62 -15.76 -27.06
C GLN B 339 -13.09 -14.71 -26.06
N LEU B 340 -13.97 -13.83 -26.54
CA LEU B 340 -14.37 -12.67 -25.77
C LEU B 340 -15.09 -13.06 -24.50
N MET B 341 -15.81 -14.19 -24.51
CA MET B 341 -16.60 -14.57 -23.35
C MET B 341 -15.74 -14.85 -22.13
N TYR B 342 -14.44 -15.07 -22.29
CA TYR B 342 -13.56 -15.43 -21.18
C TYR B 342 -12.40 -14.46 -21.01
N PRO B 343 -12.69 -13.23 -20.58
CA PRO B 343 -11.61 -12.24 -20.40
C PRO B 343 -10.70 -12.64 -19.26
N GLY B 344 -9.40 -12.40 -19.45
CA GLY B 344 -8.43 -12.64 -18.41
C GLY B 344 -7.82 -14.04 -18.38
N VAL B 345 -8.14 -14.92 -19.34
CA VAL B 345 -7.52 -16.25 -19.33
C VAL B 345 -6.01 -16.14 -19.49
N MET B 346 -5.56 -15.24 -20.37
CA MET B 346 -4.11 -15.11 -20.57
C MET B 346 -3.42 -14.49 -19.36
N ALA B 347 -4.09 -13.51 -18.74
CA ALA B 347 -3.57 -12.96 -17.49
C ALA B 347 -3.42 -14.05 -16.43
N HIS B 348 -4.42 -14.91 -16.31
CA HIS B 348 -4.35 -16.05 -15.41
C HIS B 348 -3.14 -16.92 -15.72
N GLU B 349 -3.03 -17.37 -16.98
CA GLU B 349 -1.91 -18.23 -17.33
C GLU B 349 -0.58 -17.52 -17.14
N LEU B 350 -0.51 -16.24 -17.54
CA LEU B 350 0.70 -15.46 -17.28
C LEU B 350 1.03 -15.47 -15.79
N GLY B 351 0.01 -15.25 -14.94
CA GLY B 351 0.24 -15.35 -13.50
C GLY B 351 0.84 -16.69 -13.08
N HIS B 352 0.38 -17.78 -13.71
CA HIS B 352 0.97 -19.07 -13.42
C HIS B 352 2.45 -19.12 -13.79
N ILE B 353 2.77 -18.66 -15.01
CA ILE B 353 4.15 -18.65 -15.43
C ILE B 353 5.00 -17.88 -14.42
N LEU B 354 4.45 -16.80 -13.87
CA LEU B 354 5.17 -15.94 -12.93
C LEU B 354 5.06 -16.40 -11.48
N GLY B 355 4.50 -17.59 -11.24
CA GLY B 355 4.50 -18.18 -9.91
C GLY B 355 3.18 -18.14 -9.15
N ALA B 356 2.14 -17.51 -9.70
CA ALA B 356 0.89 -17.32 -8.97
C ALA B 356 0.11 -18.62 -8.84
N GLU B 357 -0.47 -18.83 -7.66
CA GLU B 357 -1.25 -20.04 -7.39
C GLU B 357 -2.73 -19.73 -7.41
N HIS B 358 -3.52 -20.79 -7.40
CA HIS B 358 -4.95 -20.64 -7.22
C HIS B 358 -5.26 -20.17 -5.81
N THR B 359 -6.29 -19.34 -5.70
CA THR B 359 -6.73 -18.81 -4.41
C THR B 359 -8.18 -19.16 -4.17
N ASP B 360 -8.67 -18.92 -2.95
CA ASP B 360 -10.03 -19.29 -2.62
C ASP B 360 -10.98 -18.10 -2.64
N ASN B 361 -10.66 -17.05 -3.39
CA ASN B 361 -11.51 -15.86 -3.51
C ASN B 361 -12.12 -15.80 -4.92
N SER B 362 -13.44 -15.88 -4.99
CA SER B 362 -14.13 -15.92 -6.27
C SER B 362 -14.10 -14.58 -7.01
N LYS B 363 -13.54 -13.54 -6.38
CA LYS B 363 -13.30 -12.27 -7.04
C LYS B 363 -11.89 -12.13 -7.58
N ASP B 364 -11.01 -13.10 -7.29
CA ASP B 364 -9.61 -13.03 -7.68
C ASP B 364 -9.43 -13.58 -9.10
N LEU B 365 -8.48 -12.98 -9.83
CA LEU B 365 -8.10 -13.52 -11.12
C LEU B 365 -7.64 -14.97 -11.02
N MET B 366 -7.02 -15.35 -9.90
CA MET B 366 -6.44 -16.68 -9.73
C MET B 366 -7.40 -17.68 -9.06
N TYR B 367 -8.71 -17.41 -9.07
CA TYR B 367 -9.69 -18.42 -8.68
C TYR B 367 -9.67 -19.56 -9.69
N ALA B 368 -9.87 -20.79 -9.21
CA ALA B 368 -9.68 -21.93 -10.09
C ALA B 368 -10.82 -22.14 -11.08
N THR B 369 -12.00 -21.59 -10.84
CA THR B 369 -13.05 -21.57 -11.85
C THR B 369 -13.24 -20.15 -12.37
N PHE B 370 -13.75 -20.03 -13.60
CA PHE B 370 -13.74 -18.75 -14.29
C PHE B 370 -14.66 -17.75 -13.62
N THR B 371 -14.10 -16.59 -13.26
CA THR B 371 -14.80 -15.52 -12.55
C THR B 371 -15.08 -14.30 -13.41
N GLY B 372 -14.28 -14.04 -14.44
CA GLY B 372 -14.38 -12.82 -15.19
C GLY B 372 -13.61 -11.65 -14.63
N TYR B 373 -12.92 -11.84 -13.50
CA TYR B 373 -12.18 -10.74 -12.87
C TYR B 373 -10.72 -10.74 -13.31
N LEU B 374 -10.07 -9.60 -13.11
CA LEU B 374 -8.86 -9.28 -13.84
C LEU B 374 -7.69 -8.85 -12.99
N SER B 375 -7.82 -8.83 -11.66
CA SER B 375 -6.77 -8.28 -10.81
C SER B 375 -6.28 -9.30 -9.79
N HIS B 376 -4.99 -9.20 -9.44
CA HIS B 376 -4.42 -10.06 -8.41
C HIS B 376 -4.75 -9.47 -7.04
N LEU B 377 -5.44 -10.26 -6.21
CA LEU B 377 -5.82 -9.84 -4.87
C LEU B 377 -4.98 -10.47 -3.78
N SER B 378 -4.27 -11.56 -4.07
CA SER B 378 -3.54 -12.33 -3.07
C SER B 378 -2.16 -11.74 -2.87
N GLU B 379 -1.84 -11.36 -1.62
CA GLU B 379 -0.50 -10.84 -1.36
C GLU B 379 0.59 -11.86 -1.69
N LYS B 380 0.32 -13.15 -1.48
CA LYS B 380 1.29 -14.18 -1.82
C LYS B 380 1.57 -14.15 -3.32
N ASN B 381 0.53 -14.09 -4.11
CA ASN B 381 0.75 -14.02 -5.53
C ASN B 381 1.49 -12.76 -5.98
N MET B 382 1.17 -11.61 -5.39
CA MET B 382 1.81 -10.36 -5.73
C MET B 382 3.28 -10.40 -5.44
N ASP B 383 3.62 -10.96 -4.31
CA ASP B 383 4.99 -11.01 -3.94
C ASP B 383 5.84 -11.90 -4.82
N ILE B 384 5.30 -12.99 -5.31
CA ILE B 384 6.14 -13.91 -6.09
C ILE B 384 6.21 -13.45 -7.53
N ILE B 385 5.09 -13.01 -8.10
CA ILE B 385 5.11 -12.37 -9.42
C ILE B 385 6.18 -11.27 -9.48
N ALA B 386 6.13 -10.36 -8.55
CA ALA B 386 7.09 -9.27 -8.57
C ALA B 386 8.52 -9.73 -8.42
N LYS B 387 8.76 -10.68 -7.54
CA LYS B 387 10.10 -11.18 -7.35
C LYS B 387 10.63 -11.76 -8.64
N ASN B 388 9.83 -12.55 -9.29
CA ASN B 388 10.22 -13.14 -10.54
C ASN B 388 10.55 -12.10 -11.60
N LEU B 389 10.05 -10.89 -11.43
CA LEU B 389 10.32 -9.81 -12.36
C LEU B 389 11.37 -8.84 -11.83
N GLY B 390 12.02 -9.15 -10.72
CA GLY B 390 13.18 -8.39 -10.29
C GLY B 390 12.95 -7.41 -9.16
N TRP B 391 11.76 -7.36 -8.59
CA TRP B 391 11.49 -6.45 -7.49
C TRP B 391 11.88 -7.09 -6.17
N GLU B 392 12.23 -6.24 -5.21
CA GLU B 392 12.39 -6.63 -3.80
C GLU B 392 11.71 -5.56 -2.95
N ALA B 393 11.33 -5.96 -1.73
CA ALA B 393 10.56 -5.06 -0.86
C ALA B 393 11.31 -3.78 -0.56
N ALA B 394 12.64 -3.83 -0.52
CA ALA B 394 13.48 -2.65 -0.31
C ALA B 394 13.40 -1.62 -1.44
N ASP B 395 12.81 -1.97 -2.59
CA ASP B 395 12.61 -1.02 -3.69
C ASP B 395 11.35 -0.18 -3.53
N GLY B 396 10.43 -0.55 -2.65
CA GLY B 396 9.17 0.16 -2.58
C GLY B 396 8.25 -0.14 -3.75
N ASP B 397 7.04 0.40 -3.69
CA ASP B 397 6.03 0.21 -4.71
C ASP B 397 6.13 1.32 -5.74
N GLN C 1 -17.38 -16.01 0.99
CA GLN C 1 -18.07 -16.93 1.88
C GLN C 1 -17.08 -17.94 2.49
N VAL C 2 -15.80 -17.56 2.55
CA VAL C 2 -14.83 -18.26 3.38
C VAL C 2 -15.13 -17.97 4.85
N GLN C 3 -15.09 -19.01 5.69
CA GLN C 3 -15.43 -18.90 7.11
C GLN C 3 -14.20 -18.64 7.98
N LEU C 4 -14.33 -17.65 8.89
CA LEU C 4 -13.36 -17.37 9.95
C LEU C 4 -14.07 -17.32 11.30
N GLN C 5 -13.35 -17.73 12.36
CA GLN C 5 -13.92 -17.92 13.69
C GLN C 5 -12.90 -17.56 14.77
N GLU C 6 -13.18 -16.50 15.54
CA GLU C 6 -12.36 -16.12 16.67
C GLU C 6 -12.73 -16.89 17.94
N SER C 7 -11.77 -16.93 18.86
CA SER C 7 -11.90 -17.59 20.15
C SER C 7 -10.80 -17.06 21.04
N GLY C 8 -10.98 -17.19 22.35
CA GLY C 8 -9.98 -16.78 23.33
C GLY C 8 -10.32 -15.54 24.13
N GLY C 9 -11.34 -14.78 23.73
CA GLY C 9 -11.72 -13.61 24.50
C GLY C 9 -12.24 -13.99 25.87
N GLY C 10 -12.25 -13.01 26.76
CA GLY C 10 -12.74 -13.24 28.10
C GLY C 10 -12.51 -12.01 28.96
N LEU C 11 -12.55 -12.23 30.26
CA LEU C 11 -12.35 -11.17 31.24
C LEU C 11 -10.95 -11.30 31.82
N VAL C 12 -10.27 -10.18 31.95
CA VAL C 12 -8.91 -10.17 32.45
C VAL C 12 -8.73 -8.85 33.16
N GLN C 13 -7.91 -8.84 34.22
CA GLN C 13 -7.72 -7.57 34.89
C GLN C 13 -6.49 -6.87 34.35
N ALA C 14 -6.47 -5.55 34.49
CA ALA C 14 -5.45 -4.70 33.88
C ALA C 14 -4.07 -5.25 34.15
N GLY C 15 -3.18 -5.05 33.19
CA GLY C 15 -1.86 -5.65 33.23
C GLY C 15 -1.82 -7.12 32.86
N GLY C 16 -2.96 -7.79 32.85
CA GLY C 16 -3.00 -9.20 32.55
C GLY C 16 -2.69 -9.49 31.09
N SER C 17 -2.71 -10.79 30.76
CA SER C 17 -2.46 -11.24 29.40
C SER C 17 -3.58 -12.16 28.93
N LEU C 18 -3.58 -12.39 27.61
CA LEU C 18 -4.70 -12.99 26.91
C LEU C 18 -4.25 -13.32 25.50
N ARG C 19 -4.60 -14.50 25.01
CA ARG C 19 -4.17 -14.92 23.70
C ARG C 19 -5.38 -15.29 22.86
N LEU C 20 -5.63 -14.52 21.83
CA LEU C 20 -6.71 -14.73 20.91
C LEU C 20 -6.28 -15.56 19.73
N SER C 21 -7.23 -16.20 19.10
CA SER C 21 -6.97 -17.02 17.97
C SER C 21 -8.09 -16.91 16.91
N CYS C 22 -7.73 -17.07 15.65
CA CYS C 22 -8.63 -16.97 14.53
C CYS C 22 -8.42 -18.17 13.64
N THR C 23 -9.44 -18.94 13.41
CA THR C 23 -9.31 -20.19 12.68
C THR C 23 -9.93 -20.04 11.30
N TYR C 24 -9.15 -20.34 10.26
CA TYR C 24 -9.52 -20.12 8.87
C TYR C 24 -10.00 -21.41 8.23
N SER C 25 -11.14 -21.35 7.53
CA SER C 25 -11.74 -22.56 6.99
C SER C 25 -11.59 -22.71 5.47
N GLY C 26 -10.95 -21.75 4.79
CA GLY C 26 -10.86 -21.82 3.34
C GLY C 26 -9.69 -22.66 2.85
N GLN C 27 -9.66 -22.89 1.53
CA GLN C 27 -8.63 -23.75 0.94
C GLN C 27 -7.24 -23.14 1.01
N THR C 28 -7.11 -21.82 0.91
CA THR C 28 -5.80 -21.20 0.68
C THR C 28 -5.53 -20.10 1.70
N PHE C 29 -5.38 -20.49 2.97
CA PHE C 29 -5.01 -19.55 4.03
C PHE C 29 -3.81 -18.68 3.65
N SER C 30 -2.72 -19.30 3.15
CA SER C 30 -1.50 -18.53 2.91
C SER C 30 -1.58 -17.60 1.71
N ALA C 31 -2.68 -17.58 0.95
CA ALA C 31 -2.79 -16.62 -0.13
C ALA C 31 -2.87 -15.20 0.37
N TRP C 32 -3.31 -14.98 1.62
CA TRP C 32 -3.76 -13.67 2.09
C TRP C 32 -2.95 -13.14 3.28
N ALA C 33 -2.68 -11.83 3.25
CA ALA C 33 -2.42 -11.09 4.47
C ALA C 33 -3.65 -11.15 5.37
N MET C 34 -3.44 -11.01 6.69
CA MET C 34 -4.40 -11.23 7.75
C MET C 34 -4.36 -10.04 8.69
N GLY C 35 -5.51 -9.67 9.25
CA GLY C 35 -5.56 -8.56 10.19
C GLY C 35 -6.43 -8.88 11.39
N TRP C 36 -6.07 -8.30 12.53
CA TRP C 36 -6.95 -8.24 13.69
C TRP C 36 -7.48 -6.82 13.84
N PHE C 37 -8.77 -6.72 14.18
CA PHE C 37 -9.47 -5.44 14.33
C PHE C 37 -10.28 -5.46 15.62
N ARG C 38 -10.70 -4.28 16.09
CA ARG C 38 -11.47 -4.27 17.33
C ARG C 38 -12.52 -3.15 17.31
N GLN C 39 -13.64 -3.41 17.97
CA GLN C 39 -14.79 -2.49 17.93
C GLN C 39 -15.42 -2.39 19.32
N ALA C 40 -15.25 -1.27 19.95
CA ALA C 40 -15.98 -1.07 21.19
C ALA C 40 -17.30 -0.36 20.92
N PRO C 41 -18.34 -0.68 21.70
CA PRO C 41 -19.68 -0.13 21.46
C PRO C 41 -19.71 1.39 21.34
N GLY C 42 -20.42 1.87 20.33
CA GLY C 42 -20.52 3.29 20.08
C GLY C 42 -19.37 3.88 19.29
N LYS C 43 -18.24 3.18 19.26
CA LYS C 43 -17.00 3.63 18.60
C LYS C 43 -16.73 2.94 17.28
N GLU C 44 -15.85 3.50 16.46
CA GLU C 44 -15.68 2.84 15.17
C GLU C 44 -14.69 1.69 15.28
N ARG C 45 -14.92 0.68 14.45
CA ARG C 45 -13.99 -0.42 14.37
C ARG C 45 -12.67 0.09 13.83
N GLU C 46 -11.56 -0.41 14.40
CA GLU C 46 -10.24 0.09 14.07
C GLU C 46 -9.24 -1.06 13.91
N THR C 47 -8.24 -0.83 13.06
CA THR C 47 -7.18 -1.79 12.84
C THR C 47 -6.34 -1.95 14.10
N VAL C 48 -6.04 -3.20 14.45
CA VAL C 48 -5.17 -3.51 15.58
C VAL C 48 -3.79 -3.91 15.09
N ALA C 49 -3.74 -4.95 14.27
CA ALA C 49 -2.48 -5.38 13.70
C ALA C 49 -2.78 -6.15 12.41
N THR C 50 -1.82 -6.15 11.50
CA THR C 50 -1.93 -6.94 10.29
C THR C 50 -0.61 -7.68 10.10
N ILE C 51 -0.67 -8.77 9.35
CA ILE C 51 0.48 -9.64 9.16
C ILE C 51 0.47 -10.14 7.72
N ASN C 52 1.65 -10.16 7.10
CA ASN C 52 1.70 -10.56 5.70
C ASN C 52 1.51 -12.07 5.57
N TRP C 53 1.39 -12.53 4.32
CA TRP C 53 0.93 -13.89 4.04
C TRP C 53 1.85 -14.97 4.64
N ASN C 54 3.15 -14.72 4.73
CA ASN C 54 4.07 -15.75 5.21
C ASN C 54 4.45 -15.58 6.66
N GLY C 55 3.91 -14.56 7.33
CA GLY C 55 4.07 -14.44 8.76
C GLY C 55 5.31 -13.70 9.18
N GLU C 56 6.07 -13.18 8.22
CA GLU C 56 7.36 -12.57 8.48
C GLU C 56 7.33 -11.05 8.66
N ARG C 57 6.34 -10.35 8.12
CA ARG C 57 6.25 -8.90 8.29
C ARG C 57 4.97 -8.54 9.03
N THR C 58 5.08 -7.64 10.02
CA THR C 58 3.91 -7.24 10.78
C THR C 58 3.82 -5.72 10.83
N GLN C 59 2.64 -5.25 11.25
CA GLN C 59 2.36 -3.84 11.38
C GLN C 59 1.34 -3.69 12.49
N TYR C 60 1.52 -2.67 13.34
CA TYR C 60 0.72 -2.49 14.53
C TYR C 60 0.18 -1.09 14.58
N ALA C 61 -1.01 -0.96 15.15
CA ALA C 61 -1.52 0.36 15.53
C ALA C 61 -0.66 0.92 16.65
N ASP C 62 -0.41 2.23 16.60
CA ASP C 62 0.36 2.90 17.63
C ASP C 62 -0.10 2.56 19.04
N ALA C 63 -1.41 2.33 19.21
CA ALA C 63 -1.98 2.16 20.55
C ALA C 63 -1.65 0.80 21.16
N VAL C 64 -1.13 -0.14 20.38
CA VAL C 64 -0.84 -1.49 20.87
C VAL C 64 0.63 -1.84 20.60
N LYS C 65 1.32 -1.01 19.83
CA LYS C 65 2.72 -1.26 19.51
C LYS C 65 3.51 -1.53 20.79
N GLY C 66 4.16 -2.68 20.84
CA GLY C 66 4.97 -3.05 21.96
C GLY C 66 4.28 -3.93 22.97
N ARG C 67 2.94 -3.97 22.95
CA ARG C 67 2.19 -4.79 23.91
C ARG C 67 1.55 -6.01 23.27
N PHE C 68 1.16 -5.89 22.00
CA PHE C 68 0.48 -6.96 21.28
C PHE C 68 1.42 -7.52 20.24
N THR C 69 1.29 -8.80 19.95
CA THR C 69 2.08 -9.31 18.85
C THR C 69 1.22 -10.28 18.05
N ILE C 70 1.19 -10.09 16.73
CA ILE C 70 0.38 -10.88 15.81
C ILE C 70 1.28 -11.89 15.11
N SER C 71 0.80 -13.12 14.97
CA SER C 71 1.57 -14.16 14.31
C SER C 71 0.59 -15.12 13.67
N ARG C 72 1.12 -16.00 12.81
CA ARG C 72 0.26 -16.95 12.14
C ARG C 72 0.98 -18.30 12.05
N ASP C 73 0.17 -19.34 11.85
CA ASP C 73 0.64 -20.71 11.66
C ASP C 73 -0.01 -21.21 10.39
N ASN C 74 0.75 -21.24 9.29
CA ASN C 74 0.15 -21.59 8.01
C ASN C 74 -0.09 -23.08 7.86
N ALA C 75 0.43 -23.91 8.76
CA ALA C 75 0.06 -25.32 8.73
C ALA C 75 -1.25 -25.58 9.48
N LYS C 76 -1.58 -24.77 10.48
CA LYS C 76 -2.84 -24.93 11.18
C LYS C 76 -3.91 -23.92 10.77
N ASP C 77 -3.67 -23.14 9.73
CA ASP C 77 -4.69 -22.22 9.21
C ASP C 77 -5.22 -21.27 10.28
N THR C 78 -4.31 -20.72 11.11
CA THR C 78 -4.72 -19.96 12.29
C THR C 78 -3.87 -18.70 12.44
N VAL C 79 -4.51 -17.58 12.82
CA VAL C 79 -3.84 -16.34 13.18
C VAL C 79 -4.00 -16.14 14.68
N TYR C 80 -2.98 -15.54 15.33
CA TYR C 80 -2.96 -15.35 16.76
C TYR C 80 -2.73 -13.88 17.10
N LEU C 81 -3.29 -13.45 18.23
CA LEU C 81 -3.01 -12.14 18.80
C LEU C 81 -2.62 -12.30 20.26
N GLU C 82 -1.35 -12.08 20.56
CA GLU C 82 -0.86 -12.12 21.92
C GLU C 82 -1.02 -10.72 22.54
N MET C 83 -1.83 -10.62 23.58
CA MET C 83 -2.08 -9.31 24.19
C MET C 83 -1.50 -9.35 25.60
N ASN C 84 -0.49 -8.51 25.85
CA ASN C 84 0.05 -8.30 27.18
C ASN C 84 -0.16 -6.86 27.60
N SER C 85 0.08 -6.58 28.88
CA SER C 85 -0.04 -5.24 29.42
C SER C 85 -1.42 -4.66 29.15
N LEU C 86 -2.44 -5.50 29.27
CA LEU C 86 -3.78 -5.13 28.84
C LEU C 86 -4.30 -3.96 29.65
N LYS C 87 -4.84 -2.97 28.96
CA LYS C 87 -5.40 -1.77 29.54
C LYS C 87 -6.92 -1.79 29.40
N PRO C 88 -7.64 -1.13 30.32
CA PRO C 88 -9.10 -1.00 30.13
C PRO C 88 -9.51 -0.50 28.75
N GLU C 89 -8.74 0.39 28.12
CA GLU C 89 -9.12 0.84 26.78
C GLU C 89 -9.02 -0.27 25.73
N ASP C 90 -8.40 -1.39 26.05
CA ASP C 90 -8.39 -2.50 25.12
C ASP C 90 -9.74 -3.21 25.06
N THR C 91 -10.68 -2.86 25.94
CA THR C 91 -11.99 -3.50 25.96
C THR C 91 -12.73 -3.27 24.65
N ALA C 92 -13.19 -4.36 24.03
CA ALA C 92 -13.79 -4.29 22.71
C ALA C 92 -14.13 -5.70 22.30
N VAL C 93 -14.88 -5.81 21.21
CA VAL C 93 -14.98 -7.05 20.45
C VAL C 93 -13.82 -7.07 19.46
N TYR C 94 -13.08 -8.18 19.43
CA TYR C 94 -11.94 -8.33 18.54
C TYR C 94 -12.33 -9.23 17.37
N TYR C 95 -12.10 -8.75 16.15
CA TYR C 95 -12.42 -9.47 14.92
C TYR C 95 -11.14 -9.77 14.16
N CYS C 96 -11.14 -10.87 13.42
CA CYS C 96 -10.08 -11.14 12.47
C CYS C 96 -10.65 -11.18 11.07
N ALA C 97 -9.78 -10.98 10.08
CA ALA C 97 -10.25 -10.90 8.72
C ALA C 97 -9.13 -11.26 7.76
N SER C 98 -9.48 -11.97 6.69
CA SER C 98 -8.59 -12.11 5.56
CA SER C 98 -8.59 -12.11 5.57
C SER C 98 -8.61 -10.81 4.77
N MET C 99 -7.47 -10.45 4.22
CA MET C 99 -7.29 -9.17 3.56
C MET C 99 -6.93 -9.33 2.08
N MET C 100 -7.51 -8.47 1.27
CA MET C 100 -7.14 -8.31 -0.12
C MET C 100 -5.94 -7.38 -0.19
N GLY C 101 -4.99 -7.68 -1.09
CA GLY C 101 -3.82 -6.82 -1.23
C GLY C 101 -2.72 -7.06 -0.20
N THR C 102 -1.96 -6.00 0.10
CA THR C 102 -0.77 -6.13 0.95
C THR C 102 -1.12 -5.98 2.42
N TYR C 103 -0.17 -6.35 3.28
CA TYR C 103 -0.47 -6.25 4.70
C TYR C 103 -0.54 -4.82 5.17
N TYR C 104 0.04 -3.88 4.44
CA TYR C 104 0.13 -2.49 4.87
C TYR C 104 -0.83 -1.56 4.15
N SER C 105 -1.35 -1.98 3.01
CA SER C 105 -2.23 -1.11 2.24
C SER C 105 -3.43 -1.86 1.68
N GLY C 106 -3.59 -3.14 2.00
CA GLY C 106 -4.76 -3.89 1.59
C GLY C 106 -5.92 -3.70 2.56
N SER C 107 -7.07 -4.29 2.19
CA SER C 107 -8.31 -4.05 2.93
C SER C 107 -9.03 -5.36 3.28
N PRO C 108 -9.65 -5.42 4.46
CA PRO C 108 -10.28 -6.68 4.89
C PRO C 108 -11.51 -7.01 4.05
N LYS C 109 -11.75 -8.32 3.89
CA LYS C 109 -12.82 -8.80 3.05
C LYS C 109 -13.72 -9.83 3.74
N ASN C 110 -13.15 -10.86 4.36
CA ASN C 110 -13.95 -11.86 5.05
C ASN C 110 -13.71 -11.76 6.55
N TRP C 111 -14.80 -11.59 7.31
CA TRP C 111 -14.75 -11.33 8.74
C TRP C 111 -15.21 -12.56 9.53
N GLY C 112 -14.64 -12.73 10.72
CA GLY C 112 -15.24 -13.59 11.73
C GLY C 112 -16.29 -12.81 12.51
N GLN C 113 -16.96 -13.51 13.42
CA GLN C 113 -18.04 -12.86 14.14
C GLN C 113 -17.60 -12.12 15.39
N GLY C 114 -16.33 -12.22 15.76
CA GLY C 114 -15.84 -11.46 16.89
C GLY C 114 -15.84 -12.25 18.19
N THR C 115 -14.92 -11.89 19.08
CA THR C 115 -14.84 -12.43 20.42
C THR C 115 -14.64 -11.27 21.39
N GLN C 116 -15.36 -11.29 22.52
CA GLN C 116 -15.36 -10.15 23.42
C GLN C 116 -14.15 -10.19 24.34
N VAL C 117 -13.57 -9.02 24.59
CA VAL C 117 -12.42 -8.87 25.48
C VAL C 117 -12.70 -7.75 26.47
N THR C 118 -12.64 -8.05 27.77
CA THR C 118 -12.90 -7.06 28.80
C THR C 118 -11.77 -6.98 29.82
N VAL C 119 -11.22 -5.81 29.99
CA VAL C 119 -10.15 -5.56 30.93
C VAL C 119 -10.69 -4.69 32.04
N SER C 120 -10.73 -5.22 33.25
CA SER C 120 -11.26 -4.49 34.38
C SER C 120 -10.27 -3.56 35.05
N SER C 121 -10.79 -2.63 35.81
CA SER C 121 -9.96 -1.74 36.58
C SER C 121 -10.03 -2.12 38.04
N GLN D 1 29.86 -12.97 4.99
CA GLN D 1 29.11 -13.60 6.06
C GLN D 1 29.58 -13.13 7.44
N VAL D 2 30.05 -11.89 7.53
CA VAL D 2 30.16 -11.24 8.83
C VAL D 2 28.76 -10.90 9.34
N GLN D 3 28.55 -10.98 10.66
CA GLN D 3 27.21 -10.81 11.24
C GLN D 3 27.05 -9.46 11.95
N LEU D 4 25.87 -8.85 11.80
CA LEU D 4 25.47 -7.59 12.45
C LEU D 4 24.08 -7.74 13.07
N GLN D 5 23.81 -6.96 14.13
CA GLN D 5 22.57 -7.10 14.93
C GLN D 5 22.09 -5.72 15.40
N GLU D 6 20.95 -5.26 14.89
CA GLU D 6 20.35 -4.04 15.40
C GLU D 6 19.69 -4.29 16.77
N SER D 7 19.45 -3.20 17.49
CA SER D 7 18.73 -3.24 18.76
C SER D 7 18.39 -1.81 19.20
N GLY D 8 17.42 -1.71 20.12
CA GLY D 8 17.01 -0.43 20.65
C GLY D 8 15.76 0.18 20.05
N GLY D 9 15.07 -0.52 19.15
CA GLY D 9 13.85 0.03 18.56
C GLY D 9 12.64 -0.10 19.49
N GLY D 10 11.59 0.63 19.16
CA GLY D 10 10.39 0.58 19.98
C GLY D 10 9.52 1.79 19.75
N LEU D 11 8.62 2.03 20.71
CA LEU D 11 7.60 3.06 20.62
C LEU D 11 8.07 4.31 21.34
N VAL D 12 7.89 5.46 20.70
CA VAL D 12 8.32 6.78 21.19
C VAL D 12 7.34 7.78 20.64
N GLN D 13 6.91 8.72 21.47
CA GLN D 13 6.03 9.74 20.93
C GLN D 13 6.81 10.93 20.44
N ALA D 14 6.20 11.68 19.52
CA ALA D 14 6.87 12.76 18.82
C ALA D 14 7.58 13.69 19.78
N GLY D 15 8.73 14.21 19.33
CA GLY D 15 9.61 15.01 20.13
C GLY D 15 10.53 14.24 21.05
N GLY D 16 10.28 12.96 21.25
CA GLY D 16 11.14 12.13 22.08
C GLY D 16 12.41 11.70 21.36
N SER D 17 13.16 10.84 22.05
CA SER D 17 14.50 10.42 21.67
C SER D 17 14.65 8.92 21.78
N LEU D 18 15.51 8.35 20.94
CA LEU D 18 15.75 6.91 20.91
C LEU D 18 17.19 6.66 20.46
N ARG D 19 17.79 5.60 20.99
CA ARG D 19 19.17 5.26 20.67
C ARG D 19 19.24 3.85 20.10
N LEU D 20 19.63 3.73 18.84
CA LEU D 20 19.77 2.43 18.20
C LEU D 20 21.20 1.92 18.34
N SER D 21 21.34 0.61 18.49
CA SER D 21 22.63 -0.05 18.60
C SER D 21 22.79 -1.08 17.48
N CYS D 22 24.02 -1.25 17.01
CA CYS D 22 24.36 -2.19 15.95
C CYS D 22 25.64 -2.89 16.35
N THR D 23 25.55 -4.19 16.67
CA THR D 23 26.68 -4.97 17.15
C THR D 23 27.27 -5.81 16.02
N TYR D 24 28.58 -5.78 15.90
CA TYR D 24 29.29 -6.32 14.75
C TYR D 24 30.00 -7.59 15.19
N SER D 25 29.75 -8.71 14.49
CA SER D 25 30.31 -10.04 14.86
C SER D 25 31.43 -10.44 13.90
N GLY D 26 32.52 -9.68 13.95
CA GLY D 26 33.52 -9.78 12.89
C GLY D 26 34.88 -9.38 13.40
N GLN D 27 35.90 -9.79 12.65
CA GLN D 27 37.29 -9.58 13.07
C GLN D 27 37.76 -8.14 12.94
N THR D 28 37.36 -7.42 11.89
CA THR D 28 37.96 -6.11 11.62
C THR D 28 36.86 -5.05 11.46
N PHE D 29 36.12 -4.82 12.55
CA PHE D 29 35.11 -3.77 12.57
C PHE D 29 35.66 -2.45 12.06
N SER D 30 36.85 -2.07 12.51
CA SER D 30 37.41 -0.76 12.18
C SER D 30 37.90 -0.64 10.73
N ALA D 31 37.96 -1.75 9.98
CA ALA D 31 38.33 -1.63 8.59
C ALA D 31 37.28 -0.88 7.77
N TRP D 32 36.02 -0.83 8.24
CA TRP D 32 34.92 -0.46 7.37
C TRP D 32 34.18 0.80 7.83
N ALA D 33 33.82 1.63 6.87
CA ALA D 33 32.76 2.61 7.09
C ALA D 33 31.42 1.89 7.29
N MET D 34 30.52 2.53 8.04
CA MET D 34 29.27 1.93 8.49
C MET D 34 28.12 2.86 8.12
N GLY D 35 26.93 2.30 7.90
CA GLY D 35 25.78 3.12 7.57
C GLY D 35 24.50 2.68 8.25
N TRP D 36 23.61 3.64 8.49
CA TRP D 36 22.24 3.39 8.96
C TRP D 36 21.25 3.71 7.85
N PHE D 37 20.31 2.79 7.63
CA PHE D 37 19.28 2.91 6.60
C PHE D 37 17.93 2.70 7.24
N ARG D 38 16.87 3.19 6.59
CA ARG D 38 15.53 2.92 7.08
C ARG D 38 14.59 2.66 5.91
N GLN D 39 13.54 1.90 6.20
CA GLN D 39 12.59 1.50 5.17
C GLN D 39 11.22 1.30 5.80
N ALA D 40 10.22 1.99 5.28
CA ALA D 40 8.83 1.86 5.68
C ALA D 40 8.08 1.00 4.68
N PRO D 41 6.99 0.33 5.10
CA PRO D 41 6.26 -0.55 4.18
C PRO D 41 5.77 0.20 2.94
N GLY D 42 5.94 -0.44 1.78
CA GLY D 42 5.62 0.13 0.49
C GLY D 42 6.60 1.18 -0.01
N LYS D 43 7.50 1.66 0.84
CA LYS D 43 8.44 2.71 0.49
C LYS D 43 9.82 2.10 0.26
N GLU D 44 10.66 2.84 -0.46
CA GLU D 44 11.97 2.30 -0.76
C GLU D 44 12.94 2.57 0.40
N ARG D 45 13.86 1.63 0.60
CA ARG D 45 14.90 1.81 1.61
C ARG D 45 15.81 3.00 1.25
N GLU D 46 16.13 3.81 2.25
CA GLU D 46 16.87 5.04 2.05
C GLU D 46 18.00 5.13 3.08
N THR D 47 19.02 5.91 2.73
CA THR D 47 20.13 6.17 3.64
C THR D 47 19.74 7.20 4.71
N VAL D 48 20.15 6.93 5.95
CA VAL D 48 19.91 7.85 7.05
C VAL D 48 21.21 8.57 7.36
N ALA D 49 22.24 7.80 7.72
CA ALA D 49 23.55 8.36 8.04
C ALA D 49 24.66 7.35 7.75
N THR D 50 25.84 7.85 7.39
CA THR D 50 27.02 7.01 7.32
C THR D 50 28.13 7.68 8.12
N ILE D 51 29.10 6.85 8.51
CA ILE D 51 30.23 7.24 9.34
C ILE D 51 31.46 6.52 8.80
N ASN D 52 32.62 7.18 8.89
CA ASN D 52 33.84 6.62 8.31
C ASN D 52 34.46 5.62 9.28
N TRP D 53 35.61 5.04 8.89
CA TRP D 53 36.14 3.87 9.58
C TRP D 53 36.54 4.19 11.01
N ASN D 54 37.03 5.41 11.27
CA ASN D 54 37.49 5.78 12.60
C ASN D 54 36.50 6.63 13.37
N GLY D 55 35.30 6.85 12.83
CA GLY D 55 34.27 7.59 13.54
C GLY D 55 34.42 9.10 13.53
N GLU D 56 35.39 9.64 12.79
CA GLU D 56 35.60 11.09 12.82
C GLU D 56 34.89 11.83 11.70
N ARG D 57 34.34 11.13 10.71
CA ARG D 57 33.63 11.77 9.60
C ARG D 57 32.24 11.18 9.46
N THR D 58 31.28 12.02 9.07
CA THR D 58 29.88 11.61 9.02
C THR D 58 29.18 12.29 7.85
N GLN D 59 28.09 11.65 7.39
CA GLN D 59 27.24 12.16 6.33
C GLN D 59 25.78 11.89 6.69
N TYR D 60 24.90 12.88 6.58
CA TYR D 60 23.52 12.73 7.02
C TYR D 60 22.55 13.02 5.88
N ALA D 61 21.50 12.21 5.76
CA ALA D 61 20.36 12.62 4.94
C ALA D 61 19.80 13.94 5.44
N ASP D 62 19.39 14.82 4.50
CA ASP D 62 18.87 16.13 4.88
C ASP D 62 17.78 16.03 5.94
N ALA D 63 16.85 15.09 5.74
CA ALA D 63 15.66 15.02 6.58
C ALA D 63 15.95 14.68 8.03
N VAL D 64 17.13 14.15 8.34
CA VAL D 64 17.47 13.88 9.73
C VAL D 64 18.58 14.79 10.22
N LYS D 65 19.09 15.64 9.37
CA LYS D 65 20.16 16.56 9.73
C LYS D 65 19.77 17.37 10.96
N GLY D 66 20.63 17.36 11.97
CA GLY D 66 20.38 18.10 13.19
C GLY D 66 19.71 17.30 14.28
N ARG D 67 18.87 16.34 13.93
CA ARG D 67 18.16 15.53 14.93
C ARG D 67 18.86 14.22 15.25
N PHE D 68 19.59 13.64 14.29
CA PHE D 68 20.21 12.33 14.40
C PHE D 68 21.73 12.46 14.51
N THR D 69 22.34 11.58 15.29
CA THR D 69 23.80 11.55 15.41
C THR D 69 24.30 10.11 15.31
N ILE D 70 25.01 9.79 14.24
CA ILE D 70 25.63 8.47 14.11
C ILE D 70 27.01 8.54 14.74
N SER D 71 27.38 7.48 15.49
CA SER D 71 28.69 7.37 16.11
C SER D 71 29.08 5.90 16.18
N ARG D 72 30.30 5.63 16.64
CA ARG D 72 30.77 4.26 16.75
C ARG D 72 31.81 4.17 17.86
N ASP D 73 32.07 2.93 18.28
CA ASP D 73 33.00 2.62 19.36
C ASP D 73 33.79 1.41 18.87
N ASN D 74 34.96 1.66 18.27
CA ASN D 74 35.65 0.56 17.65
C ASN D 74 36.15 -0.46 18.68
N ALA D 75 36.24 -0.08 19.95
CA ALA D 75 36.61 -1.04 20.98
C ALA D 75 35.48 -1.99 21.35
N LYS D 76 34.23 -1.59 21.15
CA LYS D 76 33.07 -2.41 21.45
C LYS D 76 32.41 -2.96 20.19
N ASP D 77 33.01 -2.71 19.03
CA ASP D 77 32.49 -3.20 17.76
C ASP D 77 31.01 -2.85 17.60
N THR D 78 30.67 -1.59 17.87
CA THR D 78 29.28 -1.15 17.81
C THR D 78 29.19 0.18 17.08
N VAL D 79 28.12 0.35 16.29
CA VAL D 79 27.77 1.65 15.73
C VAL D 79 26.37 2.03 16.23
N TYR D 80 26.22 3.28 16.66
CA TYR D 80 25.03 3.80 17.32
C TYR D 80 24.35 4.86 16.47
N LEU D 81 23.04 5.02 16.67
CA LEU D 81 22.27 6.09 16.05
C LEU D 81 21.41 6.76 17.10
N GLU D 82 21.80 7.98 17.47
CA GLU D 82 21.09 8.80 18.44
C GLU D 82 20.05 9.65 17.70
N MET D 83 18.78 9.38 17.95
CA MET D 83 17.66 10.05 17.28
C MET D 83 16.93 10.92 18.28
N ASN D 84 16.89 12.24 18.02
CA ASN D 84 16.20 13.22 18.84
C ASN D 84 15.14 13.94 18.03
N SER D 85 14.11 14.44 18.70
CA SER D 85 13.03 15.19 18.03
C SER D 85 12.36 14.33 16.98
N LEU D 86 12.07 13.08 17.36
CA LEU D 86 11.46 12.15 16.43
C LEU D 86 10.11 12.64 15.95
N LYS D 87 9.87 12.47 14.66
CA LYS D 87 8.62 12.75 13.97
C LYS D 87 7.96 11.46 13.52
N PRO D 88 6.66 11.46 13.29
CA PRO D 88 5.96 10.27 12.81
C PRO D 88 6.51 9.81 11.47
N GLU D 89 7.13 10.71 10.74
CA GLU D 89 7.71 10.29 9.48
C GLU D 89 9.06 9.54 9.60
N ASP D 90 9.63 9.48 10.80
CA ASP D 90 10.81 8.74 11.08
C ASP D 90 10.42 7.29 11.32
N THR D 91 9.13 6.99 11.34
CA THR D 91 8.71 5.62 11.62
C THR D 91 9.12 4.73 10.44
N ALA D 92 9.74 3.58 10.76
CA ALA D 92 10.31 2.66 9.77
C ALA D 92 11.08 1.52 10.42
N VAL D 93 11.44 0.51 9.65
CA VAL D 93 12.48 -0.43 10.07
C VAL D 93 13.83 0.22 9.80
N TYR D 94 14.69 0.25 10.82
CA TYR D 94 16.04 0.78 10.70
C TYR D 94 17.06 -0.36 10.60
N TYR D 95 17.91 -0.30 9.58
CA TYR D 95 18.96 -1.28 9.30
C TYR D 95 20.33 -0.63 9.42
N CYS D 96 21.30 -1.36 9.97
CA CYS D 96 22.70 -0.97 9.85
C CYS D 96 23.40 -1.87 8.83
N ALA D 97 24.52 -1.38 8.28
CA ALA D 97 25.30 -2.19 7.34
C ALA D 97 26.75 -1.76 7.35
N SER D 98 27.64 -2.73 7.08
CA SER D 98 29.02 -2.44 6.75
C SER D 98 29.10 -2.07 5.28
N MET D 99 29.99 -1.16 4.93
CA MET D 99 30.11 -0.79 3.52
C MET D 99 31.53 -0.89 2.99
N MET D 100 31.62 -1.36 1.73
CA MET D 100 32.82 -1.28 0.93
C MET D 100 33.04 0.15 0.48
N GLY D 101 34.30 0.58 0.50
CA GLY D 101 34.65 1.94 0.07
C GLY D 101 34.44 3.00 1.14
N THR D 102 34.29 4.24 0.67
CA THR D 102 34.25 5.39 1.56
C THR D 102 32.86 5.57 2.19
N TYR D 103 32.83 6.33 3.28
CA TYR D 103 31.53 6.64 3.88
C TYR D 103 30.66 7.50 2.96
N TYR D 104 31.24 8.22 1.99
CA TYR D 104 30.45 9.13 1.15
C TYR D 104 30.11 8.58 -0.23
N SER D 105 30.78 7.52 -0.68
CA SER D 105 30.50 6.96 -2.00
C SER D 105 30.57 5.44 -1.97
N GLY D 106 30.68 4.83 -0.79
CA GLY D 106 30.69 3.40 -0.68
C GLY D 106 29.30 2.77 -0.73
N SER D 107 29.29 1.46 -0.54
CA SER D 107 28.20 0.59 -0.89
C SER D 107 27.97 -0.43 0.23
N PRO D 108 26.75 -0.55 0.75
CA PRO D 108 26.51 -1.49 1.84
C PRO D 108 26.70 -2.94 1.40
N LYS D 109 27.37 -3.72 2.25
CA LYS D 109 27.61 -5.14 1.98
C LYS D 109 26.81 -6.01 2.90
N ASN D 110 27.14 -6.05 4.20
CA ASN D 110 26.50 -6.95 5.14
C ASN D 110 25.45 -6.20 5.95
N TRP D 111 24.28 -6.81 6.11
CA TRP D 111 23.14 -6.14 6.72
C TRP D 111 22.80 -6.74 8.07
N GLY D 112 22.11 -5.95 8.88
CA GLY D 112 21.39 -6.48 10.00
C GLY D 112 19.96 -6.90 9.62
N GLN D 113 19.29 -7.57 10.56
CA GLN D 113 17.92 -8.00 10.31
C GLN D 113 16.93 -6.85 10.40
N GLY D 114 17.28 -5.78 11.11
CA GLY D 114 16.44 -4.61 11.26
C GLY D 114 15.86 -4.50 12.68
N THR D 115 15.50 -3.26 13.04
CA THR D 115 14.83 -2.99 14.30
C THR D 115 13.80 -1.89 14.04
N GLN D 116 12.57 -2.10 14.55
CA GLN D 116 11.45 -1.26 14.15
C GLN D 116 11.35 -0.06 15.08
N VAL D 117 11.11 1.11 14.47
CA VAL D 117 11.02 2.37 15.21
C VAL D 117 9.67 3.00 14.90
N THR D 118 8.89 3.27 15.95
CA THR D 118 7.53 3.79 15.81
C THR D 118 7.43 5.10 16.57
N VAL D 119 7.03 6.17 15.88
CA VAL D 119 6.84 7.46 16.49
C VAL D 119 5.34 7.78 16.44
N SER D 120 4.71 7.80 17.62
CA SER D 120 3.29 8.12 17.72
C SER D 120 3.08 9.62 17.87
N SER D 121 1.83 10.04 17.73
CA SER D 121 1.48 11.44 17.95
C SER D 121 1.08 11.66 19.41
N VAL E 2 -47.38 0.50 30.53
CA VAL E 2 -46.46 -0.62 30.31
C VAL E 2 -46.11 -1.32 31.64
N GLN E 3 -46.06 -2.64 31.63
CA GLN E 3 -45.88 -3.40 32.85
C GLN E 3 -44.89 -4.54 32.64
N LEU E 4 -44.03 -4.73 33.64
CA LEU E 4 -42.89 -5.64 33.57
C LEU E 4 -43.01 -6.62 34.73
N GLN E 5 -42.88 -7.92 34.46
CA GLN E 5 -43.01 -8.91 35.53
C GLN E 5 -41.85 -9.90 35.49
N GLU E 6 -41.07 -9.94 36.57
CA GLU E 6 -40.01 -10.92 36.74
C GLU E 6 -40.56 -12.20 37.37
N SER E 7 -39.78 -13.27 37.27
CA SER E 7 -40.19 -14.56 37.78
C SER E 7 -39.03 -15.51 37.54
N GLY E 8 -39.04 -16.60 38.30
CA GLY E 8 -37.98 -17.57 38.23
C GLY E 8 -36.97 -17.48 39.34
N GLY E 9 -37.18 -16.61 40.32
CA GLY E 9 -36.28 -16.50 41.45
C GLY E 9 -36.59 -17.53 42.53
N GLY E 10 -35.88 -17.39 43.64
CA GLY E 10 -36.14 -18.20 44.81
C GLY E 10 -34.84 -18.70 45.40
N LEU E 11 -34.96 -19.73 46.24
CA LEU E 11 -33.80 -20.29 46.91
C LEU E 11 -33.02 -21.21 45.97
N VAL E 12 -31.70 -21.19 46.11
CA VAL E 12 -30.84 -22.05 45.31
C VAL E 12 -29.52 -22.20 46.04
N GLN E 13 -28.96 -23.41 45.99
CA GLN E 13 -27.68 -23.64 46.65
C GLN E 13 -26.53 -23.20 45.76
N ALA E 14 -25.41 -22.86 46.40
CA ALA E 14 -24.23 -22.38 45.70
C ALA E 14 -23.81 -23.38 44.63
N GLY E 15 -23.40 -22.86 43.46
CA GLY E 15 -23.13 -23.67 42.30
C GLY E 15 -24.32 -24.02 41.45
N GLY E 16 -25.54 -23.83 41.95
CA GLY E 16 -26.74 -24.13 41.19
C GLY E 16 -27.01 -23.11 40.09
N SER E 17 -28.23 -23.21 39.54
CA SER E 17 -28.64 -22.45 38.38
C SER E 17 -30.07 -21.96 38.52
N LEU E 18 -30.32 -20.75 38.03
CA LEU E 18 -31.66 -20.20 37.91
C LEU E 18 -31.84 -19.63 36.51
N ARG E 19 -33.09 -19.42 36.12
CA ARG E 19 -33.39 -18.80 34.85
C ARG E 19 -34.51 -17.79 35.10
N LEU E 20 -34.15 -16.52 35.25
CA LEU E 20 -35.18 -15.50 35.40
C LEU E 20 -35.82 -15.23 34.05
N SER E 21 -37.10 -14.88 34.09
CA SER E 21 -37.82 -14.41 32.92
C SER E 21 -38.48 -13.10 33.28
N CYS E 22 -38.59 -12.21 32.29
CA CYS E 22 -39.23 -10.92 32.52
C CYS E 22 -40.22 -10.69 31.38
N THR E 23 -41.50 -10.68 31.74
CA THR E 23 -42.59 -10.55 30.76
C THR E 23 -42.94 -9.08 30.60
N TYR E 24 -43.10 -8.65 29.35
CA TYR E 24 -43.37 -7.26 28.98
C TYR E 24 -44.81 -7.13 28.51
N SER E 25 -45.64 -6.48 29.29
CA SER E 25 -47.01 -6.22 28.86
C SER E 25 -47.01 -4.81 28.25
N GLY E 26 -47.02 -4.74 26.92
CA GLY E 26 -46.91 -3.46 26.28
C GLY E 26 -46.74 -3.61 24.79
N GLN E 27 -47.02 -2.54 24.06
CA GLN E 27 -47.22 -2.66 22.63
C GLN E 27 -45.92 -2.75 21.84
N THR E 28 -44.83 -2.12 22.31
CA THR E 28 -43.61 -2.05 21.50
C THR E 28 -42.41 -2.57 22.28
N PHE E 29 -42.47 -3.85 22.67
CA PHE E 29 -41.34 -4.49 23.33
C PHE E 29 -40.06 -4.36 22.51
N SER E 30 -40.17 -4.52 21.19
CA SER E 30 -38.99 -4.51 20.33
C SER E 30 -38.42 -3.11 20.10
N ALA E 31 -39.07 -2.05 20.59
CA ALA E 31 -38.52 -0.71 20.41
C ALA E 31 -37.28 -0.50 21.28
N TRP E 32 -37.21 -1.21 22.40
CA TRP E 32 -36.30 -0.84 23.48
C TRP E 32 -35.24 -1.91 23.69
N ALA E 33 -34.05 -1.44 24.05
CA ALA E 33 -33.09 -2.29 24.73
C ALA E 33 -33.62 -2.66 26.11
N MET E 34 -33.19 -3.84 26.61
CA MET E 34 -33.58 -4.29 27.94
C MET E 34 -32.35 -4.63 28.79
N GLY E 35 -32.51 -4.46 30.12
CA GLY E 35 -31.45 -4.78 31.06
C GLY E 35 -31.97 -5.52 32.28
N TRP E 36 -31.06 -6.25 32.91
CA TRP E 36 -31.26 -6.81 34.25
C TRP E 36 -30.36 -6.09 35.25
N PHE E 37 -30.92 -5.80 36.41
CA PHE E 37 -30.24 -5.08 37.48
C PHE E 37 -30.46 -5.85 38.78
N ARG E 38 -29.65 -5.54 39.80
CA ARG E 38 -29.88 -6.19 41.08
C ARG E 38 -29.48 -5.26 42.23
N GLN E 39 -30.14 -5.45 43.36
CA GLN E 39 -29.83 -4.66 44.55
C GLN E 39 -29.95 -5.54 45.79
N ALA E 40 -28.90 -5.62 46.55
CA ALA E 40 -28.89 -6.31 47.82
C ALA E 40 -29.07 -5.33 48.96
N PRO E 41 -29.63 -5.75 50.09
CA PRO E 41 -29.95 -4.80 51.17
C PRO E 41 -28.73 -3.97 51.57
N GLY E 42 -28.96 -2.66 51.69
CA GLY E 42 -27.91 -1.74 52.08
C GLY E 42 -26.81 -1.55 51.07
N LYS E 43 -26.97 -2.07 49.85
CA LYS E 43 -25.99 -1.93 48.80
C LYS E 43 -26.65 -1.18 47.63
N GLU E 44 -25.81 -0.52 46.82
CA GLU E 44 -26.32 0.15 45.65
C GLU E 44 -26.77 -0.86 44.59
N ARG E 45 -27.75 -0.44 43.80
CA ARG E 45 -28.16 -1.19 42.62
C ARG E 45 -27.00 -1.29 41.65
N GLU E 46 -26.92 -2.42 40.94
CA GLU E 46 -25.91 -2.54 39.88
C GLU E 46 -26.54 -3.17 38.64
N THR E 47 -25.97 -2.81 37.49
CA THR E 47 -26.36 -3.42 36.22
C THR E 47 -25.78 -4.83 36.13
N VAL E 48 -26.59 -5.78 35.66
CA VAL E 48 -26.12 -7.15 35.50
C VAL E 48 -25.82 -7.42 34.04
N ALA E 49 -26.82 -7.22 33.18
CA ALA E 49 -26.65 -7.38 31.75
C ALA E 49 -27.67 -6.51 31.04
N THR E 50 -27.27 -6.00 29.87
CA THR E 50 -28.16 -5.31 28.95
C THR E 50 -28.10 -6.00 27.59
N ILE E 51 -29.15 -5.80 26.79
CA ILE E 51 -29.31 -6.49 25.52
C ILE E 51 -29.94 -5.55 24.50
N ASN E 52 -29.48 -5.69 23.26
CA ASN E 52 -29.95 -5.04 22.05
C ASN E 52 -31.46 -5.07 21.92
N TRP E 53 -32.04 -4.18 21.10
CA TRP E 53 -33.48 -4.29 20.85
C TRP E 53 -33.82 -5.59 20.11
N ASN E 54 -32.91 -6.07 19.25
CA ASN E 54 -33.10 -7.32 18.52
C ASN E 54 -32.24 -8.46 19.06
N GLY E 55 -31.87 -8.42 20.33
CA GLY E 55 -31.24 -9.56 20.98
C GLY E 55 -29.87 -9.94 20.46
N GLU E 56 -29.34 -9.24 19.47
CA GLU E 56 -28.08 -9.64 18.85
C GLU E 56 -26.85 -9.16 19.60
N ARG E 57 -26.96 -8.13 20.43
CA ARG E 57 -25.78 -7.55 21.07
C ARG E 57 -26.01 -7.45 22.56
N THR E 58 -24.96 -7.76 23.34
CA THR E 58 -25.12 -7.89 24.79
C THR E 58 -23.96 -7.22 25.50
N GLN E 59 -24.19 -6.87 26.77
CA GLN E 59 -23.18 -6.28 27.64
C GLN E 59 -23.35 -6.81 29.07
N TYR E 60 -22.26 -7.30 29.67
CA TYR E 60 -22.32 -7.94 30.98
C TYR E 60 -21.47 -7.19 32.00
N ALA E 61 -21.97 -7.14 33.24
CA ALA E 61 -21.12 -6.72 34.36
C ALA E 61 -19.97 -7.71 34.54
N ASP E 62 -18.83 -7.20 35.00
CA ASP E 62 -17.64 -8.04 35.16
C ASP E 62 -17.92 -9.22 36.09
N ALA E 63 -18.61 -8.97 37.21
CA ALA E 63 -18.79 -10.04 38.19
C ALA E 63 -19.60 -11.21 37.66
N VAL E 64 -20.30 -11.04 36.54
CA VAL E 64 -21.16 -12.11 36.04
C VAL E 64 -20.75 -12.64 34.68
N LYS E 65 -19.74 -12.04 34.05
CA LYS E 65 -19.37 -12.44 32.69
C LYS E 65 -18.86 -13.86 32.69
N GLY E 66 -19.33 -14.66 31.74
CA GLY E 66 -19.03 -16.07 31.71
C GLY E 66 -20.01 -16.94 32.47
N ARG E 67 -20.75 -16.38 33.41
CA ARG E 67 -21.70 -17.10 34.24
C ARG E 67 -23.17 -16.82 33.90
N PHE E 68 -23.50 -15.59 33.50
CA PHE E 68 -24.86 -15.19 33.17
C PHE E 68 -24.98 -14.96 31.68
N THR E 69 -26.15 -15.26 31.12
CA THR E 69 -26.44 -14.98 29.72
C THR E 69 -27.78 -14.26 29.65
N ILE E 70 -27.79 -13.11 28.98
CA ILE E 70 -29.03 -12.37 28.76
C ILE E 70 -29.53 -12.70 27.37
N SER E 71 -30.82 -12.95 27.26
CA SER E 71 -31.43 -13.20 25.98
C SER E 71 -32.80 -12.53 25.98
N ARG E 72 -33.32 -12.31 24.78
CA ARG E 72 -34.68 -11.83 24.66
C ARG E 72 -35.36 -12.63 23.56
N ASP E 73 -36.66 -12.82 23.74
CA ASP E 73 -37.51 -13.36 22.68
C ASP E 73 -38.51 -12.27 22.31
N ASN E 74 -38.22 -11.56 21.21
CA ASN E 74 -39.18 -10.59 20.72
C ASN E 74 -40.45 -11.27 20.25
N ALA E 75 -40.34 -12.55 19.90
CA ALA E 75 -41.51 -13.35 19.48
C ALA E 75 -42.46 -13.60 20.63
N LYS E 76 -41.98 -13.62 21.88
CA LYS E 76 -42.85 -13.84 23.03
C LYS E 76 -42.89 -12.65 23.97
N ASP E 77 -42.19 -11.56 23.66
CA ASP E 77 -42.12 -10.36 24.50
C ASP E 77 -41.62 -10.70 25.90
N THR E 78 -40.47 -11.33 25.95
CA THR E 78 -39.90 -11.73 27.23
C THR E 78 -38.38 -11.62 27.13
N VAL E 79 -37.78 -11.19 28.23
CA VAL E 79 -36.33 -11.14 28.34
C VAL E 79 -35.93 -12.10 29.46
N TYR E 80 -34.81 -12.79 29.26
CA TYR E 80 -34.34 -13.82 30.15
C TYR E 80 -32.96 -13.51 30.69
N LEU E 81 -32.74 -13.92 31.93
CA LEU E 81 -31.40 -14.03 32.50
C LEU E 81 -31.17 -15.50 32.90
N GLU E 82 -30.26 -16.16 32.20
CA GLU E 82 -29.85 -17.51 32.57
C GLU E 82 -28.64 -17.40 33.51
N MET E 83 -28.79 -17.86 34.75
CA MET E 83 -27.73 -17.73 35.75
C MET E 83 -27.15 -19.10 36.10
N ASN E 84 -25.86 -19.28 35.88
CA ASN E 84 -25.16 -20.53 36.22
C ASN E 84 -24.10 -20.24 37.29
N SER E 85 -23.67 -21.30 37.99
CA SER E 85 -22.57 -21.21 38.96
C SER E 85 -22.80 -20.10 39.99
N LEU E 86 -23.97 -20.12 40.61
CA LEU E 86 -24.33 -19.03 41.51
C LEU E 86 -23.46 -19.04 42.76
N LYS E 87 -23.09 -17.86 43.21
CA LYS E 87 -22.31 -17.64 44.41
C LYS E 87 -23.15 -16.90 45.44
N PRO E 88 -22.80 -17.00 46.73
CA PRO E 88 -23.53 -16.22 47.74
C PRO E 88 -23.65 -14.75 47.37
N GLU E 89 -22.61 -14.17 46.78
CA GLU E 89 -22.63 -12.75 46.45
C GLU E 89 -23.58 -12.40 45.32
N ASP E 90 -24.17 -13.38 44.65
CA ASP E 90 -25.22 -13.07 43.69
C ASP E 90 -26.59 -12.92 44.34
N THR E 91 -26.68 -13.08 45.67
CA THR E 91 -27.95 -12.88 46.37
C THR E 91 -28.38 -11.42 46.27
N ALA E 92 -29.58 -11.16 45.75
CA ALA E 92 -30.15 -9.82 45.67
C ALA E 92 -31.58 -9.93 45.18
N VAL E 93 -32.31 -8.80 45.24
CA VAL E 93 -33.50 -8.61 44.42
C VAL E 93 -33.07 -8.29 42.99
N TYR E 94 -33.65 -9.02 42.03
CA TYR E 94 -33.30 -8.88 40.62
C TYR E 94 -34.47 -8.23 39.89
N TYR E 95 -34.20 -7.09 39.24
CA TYR E 95 -35.20 -6.38 38.46
C TYR E 95 -34.83 -6.34 36.99
N CYS E 96 -35.84 -6.46 36.13
CA CYS E 96 -35.69 -6.13 34.71
C CYS E 96 -36.28 -4.74 34.43
N ALA E 97 -35.84 -4.16 33.30
CA ALA E 97 -36.24 -2.80 32.97
C ALA E 97 -36.07 -2.56 31.48
N SER E 98 -37.03 -1.87 30.89
CA SER E 98 -36.83 -1.31 29.56
C SER E 98 -35.96 -0.06 29.66
N MET E 99 -35.17 0.21 28.62
CA MET E 99 -34.34 1.39 28.68
C MET E 99 -34.48 2.27 27.45
N MET E 100 -34.27 3.56 27.71
CA MET E 100 -34.11 4.60 26.70
C MET E 100 -32.71 4.53 26.12
N GLY E 101 -32.61 4.67 24.81
CA GLY E 101 -31.31 4.78 24.17
C GLY E 101 -30.67 3.43 23.88
N THR E 102 -29.35 3.44 23.80
CA THR E 102 -28.67 2.24 23.34
C THR E 102 -28.49 1.25 24.49
N TYR E 103 -28.25 -0.02 24.13
CA TYR E 103 -28.01 -1.00 25.17
C TYR E 103 -26.73 -0.71 25.96
N TYR E 104 -25.77 0.01 25.37
CA TYR E 104 -24.52 0.29 26.05
C TYR E 104 -24.51 1.62 26.80
N SER E 105 -25.30 2.62 26.38
CA SER E 105 -25.28 3.90 27.08
C SER E 105 -26.67 4.42 27.42
N GLY E 106 -27.68 3.56 27.44
CA GLY E 106 -29.02 3.98 27.74
C GLY E 106 -29.36 3.93 29.22
N SER E 107 -30.62 4.25 29.53
CA SER E 107 -31.08 4.47 30.89
C SER E 107 -32.35 3.63 31.16
N PRO E 108 -32.40 2.86 32.24
CA PRO E 108 -33.62 2.10 32.53
C PRO E 108 -34.76 3.05 32.88
N LYS E 109 -35.96 2.70 32.42
CA LYS E 109 -37.11 3.57 32.60
C LYS E 109 -38.33 2.89 33.24
N ASN E 110 -38.76 1.72 32.73
CA ASN E 110 -39.90 0.99 33.26
C ASN E 110 -39.39 -0.24 34.02
N TRP E 111 -39.57 -0.24 35.35
CA TRP E 111 -39.03 -1.31 36.18
C TRP E 111 -40.06 -2.41 36.47
N GLY E 112 -39.55 -3.61 36.72
CA GLY E 112 -40.39 -4.69 37.18
C GLY E 112 -40.60 -4.65 38.69
N GLN E 113 -41.45 -5.56 39.16
CA GLN E 113 -41.61 -5.73 40.61
C GLN E 113 -40.29 -6.14 41.25
N GLY E 114 -39.54 -7.01 40.58
CA GLY E 114 -38.31 -7.53 41.13
C GLY E 114 -38.56 -8.88 41.78
N THR E 115 -37.65 -9.83 41.60
CA THR E 115 -37.75 -11.17 42.18
C THR E 115 -36.56 -11.41 43.10
N GLN E 116 -36.78 -12.21 44.13
CA GLN E 116 -35.72 -12.50 45.09
C GLN E 116 -34.92 -13.73 44.65
N VAL E 117 -33.60 -13.62 44.78
CA VAL E 117 -32.70 -14.72 44.51
C VAL E 117 -31.84 -14.85 45.75
N THR E 118 -31.91 -15.99 46.43
CA THR E 118 -31.06 -16.23 47.59
C THR E 118 -30.23 -17.48 47.33
N VAL E 119 -28.92 -17.31 47.35
CA VAL E 119 -27.95 -18.39 47.15
C VAL E 119 -27.37 -18.73 48.52
N SER E 120 -27.43 -20.01 48.88
CA SER E 120 -27.03 -20.45 50.22
C SER E 120 -25.67 -21.12 50.17
N SER E 121 -25.13 -21.38 51.36
CA SER E 121 -23.89 -22.15 51.48
C SER E 121 -24.08 -23.35 52.41
N VAL F 34 36.00 -1.74 -41.09
CA VAL F 34 35.50 -2.67 -40.08
C VAL F 34 36.34 -2.52 -38.81
N THR F 35 35.80 -2.97 -37.67
CA THR F 35 36.51 -2.84 -36.40
C THR F 35 37.59 -3.92 -36.28
N ALA F 36 38.68 -3.56 -35.60
CA ALA F 36 39.78 -4.48 -35.38
C ALA F 36 39.37 -5.56 -34.39
N SER F 37 39.78 -6.79 -34.67
CA SER F 37 39.31 -7.92 -33.88
C SER F 37 40.44 -8.88 -33.59
N ILE F 38 40.38 -9.48 -32.41
CA ILE F 38 41.29 -10.54 -31.99
C ILE F 38 40.52 -11.84 -31.90
N ASP F 39 40.96 -12.84 -32.67
CA ASP F 39 40.35 -14.15 -32.68
C ASP F 39 41.05 -14.99 -31.63
N LEU F 40 40.41 -15.16 -30.47
CA LEU F 40 40.99 -15.92 -29.37
C LEU F 40 41.18 -17.39 -29.68
N GLN F 41 40.62 -17.89 -30.78
CA GLN F 41 40.83 -19.27 -31.18
C GLN F 41 42.22 -19.49 -31.77
N SER F 42 42.87 -18.43 -32.27
CA SER F 42 44.15 -18.56 -32.97
C SER F 42 45.15 -17.47 -32.61
N VAL F 43 44.94 -16.74 -31.51
CA VAL F 43 45.68 -15.51 -31.24
C VAL F 43 47.15 -15.82 -30.97
N SER F 44 48.04 -14.96 -31.49
CA SER F 44 49.47 -15.18 -31.41
C SER F 44 50.17 -13.93 -30.89
N TYR F 45 51.49 -14.03 -30.69
CA TYR F 45 52.24 -12.86 -30.27
C TYR F 45 52.05 -11.69 -31.23
N THR F 46 52.07 -11.94 -32.55
CA THR F 46 51.99 -10.83 -33.48
C THR F 46 50.57 -10.32 -33.67
N ASP F 47 49.56 -11.18 -33.53
CA ASP F 47 48.18 -10.70 -33.43
C ASP F 47 48.07 -9.63 -32.34
N LEU F 48 48.65 -9.90 -31.18
CA LEU F 48 48.51 -8.98 -30.04
C LEU F 48 49.36 -7.73 -30.21
N ALA F 49 50.56 -7.87 -30.78
CA ALA F 49 51.43 -6.70 -30.93
C ALA F 49 50.87 -5.74 -31.94
N THR F 50 50.48 -6.23 -33.12
CA THR F 50 50.01 -5.30 -34.14
C THR F 50 48.77 -4.55 -33.69
N GLN F 51 47.84 -5.23 -33.00
CA GLN F 51 46.67 -4.56 -32.42
C GLN F 51 47.09 -3.51 -31.40
N LEU F 52 47.77 -3.94 -30.35
CA LEU F 52 48.12 -3.04 -29.26
C LEU F 52 49.06 -1.92 -29.72
N ASN F 53 49.94 -2.20 -30.69
CA ASN F 53 50.84 -1.16 -31.19
C ASN F 53 50.11 -0.12 -32.01
N ASP F 54 48.89 -0.43 -32.44
CA ASP F 54 48.05 0.53 -33.13
C ASP F 54 47.27 1.42 -32.17
N VAL F 55 47.27 1.12 -30.88
CA VAL F 55 46.51 1.92 -29.92
C VAL F 55 47.20 3.29 -29.80
N SER F 56 46.51 4.32 -30.23
CA SER F 56 47.02 5.68 -30.18
C SER F 56 46.58 6.36 -28.88
N ASP F 57 46.94 7.65 -28.74
CA ASP F 57 46.62 8.41 -27.54
C ASP F 57 45.12 8.41 -27.25
N PHE F 58 44.30 8.28 -28.28
CA PHE F 58 42.88 8.47 -28.13
C PHE F 58 42.12 7.17 -27.93
N GLY F 59 42.83 6.06 -27.75
CA GLY F 59 42.20 4.78 -27.55
C GLY F 59 41.81 4.12 -28.85
N LYS F 60 41.38 2.87 -28.74
CA LYS F 60 41.01 2.09 -29.90
CA LYS F 60 41.01 2.09 -29.91
C LYS F 60 39.99 1.03 -29.48
N MET F 61 38.99 0.82 -30.32
CA MET F 61 37.98 -0.19 -30.05
C MET F 61 38.48 -1.51 -30.65
N ILE F 62 38.42 -2.56 -29.87
CA ILE F 62 38.80 -3.90 -30.31
C ILE F 62 37.72 -4.85 -29.85
N ILE F 63 37.39 -5.83 -30.68
CA ILE F 63 36.41 -6.86 -30.34
C ILE F 63 37.15 -8.16 -30.07
N LEU F 64 36.80 -8.81 -28.97
CA LEU F 64 37.37 -10.11 -28.58
C LEU F 64 36.41 -11.21 -29.01
N LYS F 65 36.89 -12.12 -29.86
CA LYS F 65 36.05 -13.12 -30.48
C LYS F 65 36.41 -14.52 -29.98
N ASP F 66 35.39 -15.26 -29.55
CA ASP F 66 35.56 -16.68 -29.23
C ASP F 66 34.50 -17.50 -29.95
N ASN F 67 34.13 -18.65 -29.40
CA ASN F 67 33.10 -19.48 -30.01
C ASN F 67 31.77 -19.03 -29.44
N GLY F 68 31.11 -18.10 -30.14
CA GLY F 68 29.87 -17.51 -29.67
C GLY F 68 30.04 -16.42 -28.64
N PHE F 69 31.27 -16.07 -28.28
CA PHE F 69 31.56 -14.94 -27.43
C PHE F 69 32.04 -13.78 -28.31
N ASN F 70 31.59 -12.58 -27.96
CA ASN F 70 31.99 -11.38 -28.67
C ASN F 70 31.91 -10.24 -27.67
N ARG F 71 33.07 -9.65 -27.32
CA ARG F 71 33.08 -8.45 -26.50
C ARG F 71 33.93 -7.39 -27.18
N GLN F 72 33.44 -6.16 -27.15
CA GLN F 72 34.16 -5.02 -27.64
C GLN F 72 34.67 -4.25 -26.44
N VAL F 73 35.98 -4.01 -26.41
CA VAL F 73 36.60 -3.25 -25.35
C VAL F 73 37.25 -2.03 -25.97
N HIS F 74 37.25 -0.93 -25.25
CA HIS F 74 37.96 0.27 -25.64
C HIS F 74 39.32 0.29 -24.95
N VAL F 75 40.38 0.02 -25.71
CA VAL F 75 41.72 -0.13 -25.16
C VAL F 75 42.44 1.21 -25.16
N SER F 76 43.06 1.55 -24.03
CA SER F 76 43.93 2.72 -23.93
C SER F 76 45.31 2.29 -23.43
N MET F 77 46.34 3.08 -23.77
CA MET F 77 47.64 2.81 -23.18
C MET F 77 47.69 3.28 -21.75
N ASP F 78 48.34 2.50 -20.90
CA ASP F 78 48.53 2.90 -19.51
C ASP F 78 49.75 3.80 -19.43
N LYS F 79 49.54 5.09 -19.22
CA LYS F 79 50.63 6.03 -19.10
C LYS F 79 51.06 6.26 -17.66
N ARG F 80 50.41 5.60 -16.70
CA ARG F 80 50.77 5.77 -15.30
C ARG F 80 52.00 4.96 -14.91
N THR F 81 52.19 3.78 -15.50
CA THR F 81 53.18 2.84 -14.98
C THR F 81 54.22 2.53 -16.04
N LYS F 82 55.49 2.54 -15.63
CA LYS F 82 56.62 2.14 -16.46
C LYS F 82 57.22 0.83 -15.95
N ILE F 83 57.70 -0.01 -16.88
CA ILE F 83 58.31 -1.31 -16.57
C ILE F 83 59.51 -1.55 -17.48
N GLN F 84 60.68 -1.84 -16.89
CA GLN F 84 61.76 -2.52 -17.59
C GLN F 84 62.09 -3.83 -16.89
N LEU F 85 62.29 -4.87 -17.69
CA LEU F 85 62.71 -6.18 -17.22
C LEU F 85 64.09 -6.42 -17.83
N ASP F 86 65.14 -6.24 -17.03
CA ASP F 86 66.52 -6.23 -17.52
C ASP F 86 66.65 -5.29 -18.72
N ASN F 87 66.25 -4.05 -18.50
CA ASN F 87 66.29 -2.99 -19.51
C ASN F 87 65.36 -3.26 -20.69
N GLU F 88 64.56 -4.32 -20.65
CA GLU F 88 63.57 -4.56 -21.70
C GLU F 88 62.27 -3.84 -21.35
N ASN F 89 61.78 -3.01 -22.28
CA ASN F 89 60.65 -2.13 -21.98
C ASN F 89 59.31 -2.85 -22.12
N VAL F 90 58.47 -2.70 -21.12
CA VAL F 90 57.19 -3.41 -21.12
C VAL F 90 56.10 -2.37 -20.92
N ARG F 91 55.04 -2.47 -21.71
CA ARG F 91 53.95 -1.48 -21.73
C ARG F 91 52.63 -2.14 -21.33
N LEU F 92 51.80 -1.40 -20.59
CA LEU F 92 50.50 -1.89 -20.16
C LEU F 92 49.37 -1.18 -20.91
N PHE F 93 48.22 -1.87 -21.05
CA PHE F 93 47.02 -1.33 -21.70
C PHE F 93 45.77 -1.68 -20.90
N ASN F 94 44.86 -0.70 -20.77
CA ASN F 94 43.63 -0.86 -20.00
C ASN F 94 42.40 -0.83 -20.89
N GLY F 95 41.38 -1.59 -20.49
CA GLY F 95 40.04 -1.37 -20.98
C GLY F 95 39.29 -0.38 -20.08
N ARG F 96 38.11 0.01 -20.51
CA ARG F 96 37.22 0.69 -19.59
C ARG F 96 36.88 -0.24 -18.43
N ASP F 97 36.33 0.33 -17.36
CA ASP F 97 35.98 -0.49 -16.19
C ASP F 97 34.97 -1.57 -16.56
N LYS F 98 33.99 -1.22 -17.39
CA LYS F 98 33.02 -2.20 -17.86
C LYS F 98 33.67 -3.35 -18.63
N ASP F 99 34.82 -3.11 -19.27
CA ASP F 99 35.39 -4.14 -20.13
C ASP F 99 36.03 -5.29 -19.32
N SER F 100 36.54 -4.99 -18.12
CA SER F 100 37.34 -5.93 -17.33
C SER F 100 38.41 -6.62 -18.18
N THR F 101 39.18 -5.82 -18.91
CA THR F 101 40.16 -6.32 -19.86
C THR F 101 41.45 -5.53 -19.70
N SER F 102 42.59 -6.22 -19.61
CA SER F 102 43.88 -5.53 -19.56
C SER F 102 44.90 -6.31 -20.38
N PHE F 103 45.96 -5.61 -20.82
CA PHE F 103 47.02 -6.23 -21.61
C PHE F 103 48.42 -5.83 -21.13
N ILE F 104 49.39 -6.66 -21.49
CA ILE F 104 50.82 -6.42 -21.25
C ILE F 104 51.54 -6.71 -22.56
N LEU F 105 52.50 -5.85 -22.93
CA LEU F 105 53.22 -6.07 -24.19
C LEU F 105 54.70 -5.77 -24.03
N GLY F 106 55.54 -6.75 -24.36
CA GLY F 106 56.97 -6.56 -24.49
C GLY F 106 57.41 -6.96 -25.89
N ASP F 107 58.70 -6.79 -26.13
CA ASP F 107 59.24 -7.26 -27.41
C ASP F 107 59.13 -8.77 -27.49
N GLU F 108 59.26 -9.47 -26.36
CA GLU F 108 59.33 -10.92 -26.37
C GLU F 108 58.01 -11.60 -26.05
N PHE F 109 57.02 -10.89 -25.52
CA PHE F 109 55.81 -11.56 -25.06
C PHE F 109 54.64 -10.58 -25.01
N ALA F 110 53.42 -11.14 -24.87
CA ALA F 110 52.23 -10.33 -24.70
C ALA F 110 51.16 -11.11 -23.93
N VAL F 111 50.43 -10.40 -23.07
CA VAL F 111 49.37 -10.99 -22.27
C VAL F 111 48.07 -10.26 -22.58
N LEU F 112 47.00 -11.03 -22.71
CA LEU F 112 45.63 -10.56 -22.54
C LEU F 112 44.95 -11.24 -21.37
N ARG F 113 44.31 -10.42 -20.54
CA ARG F 113 43.55 -10.90 -19.40
C ARG F 113 42.20 -10.19 -19.35
N PHE F 114 41.13 -10.98 -19.32
CA PHE F 114 39.80 -10.46 -19.10
C PHE F 114 39.03 -11.43 -18.21
N TYR F 115 37.79 -11.07 -17.88
CA TYR F 115 36.94 -11.88 -17.00
C TYR F 115 35.72 -12.39 -17.76
N ARG F 116 35.39 -13.66 -17.51
CA ARG F 116 34.24 -14.32 -18.10
C ARG F 116 33.48 -15.03 -16.99
N ASN F 117 32.19 -14.70 -16.82
CA ASN F 117 31.39 -15.18 -15.70
C ASN F 117 32.14 -14.98 -14.38
N GLY F 118 32.78 -13.82 -14.26
CA GLY F 118 33.56 -13.54 -13.06
C GLY F 118 34.78 -14.40 -12.82
N GLU F 119 35.28 -15.11 -13.85
CA GLU F 119 36.54 -15.83 -13.73
C GLU F 119 37.61 -15.20 -14.61
N SER F 120 38.84 -15.12 -14.11
CA SER F 120 39.91 -14.41 -14.80
C SER F 120 40.59 -15.32 -15.83
N ILE F 121 40.61 -14.89 -17.08
CA ILE F 121 41.17 -15.65 -18.18
C ILE F 121 42.42 -14.93 -18.68
N SER F 122 43.50 -15.69 -18.86
CA SER F 122 44.76 -15.15 -19.34
C SER F 122 45.14 -15.83 -20.63
N TYR F 123 45.41 -15.03 -21.65
CA TYR F 123 46.03 -15.48 -22.87
C TYR F 123 47.47 -14.97 -22.87
N ILE F 124 48.42 -15.90 -23.04
CA ILE F 124 49.85 -15.63 -22.90
C ILE F 124 50.54 -16.08 -24.19
N ALA F 125 51.16 -15.12 -24.89
CA ALA F 125 51.75 -15.33 -26.21
C ALA F 125 53.18 -14.85 -26.22
N TYR F 126 54.13 -15.74 -26.51
CA TYR F 126 55.55 -15.42 -26.56
C TYR F 126 56.01 -15.42 -28.01
N LYS F 127 56.88 -14.46 -28.35
CA LYS F 127 57.31 -14.31 -29.73
C LYS F 127 58.10 -15.51 -30.20
N GLU F 128 59.09 -15.93 -29.44
CA GLU F 128 60.04 -16.93 -29.90
C GLU F 128 59.48 -18.33 -29.68
N ALA F 129 59.58 -19.17 -30.71
CA ALA F 129 58.94 -20.48 -30.65
C ALA F 129 59.52 -21.34 -29.54
N GLN F 130 60.84 -21.27 -29.34
CA GLN F 130 61.43 -22.02 -28.23
C GLN F 130 60.78 -21.64 -26.91
N MET F 131 60.69 -20.33 -26.64
CA MET F 131 60.18 -19.88 -25.36
C MET F 131 58.71 -20.18 -25.22
N MET F 132 57.94 -20.08 -26.30
CA MET F 132 56.52 -20.36 -26.20
C MET F 132 56.28 -21.81 -25.80
N ASN F 133 56.98 -22.74 -26.46
CA ASN F 133 56.82 -24.14 -26.12
C ASN F 133 57.29 -24.42 -24.68
N GLU F 134 58.44 -23.83 -24.28
CA GLU F 134 58.91 -24.01 -22.91
C GLU F 134 57.87 -23.52 -21.90
N ILE F 135 57.24 -22.37 -22.17
CA ILE F 135 56.19 -21.86 -21.31
C ILE F 135 55.01 -22.82 -21.30
N ALA F 136 54.58 -23.26 -22.48
CA ALA F 136 53.40 -24.12 -22.55
C ALA F 136 53.63 -25.44 -21.84
N GLU F 137 54.84 -26.03 -21.98
CA GLU F 137 55.12 -27.29 -21.29
C GLU F 137 55.00 -27.11 -19.79
N PHE F 138 55.49 -25.98 -19.27
CA PHE F 138 55.44 -25.79 -17.82
C PHE F 138 54.01 -25.67 -17.33
N TYR F 139 53.18 -24.86 -18.01
CA TYR F 139 51.80 -24.71 -17.55
C TYR F 139 50.97 -25.98 -17.80
N ALA F 140 51.41 -26.86 -18.69
CA ALA F 140 50.67 -28.09 -18.99
C ALA F 140 50.96 -29.21 -17.99
N ALA F 141 52.19 -29.29 -17.49
CA ALA F 141 52.61 -30.43 -16.67
C ALA F 141 51.70 -30.76 -15.49
N PRO F 142 51.14 -29.80 -14.74
CA PRO F 142 50.28 -30.20 -13.61
C PRO F 142 49.03 -30.94 -14.02
N PHE F 143 48.83 -31.14 -15.32
CA PHE F 143 47.59 -31.68 -15.84
C PHE F 143 47.70 -33.06 -16.47
N LYS F 144 48.90 -33.63 -16.60
CA LYS F 144 48.96 -34.93 -17.26
C LYS F 144 48.45 -36.05 -16.35
N LYS F 145 48.76 -36.00 -15.04
CA LYS F 145 48.30 -37.05 -14.15
C LYS F 145 46.78 -37.05 -14.02
N THR F 146 46.16 -35.87 -14.03
CA THR F 146 44.72 -35.80 -14.05
C THR F 146 44.17 -36.14 -15.43
N ARG F 147 42.95 -36.66 -15.44
CA ARG F 147 42.08 -36.66 -16.61
C ARG F 147 40.86 -35.86 -16.16
N ALA F 148 40.71 -34.65 -16.68
CA ALA F 148 39.73 -33.73 -16.14
C ALA F 148 38.36 -33.83 -16.82
N ILE F 149 38.36 -34.05 -18.14
CA ILE F 149 37.16 -34.05 -18.99
C ILE F 149 36.70 -32.61 -19.18
N ASN F 150 36.94 -31.76 -18.19
CA ASN F 150 36.66 -30.33 -18.28
C ASN F 150 37.90 -29.52 -18.66
N GLU F 151 38.97 -30.18 -19.08
CA GLU F 151 40.30 -29.56 -19.04
C GLU F 151 40.38 -28.30 -19.90
N LYS F 152 39.95 -28.37 -21.17
CA LYS F 152 40.16 -27.25 -22.08
C LYS F 152 39.53 -25.96 -21.55
N GLU F 153 38.67 -26.05 -20.54
CA GLU F 153 38.15 -24.88 -19.84
C GLU F 153 39.22 -24.19 -19.01
N ALA F 154 40.12 -24.95 -18.39
CA ALA F 154 41.10 -24.41 -17.47
C ALA F 154 42.45 -24.14 -18.12
N PHE F 155 42.96 -25.05 -18.95
CA PHE F 155 44.22 -24.85 -19.64
C PHE F 155 44.09 -25.36 -21.06
N GLU F 156 44.46 -24.53 -22.03
CA GLU F 156 44.38 -24.92 -23.43
C GLU F 156 45.60 -24.39 -24.17
N CYS F 157 46.07 -25.17 -25.14
CA CYS F 157 47.14 -24.75 -26.05
C CYS F 157 46.54 -24.27 -27.37
N ILE F 158 46.90 -23.06 -27.77
CA ILE F 158 46.41 -22.47 -29.00
C ILE F 158 47.44 -22.73 -30.10
N TYR F 159 46.99 -23.17 -31.26
CA TYR F 159 47.87 -23.41 -32.40
C TYR F 159 47.48 -22.52 -33.57
N ASP F 160 48.44 -22.29 -34.47
CA ASP F 160 48.29 -21.29 -35.53
C ASP F 160 47.40 -21.77 -36.66
N SER F 161 46.46 -20.93 -37.06
CA SER F 161 45.65 -21.19 -38.23
C SER F 161 46.51 -21.29 -39.48
N ASP F 169 52.74 -26.31 -33.76
CA ASP F 169 53.20 -24.94 -33.47
C ASP F 169 52.32 -24.16 -32.52
N ILE F 170 52.71 -24.09 -31.25
CA ILE F 170 51.95 -23.37 -30.24
C ILE F 170 52.17 -21.87 -30.39
N VAL F 171 51.09 -21.10 -30.40
CA VAL F 171 51.19 -19.65 -30.48
C VAL F 171 50.77 -18.95 -29.19
N SER F 172 50.03 -19.61 -28.30
CA SER F 172 49.65 -19.01 -27.03
C SER F 172 48.98 -20.07 -26.17
N VAL F 173 48.88 -19.80 -24.87
CA VAL F 173 48.18 -20.70 -23.97
C VAL F 173 47.08 -19.93 -23.27
N LYS F 174 45.98 -20.62 -22.99
CA LYS F 174 44.83 -20.06 -22.28
C LYS F 174 44.77 -20.69 -20.90
N ILE F 175 44.59 -19.83 -19.89
CA ILE F 175 44.64 -20.27 -18.50
C ILE F 175 43.48 -19.60 -17.77
N ASN F 176 42.61 -20.41 -17.17
CA ASN F 176 41.56 -19.96 -16.26
C ASN F 176 41.96 -20.46 -14.89
N ILE F 177 42.51 -19.57 -14.07
CA ILE F 177 43.06 -20.01 -12.80
C ILE F 177 41.98 -20.56 -11.89
N ASP F 178 40.77 -19.98 -11.94
CA ASP F 178 39.71 -20.48 -11.07
C ASP F 178 39.31 -21.90 -11.44
N LYS F 179 39.19 -22.18 -12.74
CA LYS F 179 38.85 -23.53 -13.17
C LYS F 179 40.00 -24.49 -12.95
N ALA F 180 41.24 -24.02 -13.11
CA ALA F 180 42.39 -24.88 -12.81
C ALA F 180 42.52 -25.10 -11.31
N LYS F 181 42.27 -24.07 -10.50
CA LYS F 181 42.11 -24.26 -9.07
C LYS F 181 41.26 -25.49 -8.77
N LYS F 182 40.04 -25.52 -9.29
CA LYS F 182 39.14 -26.62 -8.94
C LYS F 182 39.65 -27.95 -9.45
N ILE F 183 40.22 -28.00 -10.66
CA ILE F 183 40.65 -29.27 -11.24
C ILE F 183 41.86 -29.82 -10.51
N LEU F 184 42.89 -28.99 -10.33
CA LEU F 184 44.13 -29.48 -9.74
C LEU F 184 43.96 -29.82 -8.28
N ASN F 185 42.98 -29.20 -7.62
CA ASN F 185 42.78 -29.27 -6.17
C ASN F 185 44.11 -29.26 -5.43
N LEU F 186 44.72 -28.09 -5.31
CA LEU F 186 46.02 -27.92 -4.69
C LEU F 186 45.85 -27.42 -3.26
N PRO F 187 46.91 -27.41 -2.46
CA PRO F 187 46.79 -26.91 -1.07
C PRO F 187 46.83 -25.39 -1.06
N GLU F 188 45.87 -24.78 -0.37
CA GLU F 188 45.79 -23.32 -0.32
C GLU F 188 47.04 -22.73 0.33
N CYS F 189 47.64 -21.75 -0.33
CA CYS F 189 48.63 -20.85 0.28
C CYS F 189 47.94 -19.57 0.69
N ASP F 190 48.57 -18.84 1.60
CA ASP F 190 47.89 -17.69 2.22
C ASP F 190 48.92 -16.61 2.61
N TYR F 191 48.43 -15.60 3.32
CA TYR F 191 49.23 -14.47 3.78
C TYR F 191 49.28 -14.35 5.29
N ILE F 192 48.95 -15.40 6.04
CA ILE F 192 48.80 -15.24 7.49
C ILE F 192 50.14 -14.86 8.11
N ASN F 193 50.17 -13.74 8.84
CA ASN F 193 51.37 -13.21 9.50
C ASN F 193 52.49 -12.84 8.51
N ASP F 194 52.10 -12.29 7.36
CA ASP F 194 53.08 -11.94 6.34
C ASP F 194 53.63 -10.52 6.47
N TYR F 195 53.51 -9.85 7.62
CA TYR F 195 54.12 -8.54 7.77
C TYR F 195 54.70 -8.38 9.14
N ILE F 196 55.72 -7.52 9.26
CA ILE F 196 56.39 -7.21 10.53
C ILE F 196 56.11 -5.76 10.88
N LYS F 197 55.36 -5.52 11.97
CA LYS F 197 55.17 -4.17 12.48
C LYS F 197 56.33 -3.78 13.41
N THR F 198 56.64 -2.48 13.41
CA THR F 198 57.67 -1.88 14.24
C THR F 198 57.08 -0.66 14.96
N PRO F 199 57.74 -0.17 15.99
CA PRO F 199 57.19 0.97 16.74
C PRO F 199 57.03 2.22 15.89
N GLN F 200 55.92 2.93 16.13
CA GLN F 200 55.61 4.16 15.41
C GLN F 200 56.21 5.41 16.07
N ILE F 205 50.27 15.68 11.41
CA ILE F 205 49.33 15.02 12.33
C ILE F 205 47.97 15.74 12.23
N THR F 206 48.00 17.06 12.00
CA THR F 206 46.79 17.84 11.77
C THR F 206 46.44 17.77 10.29
N GLU F 207 45.18 17.46 9.98
CA GLU F 207 44.73 17.59 8.60
C GLU F 207 44.67 19.06 8.22
N SER F 208 45.37 19.41 7.15
CA SER F 208 45.29 20.76 6.62
C SER F 208 43.88 21.05 6.11
N GLN F 209 43.43 22.28 6.36
CA GLN F 209 42.15 22.71 5.82
C GLN F 209 42.23 22.98 4.32
N THR F 210 43.40 23.34 3.82
CA THR F 210 43.59 23.69 2.42
C THR F 210 43.98 22.46 1.59
N ARG F 211 43.88 22.62 0.27
CA ARG F 211 44.29 21.57 -0.64
C ARG F 211 45.78 21.64 -0.93
N ALA F 212 46.37 20.48 -1.20
CA ALA F 212 47.80 20.33 -1.41
C ALA F 212 48.01 19.22 -2.43
N VAL F 213 47.47 19.41 -3.62
CA VAL F 213 47.53 18.39 -4.69
C VAL F 213 48.73 18.71 -5.56
N PRO F 214 49.73 17.82 -5.63
CA PRO F 214 51.01 18.18 -6.27
C PRO F 214 50.85 18.49 -7.75
N SER F 215 51.78 19.32 -8.25
CA SER F 215 51.77 19.69 -9.67
C SER F 215 51.90 18.46 -10.57
N GLU F 216 52.76 17.53 -10.19
CA GLU F 216 53.02 16.33 -10.98
C GLU F 216 52.95 15.13 -10.08
N PRO F 217 52.58 13.95 -10.60
CA PRO F 217 52.76 12.72 -9.83
C PRO F 217 54.24 12.51 -9.49
N LYS F 218 54.48 12.07 -8.25
CA LYS F 218 55.82 11.70 -7.81
C LYS F 218 56.16 10.33 -8.38
N THR F 219 57.34 10.21 -8.99
CA THR F 219 57.75 8.90 -9.50
C THR F 219 58.33 8.08 -8.35
N VAL F 220 57.78 6.89 -8.12
CA VAL F 220 58.29 5.96 -7.12
C VAL F 220 58.79 4.72 -7.84
N TYR F 221 60.07 4.46 -7.75
CA TYR F 221 60.65 3.26 -8.32
C TYR F 221 60.39 2.04 -7.43
N VAL F 222 59.96 0.94 -8.04
CA VAL F 222 59.82 -0.33 -7.36
C VAL F 222 60.88 -1.24 -7.95
N ILE F 223 61.97 -1.45 -7.21
CA ILE F 223 63.09 -2.24 -7.70
C ILE F 223 62.83 -3.70 -7.36
N CYS F 224 62.64 -4.52 -8.36
CA CYS F 224 62.28 -5.92 -8.17
C CYS F 224 63.51 -6.75 -8.47
N LEU F 225 63.92 -7.57 -7.51
CA LEU F 225 65.16 -8.32 -7.59
C LEU F 225 64.85 -9.80 -7.66
N ARG F 226 65.28 -10.41 -8.74
CA ARG F 226 64.96 -11.81 -9.02
C ARG F 226 65.90 -12.67 -8.18
N GLU F 227 65.34 -13.54 -7.34
CA GLU F 227 66.15 -14.29 -6.38
C GLU F 227 67.17 -15.17 -7.10
N ASN F 228 68.37 -15.26 -6.53
CA ASN F 228 69.47 -16.01 -7.16
C ASN F 228 69.08 -17.45 -7.44
N GLY F 229 69.19 -17.86 -8.69
CA GLY F 229 68.82 -19.19 -9.10
C GLY F 229 67.40 -19.35 -9.61
N SER F 230 66.55 -18.35 -9.42
CA SER F 230 65.14 -18.47 -9.80
C SER F 230 64.97 -18.45 -11.32
N THR F 231 63.85 -18.97 -11.80
CA THR F 231 63.46 -18.70 -13.18
C THR F 231 62.03 -18.13 -13.16
N ILE F 232 61.92 -16.84 -13.51
CA ILE F 232 60.68 -16.07 -13.46
C ILE F 232 60.32 -15.69 -14.89
N TYR F 233 59.19 -16.17 -15.37
CA TYR F 233 58.78 -15.80 -16.72
C TYR F 233 58.39 -14.32 -16.77
N PRO F 234 58.71 -13.62 -17.86
CA PRO F 234 58.28 -12.21 -17.98
C PRO F 234 56.79 -11.96 -17.75
N ASN F 235 55.91 -12.85 -18.24
CA ASN F 235 54.47 -12.63 -18.07
C ASN F 235 54.04 -12.77 -16.61
N GLU F 236 54.76 -13.58 -15.83
CA GLU F 236 54.43 -13.79 -14.42
C GLU F 236 54.72 -12.54 -13.60
N VAL F 237 55.94 -11.99 -13.72
CA VAL F 237 56.28 -10.83 -12.92
C VAL F 237 55.55 -9.58 -13.42
N SER F 238 55.32 -9.46 -14.73
CA SER F 238 54.64 -8.27 -15.25
CA SER F 238 54.64 -8.28 -15.25
C SER F 238 53.22 -8.18 -14.70
N ALA F 239 52.47 -9.30 -14.72
CA ALA F 239 51.11 -9.31 -14.18
C ALA F 239 51.09 -8.86 -12.73
N GLN F 240 52.03 -9.35 -11.91
CA GLN F 240 52.08 -8.90 -10.53
C GLN F 240 52.35 -7.40 -10.42
N MET F 241 53.22 -6.84 -11.29
CA MET F 241 53.47 -5.42 -11.22
C MET F 241 52.23 -4.62 -11.64
N GLN F 242 51.59 -5.02 -12.75
CA GLN F 242 50.37 -4.35 -13.22
C GLN F 242 49.30 -4.33 -12.13
N ASP F 243 49.08 -5.47 -11.47
CA ASP F 243 48.02 -5.57 -10.47
C ASP F 243 48.39 -4.77 -9.22
N ALA F 244 49.66 -4.75 -8.85
CA ALA F 244 50.07 -3.98 -7.68
C ALA F 244 49.87 -2.48 -7.91
N ALA F 245 50.40 -1.95 -9.02
CA ALA F 245 50.25 -0.52 -9.29
C ALA F 245 48.79 -0.12 -9.40
N ASN F 246 48.01 -0.87 -10.18
CA ASN F 246 46.63 -0.50 -10.39
C ASN F 246 45.84 -0.55 -9.07
N SER F 247 46.20 -1.47 -8.18
CA SER F 247 45.51 -1.54 -6.89
C SER F 247 45.70 -0.26 -6.08
N VAL F 248 46.80 0.45 -6.32
CA VAL F 248 47.06 1.71 -5.63
C VAL F 248 46.35 2.89 -6.32
N TYR F 249 46.40 2.95 -7.66
CA TYR F 249 45.77 4.10 -8.35
C TYR F 249 44.25 4.11 -8.15
N ALA F 250 43.64 2.96 -7.90
CA ALA F 250 42.18 2.91 -7.73
C ALA F 250 41.74 3.58 -6.43
N VAL F 251 42.67 3.89 -5.53
CA VAL F 251 42.36 4.48 -4.25
C VAL F 251 42.51 6.01 -4.34
N HIS F 252 41.44 6.72 -3.97
CA HIS F 252 41.46 8.18 -3.75
C HIS F 252 42.16 8.92 -4.88
N GLY F 253 41.90 8.50 -6.12
CA GLY F 253 42.54 9.12 -7.28
C GLY F 253 44.05 9.24 -7.17
N LEU F 254 44.73 8.23 -6.64
CA LEU F 254 46.14 8.38 -6.30
C LEU F 254 47.05 8.50 -7.52
N LYS F 255 46.53 8.33 -8.75
CA LYS F 255 47.39 8.58 -9.90
C LYS F 255 47.86 10.04 -9.95
N ARG F 256 47.17 10.97 -9.27
CA ARG F 256 47.66 12.35 -9.14
C ARG F 256 48.92 12.42 -8.29
N TYR F 257 49.15 11.44 -7.43
CA TYR F 257 50.25 11.54 -6.48
C TYR F 257 51.42 10.63 -6.82
N VAL F 258 51.19 9.52 -7.52
CA VAL F 258 52.23 8.53 -7.78
CA VAL F 258 52.25 8.56 -7.81
C VAL F 258 52.08 7.97 -9.19
N ASN F 259 53.22 7.80 -9.87
CA ASN F 259 53.38 6.94 -11.02
C ASN F 259 54.47 5.95 -10.64
N PHE F 260 54.15 4.65 -10.66
CA PHE F 260 55.14 3.64 -10.29
C PHE F 260 56.00 3.27 -11.48
N HIS F 261 57.30 3.08 -11.24
CA HIS F 261 58.28 2.68 -12.27
C HIS F 261 58.98 1.41 -11.80
N PHE F 262 58.61 0.26 -12.35
CA PHE F 262 59.20 -1.01 -11.95
C PHE F 262 60.45 -1.29 -12.78
N VAL F 263 61.53 -1.73 -12.11
CA VAL F 263 62.66 -2.31 -12.79
C VAL F 263 62.97 -3.69 -12.22
N LEU F 264 63.40 -4.60 -13.08
CA LEU F 264 63.75 -5.96 -12.70
C LEU F 264 65.20 -6.26 -13.07
N TYR F 265 65.98 -6.74 -12.09
CA TYR F 265 67.28 -7.37 -12.33
C TYR F 265 67.38 -8.62 -11.46
N THR F 266 68.51 -9.33 -11.62
CA THR F 266 68.85 -10.46 -10.78
C THR F 266 69.70 -10.00 -9.61
N THR F 267 69.45 -10.60 -8.44
CA THR F 267 70.27 -10.40 -7.24
C THR F 267 70.96 -11.69 -6.84
N GLU F 268 72.16 -11.53 -6.30
CA GLU F 268 72.91 -12.65 -5.76
C GLU F 268 72.32 -13.20 -4.47
N TYR F 269 71.55 -12.37 -3.76
CA TYR F 269 70.95 -12.81 -2.51
C TYR F 269 69.99 -13.96 -2.76
N SER F 270 69.97 -14.90 -1.81
CA SER F 270 68.94 -15.93 -1.74
C SER F 270 68.58 -16.13 -0.27
N CYS F 271 67.37 -16.56 -0.03
CA CYS F 271 66.93 -16.71 1.35
C CYS F 271 67.73 -17.82 2.02
N PRO F 272 68.38 -17.56 3.15
CA PRO F 272 69.17 -18.61 3.82
C PRO F 272 68.36 -19.83 4.27
N SER F 273 67.03 -19.74 4.35
CA SER F 273 66.25 -20.91 4.75
C SER F 273 64.85 -20.79 4.17
N GLY F 274 63.91 -21.53 4.73
CA GLY F 274 62.52 -21.38 4.38
C GLY F 274 61.77 -20.35 5.20
N ASP F 275 62.40 -19.77 6.22
CA ASP F 275 61.70 -18.82 7.07
C ASP F 275 61.50 -17.48 6.36
N ALA F 276 60.25 -16.99 6.35
CA ALA F 276 59.98 -15.71 5.69
C ALA F 276 60.67 -14.53 6.38
N LYS F 277 60.50 -14.41 7.72
CA LYS F 277 61.17 -13.35 8.48
C LYS F 277 62.66 -13.31 8.27
N GLU F 278 63.31 -14.46 8.36
CA GLU F 278 64.75 -14.50 8.23
C GLU F 278 65.17 -14.12 6.80
N GLY F 279 64.39 -14.54 5.80
CA GLY F 279 64.67 -14.15 4.43
C GLY F 279 64.43 -12.68 4.17
N LEU F 280 63.42 -12.08 4.82
CA LEU F 280 63.19 -10.66 4.64
C LEU F 280 64.29 -9.84 5.31
N GLU F 281 64.65 -10.20 6.55
CA GLU F 281 65.74 -9.50 7.21
C GLU F 281 67.04 -9.66 6.44
N GLY F 282 67.28 -10.84 5.88
CA GLY F 282 68.46 -11.04 5.07
C GLY F 282 68.40 -10.23 3.79
N PHE F 283 67.23 -10.17 3.17
CA PHE F 283 67.06 -9.39 1.95
C PHE F 283 67.31 -7.90 2.20
N THR F 284 66.65 -7.35 3.21
CA THR F 284 66.85 -5.93 3.51
C THR F 284 68.30 -5.60 3.81
N ALA F 285 68.95 -6.43 4.62
CA ALA F 285 70.36 -6.18 4.93
C ALA F 285 71.21 -6.27 3.67
N SER F 286 70.86 -7.18 2.75
CA SER F 286 71.60 -7.28 1.50
C SER F 286 71.45 -6.02 0.64
N LEU F 287 70.34 -5.27 0.79
CA LEU F 287 70.25 -3.99 0.09
C LEU F 287 71.19 -2.96 0.68
N LYS F 288 71.42 -3.04 2.00
CA LYS F 288 72.28 -2.06 2.65
C LYS F 288 73.75 -2.22 2.24
N SER F 289 74.20 -3.46 2.11
CA SER F 289 75.59 -3.74 1.80
C SER F 289 75.90 -3.68 0.31
N ASN F 290 74.92 -3.32 -0.52
CA ASN F 290 75.17 -3.16 -1.95
C ASN F 290 75.50 -1.70 -2.26
N PRO F 291 76.71 -1.40 -2.76
CA PRO F 291 77.01 -0.01 -3.11
C PRO F 291 76.34 0.45 -4.40
N LYS F 292 75.89 -0.47 -5.26
CA LYS F 292 75.13 -0.08 -6.46
C LYS F 292 73.75 0.47 -6.11
N ALA F 293 73.24 0.18 -4.92
CA ALA F 293 71.95 0.69 -4.49
C ALA F 293 72.06 1.93 -3.61
N GLU F 294 73.28 2.32 -3.21
CA GLU F 294 73.45 3.48 -2.34
C GLU F 294 72.80 4.72 -2.96
N GLY F 295 72.15 5.53 -2.12
CA GLY F 295 71.46 6.70 -2.62
C GLY F 295 70.15 6.42 -3.30
N TYR F 296 69.70 5.17 -3.25
CA TYR F 296 68.37 4.76 -3.69
C TYR F 296 67.61 4.12 -2.53
N ASP F 297 67.94 4.52 -1.32
CA ASP F 297 67.38 3.94 -0.12
C ASP F 297 65.98 4.44 0.20
N ASP F 298 65.39 5.27 -0.67
CA ASP F 298 64.04 5.81 -0.45
C ASP F 298 63.02 5.27 -1.45
N GLN F 299 63.37 4.23 -2.19
CA GLN F 299 62.44 3.60 -3.09
C GLN F 299 61.82 2.36 -2.42
N ILE F 300 61.13 1.55 -3.20
CA ILE F 300 60.48 0.33 -2.73
C ILE F 300 61.19 -0.85 -3.37
N TYR F 301 61.36 -1.94 -2.63
CA TYR F 301 62.13 -3.08 -3.08
C TYR F 301 61.39 -4.39 -2.85
N PHE F 302 61.33 -5.24 -3.87
CA PHE F 302 60.74 -6.57 -3.73
C PHE F 302 61.74 -7.64 -4.17
N LEU F 303 62.02 -8.59 -3.27
CA LEU F 303 62.64 -9.84 -3.67
C LEU F 303 61.56 -10.71 -4.28
N ILE F 304 61.74 -11.16 -5.52
CA ILE F 304 60.73 -11.99 -6.17
C ILE F 304 61.25 -13.41 -6.39
N ARG F 305 60.37 -14.38 -6.22
CA ARG F 305 60.67 -15.78 -6.49
C ARG F 305 59.42 -16.41 -7.05
N TRP F 306 59.58 -17.62 -7.59
CA TRP F 306 58.41 -18.37 -8.02
C TRP F 306 57.75 -19.07 -6.85
N GLY F 307 58.56 -19.71 -6.00
CA GLY F 307 58.03 -20.53 -4.93
C GLY F 307 57.39 -19.72 -3.82
N THR F 308 56.97 -20.44 -2.80
CA THR F 308 56.48 -19.88 -1.56
C THR F 308 57.49 -20.14 -0.45
N TRP F 309 57.19 -19.58 0.72
CA TRP F 309 58.01 -19.81 1.90
C TRP F 309 57.33 -20.81 2.83
N ASP F 310 58.00 -21.13 3.94
CA ASP F 310 57.50 -22.14 4.86
C ASP F 310 56.11 -21.73 5.37
N ASN F 311 55.27 -22.73 5.57
CA ASN F 311 53.86 -22.59 5.89
C ASN F 311 53.04 -22.05 4.72
N LYS F 312 53.52 -22.22 3.50
CA LYS F 312 52.86 -21.71 2.29
C LYS F 312 52.53 -20.20 2.42
N ILE F 313 53.49 -19.43 2.92
CA ILE F 313 53.38 -17.97 2.96
C ILE F 313 53.77 -17.42 1.59
N LEU F 314 52.91 -16.56 1.03
CA LEU F 314 53.08 -16.03 -0.32
C LEU F 314 54.04 -14.85 -0.41
N GLY F 315 54.43 -14.26 0.70
CA GLY F 315 55.25 -13.06 0.68
C GLY F 315 55.42 -12.53 2.08
N MET F 316 56.27 -11.51 2.21
CA MET F 316 56.45 -10.86 3.50
C MET F 316 56.96 -9.45 3.29
N SER F 317 56.57 -8.55 4.19
CA SER F 317 56.98 -7.16 4.03
C SER F 317 57.03 -6.46 5.37
N TRP F 318 57.82 -5.39 5.43
CA TRP F 318 57.83 -4.47 6.55
C TRP F 318 56.56 -3.61 6.51
N PHE F 319 55.79 -3.61 7.58
CA PHE F 319 54.48 -2.98 7.57
C PHE F 319 54.61 -1.47 7.74
N ASN F 320 53.80 -0.73 6.99
CA ASN F 320 53.73 0.74 7.13
C ASN F 320 55.12 1.33 7.01
N SER F 321 55.81 0.99 5.93
CA SER F 321 57.24 1.29 5.84
C SER F 321 57.62 2.24 4.70
N TYR F 322 56.66 2.69 3.92
CA TYR F 322 56.94 3.67 2.88
C TYR F 322 56.09 4.89 3.16
N ASN F 323 56.74 6.06 3.19
CA ASN F 323 56.02 7.33 3.20
C ASN F 323 56.75 8.30 2.28
N VAL F 324 56.00 9.07 1.46
CA VAL F 324 56.67 9.87 0.43
C VAL F 324 57.56 10.92 1.03
N ASN F 325 57.30 11.35 2.26
CA ASN F 325 58.14 12.34 2.89
C ASN F 325 59.32 11.75 3.64
N THR F 326 59.22 10.51 4.14
CA THR F 326 60.22 10.00 5.06
C THR F 326 60.96 8.74 4.62
N ALA F 327 60.57 8.14 3.49
CA ALA F 327 61.19 6.90 3.03
C ALA F 327 62.71 6.99 3.09
N SER F 328 63.34 5.94 3.62
CA SER F 328 64.78 5.98 3.86
C SER F 328 65.25 4.60 4.28
N ASP F 329 66.55 4.37 4.06
CA ASP F 329 67.29 3.22 4.60
C ASP F 329 66.71 1.89 4.12
N PHE F 330 66.18 1.85 2.89
CA PHE F 330 65.63 0.62 2.31
C PHE F 330 64.58 -0.01 3.23
N GLU F 331 63.94 0.81 4.06
CA GLU F 331 62.94 0.24 4.97
C GLU F 331 61.75 -0.31 4.21
N ALA F 332 61.47 0.23 3.02
CA ALA F 332 60.25 -0.17 2.30
C ALA F 332 60.60 -1.33 1.39
N SER F 333 60.76 -2.51 2.01
CA SER F 333 61.14 -3.71 1.28
C SER F 333 60.23 -4.89 1.63
N GLY F 334 60.15 -5.82 0.69
CA GLY F 334 59.30 -6.97 0.88
C GLY F 334 59.70 -8.08 -0.07
N MET F 335 59.02 -9.20 0.10
CA MET F 335 59.30 -10.37 -0.69
C MET F 335 57.98 -10.83 -1.27
N SER F 336 58.00 -11.33 -2.50
CA SER F 336 56.74 -11.65 -3.15
C SER F 336 56.84 -12.88 -4.04
N THR F 337 55.83 -13.73 -3.97
CA THR F 337 55.67 -14.80 -4.94
C THR F 337 55.19 -14.20 -6.26
N THR F 338 55.56 -14.83 -7.37
CA THR F 338 55.12 -14.33 -8.66
C THR F 338 54.47 -15.40 -9.52
N GLN F 339 54.01 -16.50 -8.93
CA GLN F 339 53.39 -17.50 -9.79
C GLN F 339 51.96 -17.08 -10.16
N LEU F 340 51.53 -17.56 -11.32
CA LEU F 340 50.33 -17.09 -11.97
C LEU F 340 49.05 -17.63 -11.34
N MET F 341 49.12 -18.73 -10.58
CA MET F 341 47.99 -19.18 -9.78
C MET F 341 47.64 -18.20 -8.67
N TYR F 342 48.55 -17.31 -8.29
CA TYR F 342 48.34 -16.37 -7.19
C TYR F 342 48.48 -14.92 -7.66
N PRO F 343 47.55 -14.44 -8.46
CA PRO F 343 47.55 -13.01 -8.77
C PRO F 343 47.31 -12.19 -7.53
N GLY F 344 47.93 -11.01 -7.49
CA GLY F 344 47.65 -10.01 -6.48
C GLY F 344 48.56 -10.04 -5.26
N VAL F 345 49.52 -10.96 -5.21
CA VAL F 345 50.40 -11.06 -4.04
C VAL F 345 51.26 -9.81 -3.90
N MET F 346 51.91 -9.37 -4.98
CA MET F 346 52.68 -8.14 -4.90
C MET F 346 51.79 -6.96 -4.51
N ALA F 347 50.59 -6.88 -5.09
CA ALA F 347 49.65 -5.85 -4.66
C ALA F 347 49.38 -5.93 -3.14
N HIS F 348 49.18 -7.15 -2.63
CA HIS F 348 48.94 -7.35 -1.22
C HIS F 348 50.12 -6.86 -0.37
N GLU F 349 51.34 -7.31 -0.70
CA GLU F 349 52.49 -6.90 0.10
C GLU F 349 52.74 -5.39 0.01
N LEU F 350 52.56 -4.82 -1.18
CA LEU F 350 52.72 -3.37 -1.33
C LEU F 350 51.68 -2.65 -0.49
N GLY F 351 50.47 -3.21 -0.39
CA GLY F 351 49.50 -2.70 0.56
C GLY F 351 50.07 -2.60 1.95
N HIS F 352 50.64 -3.70 2.46
CA HIS F 352 51.26 -3.67 3.79
C HIS F 352 52.36 -2.63 3.87
N ILE F 353 53.21 -2.55 2.84
CA ILE F 353 54.26 -1.54 2.83
C ILE F 353 53.65 -0.16 3.01
N LEU F 354 52.52 0.11 2.36
CA LEU F 354 51.82 1.38 2.49
C LEU F 354 50.86 1.43 3.68
N GLY F 355 50.81 0.39 4.51
CA GLY F 355 50.08 0.49 5.76
C GLY F 355 48.75 -0.24 5.82
N ALA F 356 48.36 -0.95 4.75
CA ALA F 356 47.08 -1.66 4.77
C ALA F 356 47.15 -2.87 5.70
N GLU F 357 46.11 -3.03 6.52
CA GLU F 357 45.96 -4.17 7.41
C GLU F 357 45.06 -5.22 6.77
N HIS F 358 45.21 -6.46 7.24
CA HIS F 358 44.29 -7.52 6.88
C HIS F 358 42.87 -7.16 7.29
N THR F 359 41.90 -7.68 6.55
CA THR F 359 40.49 -7.39 6.79
C THR F 359 39.69 -8.69 6.75
N ASP F 360 38.43 -8.58 7.20
CA ASP F 360 37.56 -9.74 7.40
C ASP F 360 36.63 -9.98 6.21
N ASN F 361 36.91 -9.40 5.05
CA ASN F 361 36.07 -9.60 3.87
C ASN F 361 36.79 -10.48 2.84
N SER F 362 36.16 -11.60 2.48
CA SER F 362 36.85 -12.55 1.61
C SER F 362 36.87 -12.10 0.15
N LYS F 363 36.31 -10.94 -0.17
CA LYS F 363 36.41 -10.36 -1.50
C LYS F 363 37.44 -9.23 -1.56
N ASP F 364 38.07 -8.92 -0.44
CA ASP F 364 39.06 -7.86 -0.37
C ASP F 364 40.47 -8.34 -0.71
N LEU F 365 41.24 -7.48 -1.39
CA LEU F 365 42.64 -7.79 -1.64
C LEU F 365 43.39 -8.13 -0.34
N MET F 366 42.99 -7.52 0.78
CA MET F 366 43.74 -7.59 2.03
C MET F 366 43.23 -8.69 2.97
N TYR F 367 42.44 -9.63 2.46
CA TYR F 367 42.06 -10.81 3.23
C TYR F 367 43.29 -11.66 3.54
N ALA F 368 43.33 -12.27 4.73
CA ALA F 368 44.56 -12.96 5.13
C ALA F 368 44.81 -14.26 4.37
N THR F 369 43.79 -14.89 3.81
CA THR F 369 43.99 -16.07 2.98
C THR F 369 43.74 -15.68 1.53
N PHE F 370 44.25 -16.50 0.62
CA PHE F 370 44.31 -16.06 -0.77
C PHE F 370 42.93 -16.12 -1.44
N THR F 371 42.55 -15.02 -2.08
CA THR F 371 41.21 -14.85 -2.65
C THR F 371 41.20 -14.67 -4.16
N GLY F 372 42.30 -14.27 -4.75
CA GLY F 372 42.30 -13.90 -6.15
C GLY F 372 41.76 -12.51 -6.45
N TYR F 373 41.34 -11.75 -5.43
CA TYR F 373 40.77 -10.43 -5.68
C TYR F 373 41.86 -9.37 -5.59
N LEU F 374 41.64 -8.26 -6.28
CA LEU F 374 42.73 -7.36 -6.62
C LEU F 374 42.48 -5.91 -6.22
N SER F 375 41.38 -5.61 -5.54
CA SER F 375 41.06 -4.23 -5.21
C SER F 375 40.91 -4.05 -3.70
N HIS F 376 41.28 -2.87 -3.22
CA HIS F 376 41.07 -2.52 -1.81
C HIS F 376 39.59 -2.15 -1.59
N LEU F 377 38.92 -2.81 -0.65
CA LEU F 377 37.55 -2.49 -0.30
C LEU F 377 37.43 -1.75 1.02
N SER F 378 38.51 -1.69 1.82
CA SER F 378 38.43 -1.17 3.19
C SER F 378 38.77 0.31 3.23
N GLU F 379 37.87 1.12 3.77
CA GLU F 379 38.14 2.55 3.83
C GLU F 379 39.34 2.86 4.71
N LYS F 380 39.52 2.10 5.79
CA LYS F 380 40.69 2.29 6.64
C LYS F 380 41.98 2.13 5.80
N ASN F 381 42.01 1.14 4.92
CA ASN F 381 43.20 0.94 4.10
C ASN F 381 43.33 2.01 3.03
N MET F 382 42.23 2.36 2.37
CA MET F 382 42.27 3.44 1.39
C MET F 382 42.90 4.70 1.98
N ASP F 383 42.42 5.14 3.13
CA ASP F 383 42.93 6.39 3.70
C ASP F 383 44.41 6.28 4.07
N ILE F 384 44.78 5.18 4.74
CA ILE F 384 46.15 5.02 5.21
C ILE F 384 47.11 4.95 4.02
N ILE F 385 46.75 4.16 2.99
CA ILE F 385 47.54 4.10 1.78
C ILE F 385 47.71 5.50 1.20
N ALA F 386 46.58 6.23 1.03
CA ALA F 386 46.67 7.50 0.33
C ALA F 386 47.38 8.55 1.16
N LYS F 387 47.27 8.48 2.49
CA LYS F 387 47.98 9.43 3.32
C LYS F 387 49.48 9.22 3.21
N ASN F 388 49.93 7.96 3.09
CA ASN F 388 51.36 7.71 2.96
C ASN F 388 51.89 8.18 1.61
N LEU F 389 51.01 8.40 0.63
CA LEU F 389 51.43 8.90 -0.67
C LEU F 389 51.15 10.38 -0.85
N GLY F 390 50.81 11.10 0.23
CA GLY F 390 50.70 12.55 0.19
C GLY F 390 49.29 13.11 0.01
N TRP F 391 48.27 12.26 -0.03
CA TRP F 391 46.89 12.71 -0.22
C TRP F 391 46.26 13.09 1.11
N GLU F 392 45.28 13.98 1.04
CA GLU F 392 44.46 14.34 2.19
C GLU F 392 43.01 14.46 1.74
N ALA F 393 42.11 14.40 2.74
CA ALA F 393 40.68 14.41 2.44
C ALA F 393 40.25 15.71 1.77
N ALA F 394 40.89 16.82 2.12
CA ALA F 394 40.63 18.09 1.44
C ALA F 394 40.90 18.01 -0.06
N ASP F 395 41.84 17.16 -0.48
CA ASP F 395 42.18 17.06 -1.89
C ASP F 395 41.10 16.36 -2.70
N GLY F 396 40.12 15.75 -2.03
CA GLY F 396 39.06 15.01 -2.69
C GLY F 396 39.64 13.80 -3.41
N ASP F 397 38.82 13.24 -4.30
CA ASP F 397 39.23 12.06 -5.06
C ASP F 397 39.55 12.36 -6.52
#